data_2I3Y
# 
_entry.id   2I3Y 
# 
_audit_conform.dict_name       mmcif_pdbx.dic 
_audit_conform.dict_version    5.377 
_audit_conform.dict_location   http://mmcif.pdb.org/dictionaries/ascii/mmcif_pdbx.dic 
# 
loop_
_database_2.database_id 
_database_2.database_code 
_database_2.pdbx_database_accession 
_database_2.pdbx_DOI 
PDB   2I3Y         pdb_00002i3y 10.2210/pdb2i3y/pdb 
RCSB  RCSB039106   ?            ?                   
WWPDB D_1000039106 ?            ?                   
# 
_pdbx_database_status.status_code                     REL 
_pdbx_database_status.entry_id                        2I3Y 
_pdbx_database_status.recvd_initial_deposition_date   2006-08-21 
_pdbx_database_status.deposit_site                    RCSB 
_pdbx_database_status.process_site                    RCSB 
_pdbx_database_status.status_code_sf                  REL 
_pdbx_database_status.status_code_mr                  ? 
_pdbx_database_status.SG_entry                        Y 
_pdbx_database_status.pdb_format_compatible           Y 
_pdbx_database_status.status_code_cs                  ? 
_pdbx_database_status.methods_development_category    ? 
_pdbx_database_status.status_code_nmr_data            ? 
# 
loop_
_audit_author.name 
_audit_author.pdbx_ordinal 
'Kavanagh, K.L.'                       1  
'Johansson, C.'                        2  
'Rojkova, A.'                          3  
'Umeano, C.'                           4  
'Bunkoczi, G.'                         5  
'Gileadi, O.'                          6  
'von Delft, F.'                        7  
'Weigelt, J.'                          8  
'Arrowsmith, C.'                       9  
'Sundstrom, M.'                        10 
'Edwards, A.'                          11 
'Oppermann, U.'                        12 
'Structural Genomics Consortium (SGC)' 13 
# 
_citation.id                        primary 
_citation.title                     'Crystal structure of human glutathione peroxidase 5' 
_citation.journal_abbrev            'To be published' 
_citation.journal_volume            ? 
_citation.page_first                ? 
_citation.page_last                 ? 
_citation.year                      ? 
_citation.journal_id_ASTM           ? 
_citation.country                   ? 
_citation.journal_id_ISSN           ? 
_citation.journal_id_CSD            0353 
_citation.book_publisher            ? 
_citation.pdbx_database_id_PubMed   ? 
_citation.pdbx_database_id_DOI      ? 
# 
loop_
_citation_author.citation_id 
_citation_author.name 
_citation_author.ordinal 
_citation_author.identifier_ORCID 
primary 'Kavanagh, K.L.' 1 ? 
primary 'Oppermann, U.'  2 ? 
# 
_cell.entry_id           2I3Y 
_cell.length_a           104.544 
_cell.length_b           104.544 
_cell.length_c           71.663 
_cell.angle_alpha        90.00 
_cell.angle_beta         90.00 
_cell.angle_gamma        120.00 
_cell.Z_PDB              12 
_cell.pdbx_unique_axis   ? 
_cell.length_a_esd       ? 
_cell.length_b_esd       ? 
_cell.length_c_esd       ? 
_cell.angle_alpha_esd    ? 
_cell.angle_beta_esd     ? 
_cell.angle_gamma_esd    ? 
# 
_symmetry.entry_id                         2I3Y 
_symmetry.space_group_name_H-M             'P 62 2 2' 
_symmetry.pdbx_full_space_group_name_H-M   ? 
_symmetry.cell_setting                     ? 
_symmetry.Int_Tables_number                180 
_symmetry.space_group_name_Hall            ? 
# 
loop_
_entity.id 
_entity.type 
_entity.src_method 
_entity.pdbx_description 
_entity.formula_weight 
_entity.pdbx_number_of_molecules 
_entity.pdbx_ec 
_entity.pdbx_mutation 
_entity.pdbx_fragment 
_entity.details 
1 polymer     man 'Epididymal secretory glutathione peroxidase' 24586.078 1  1.11.1.9 ? ? ? 
2 non-polymer syn 1,2-ETHANEDIOL                                62.068    1  ?        ? ? ? 
3 water       nat water                                         18.015    99 ?        ? ? ? 
# 
_entity_name_com.entity_id   1 
_entity_name_com.name        'Epididymis-specific glutathione peroxidase-like protein, EGLP, GLUTATHIONE PEROXIDASE 5' 
# 
_entity_poly.entity_id                      1 
_entity_poly.type                           'polypeptide(L)' 
_entity_poly.nstd_linkage                   no 
_entity_poly.nstd_monomer                   no 
_entity_poly.pdbx_seq_one_letter_code       
;MHHHHHHSSGVDLGTENLYFQSMKMDCHKDEKGTIYDYEAIALNKNEYVSFKQYVGKHILFVNVATYCGLTAQYPELNAL
QEELKPYGLVVLGFPCNQFGKQEPGDNKEILPGLKYVRPGGGFVPSFQLFEKGDVNGEKEQKVFSFLKHSCPHPSEILGT
FKSISWDPVKVHDIRWNFEKFLVGPDGIPVMRWSHRATVSSVKTDILAYLKQFKT
;
_entity_poly.pdbx_seq_one_letter_code_can   
;MHHHHHHSSGVDLGTENLYFQSMKMDCHKDEKGTIYDYEAIALNKNEYVSFKQYVGKHILFVNVATYCGLTAQYPELNAL
QEELKPYGLVVLGFPCNQFGKQEPGDNKEILPGLKYVRPGGGFVPSFQLFEKGDVNGEKEQKVFSFLKHSCPHPSEILGT
FKSISWDPVKVHDIRWNFEKFLVGPDGIPVMRWSHRATVSSVKTDILAYLKQFKT
;
_entity_poly.pdbx_strand_id                 A 
_entity_poly.pdbx_target_identifier         ? 
# 
loop_
_entity_poly_seq.entity_id 
_entity_poly_seq.num 
_entity_poly_seq.mon_id 
_entity_poly_seq.hetero 
1 1   MET n 
1 2   HIS n 
1 3   HIS n 
1 4   HIS n 
1 5   HIS n 
1 6   HIS n 
1 7   HIS n 
1 8   SER n 
1 9   SER n 
1 10  GLY n 
1 11  VAL n 
1 12  ASP n 
1 13  LEU n 
1 14  GLY n 
1 15  THR n 
1 16  GLU n 
1 17  ASN n 
1 18  LEU n 
1 19  TYR n 
1 20  PHE n 
1 21  GLN n 
1 22  SER n 
1 23  MET n 
1 24  LYS n 
1 25  MET n 
1 26  ASP n 
1 27  CYS n 
1 28  HIS n 
1 29  LYS n 
1 30  ASP n 
1 31  GLU n 
1 32  LYS n 
1 33  GLY n 
1 34  THR n 
1 35  ILE n 
1 36  TYR n 
1 37  ASP n 
1 38  TYR n 
1 39  GLU n 
1 40  ALA n 
1 41  ILE n 
1 42  ALA n 
1 43  LEU n 
1 44  ASN n 
1 45  LYS n 
1 46  ASN n 
1 47  GLU n 
1 48  TYR n 
1 49  VAL n 
1 50  SER n 
1 51  PHE n 
1 52  LYS n 
1 53  GLN n 
1 54  TYR n 
1 55  VAL n 
1 56  GLY n 
1 57  LYS n 
1 58  HIS n 
1 59  ILE n 
1 60  LEU n 
1 61  PHE n 
1 62  VAL n 
1 63  ASN n 
1 64  VAL n 
1 65  ALA n 
1 66  THR n 
1 67  TYR n 
1 68  CYS n 
1 69  GLY n 
1 70  LEU n 
1 71  THR n 
1 72  ALA n 
1 73  GLN n 
1 74  TYR n 
1 75  PRO n 
1 76  GLU n 
1 77  LEU n 
1 78  ASN n 
1 79  ALA n 
1 80  LEU n 
1 81  GLN n 
1 82  GLU n 
1 83  GLU n 
1 84  LEU n 
1 85  LYS n 
1 86  PRO n 
1 87  TYR n 
1 88  GLY n 
1 89  LEU n 
1 90  VAL n 
1 91  VAL n 
1 92  LEU n 
1 93  GLY n 
1 94  PHE n 
1 95  PRO n 
1 96  CYS n 
1 97  ASN n 
1 98  GLN n 
1 99  PHE n 
1 100 GLY n 
1 101 LYS n 
1 102 GLN n 
1 103 GLU n 
1 104 PRO n 
1 105 GLY n 
1 106 ASP n 
1 107 ASN n 
1 108 LYS n 
1 109 GLU n 
1 110 ILE n 
1 111 LEU n 
1 112 PRO n 
1 113 GLY n 
1 114 LEU n 
1 115 LYS n 
1 116 TYR n 
1 117 VAL n 
1 118 ARG n 
1 119 PRO n 
1 120 GLY n 
1 121 GLY n 
1 122 GLY n 
1 123 PHE n 
1 124 VAL n 
1 125 PRO n 
1 126 SER n 
1 127 PHE n 
1 128 GLN n 
1 129 LEU n 
1 130 PHE n 
1 131 GLU n 
1 132 LYS n 
1 133 GLY n 
1 134 ASP n 
1 135 VAL n 
1 136 ASN n 
1 137 GLY n 
1 138 GLU n 
1 139 LYS n 
1 140 GLU n 
1 141 GLN n 
1 142 LYS n 
1 143 VAL n 
1 144 PHE n 
1 145 SER n 
1 146 PHE n 
1 147 LEU n 
1 148 LYS n 
1 149 HIS n 
1 150 SER n 
1 151 CYS n 
1 152 PRO n 
1 153 HIS n 
1 154 PRO n 
1 155 SER n 
1 156 GLU n 
1 157 ILE n 
1 158 LEU n 
1 159 GLY n 
1 160 THR n 
1 161 PHE n 
1 162 LYS n 
1 163 SER n 
1 164 ILE n 
1 165 SER n 
1 166 TRP n 
1 167 ASP n 
1 168 PRO n 
1 169 VAL n 
1 170 LYS n 
1 171 VAL n 
1 172 HIS n 
1 173 ASP n 
1 174 ILE n 
1 175 ARG n 
1 176 TRP n 
1 177 ASN n 
1 178 PHE n 
1 179 GLU n 
1 180 LYS n 
1 181 PHE n 
1 182 LEU n 
1 183 VAL n 
1 184 GLY n 
1 185 PRO n 
1 186 ASP n 
1 187 GLY n 
1 188 ILE n 
1 189 PRO n 
1 190 VAL n 
1 191 MET n 
1 192 ARG n 
1 193 TRP n 
1 194 SER n 
1 195 HIS n 
1 196 ARG n 
1 197 ALA n 
1 198 THR n 
1 199 VAL n 
1 200 SER n 
1 201 SER n 
1 202 VAL n 
1 203 LYS n 
1 204 THR n 
1 205 ASP n 
1 206 ILE n 
1 207 LEU n 
1 208 ALA n 
1 209 TYR n 
1 210 LEU n 
1 211 LYS n 
1 212 GLN n 
1 213 PHE n 
1 214 LYS n 
1 215 THR n 
# 
_entity_src_gen.entity_id                          1 
_entity_src_gen.pdbx_src_id                        1 
_entity_src_gen.pdbx_alt_source_flag               sample 
_entity_src_gen.pdbx_seq_type                      ? 
_entity_src_gen.pdbx_beg_seq_num                   ? 
_entity_src_gen.pdbx_end_seq_num                   ? 
_entity_src_gen.gene_src_common_name               human 
_entity_src_gen.gene_src_genus                     Homo 
_entity_src_gen.pdbx_gene_src_gene                 GPX5 
_entity_src_gen.gene_src_species                   ? 
_entity_src_gen.gene_src_strain                    ? 
_entity_src_gen.gene_src_tissue                    ? 
_entity_src_gen.gene_src_tissue_fraction           ? 
_entity_src_gen.gene_src_details                   ? 
_entity_src_gen.pdbx_gene_src_fragment             ? 
_entity_src_gen.pdbx_gene_src_scientific_name      'Homo sapiens' 
_entity_src_gen.pdbx_gene_src_ncbi_taxonomy_id     9606 
_entity_src_gen.pdbx_gene_src_variant              ? 
_entity_src_gen.pdbx_gene_src_cell_line            ? 
_entity_src_gen.pdbx_gene_src_atcc                 ? 
_entity_src_gen.pdbx_gene_src_organ                ? 
_entity_src_gen.pdbx_gene_src_organelle            ? 
_entity_src_gen.pdbx_gene_src_cell                 ? 
_entity_src_gen.pdbx_gene_src_cellular_location    ? 
_entity_src_gen.host_org_common_name               ? 
_entity_src_gen.pdbx_host_org_scientific_name      'Escherichia coli BL21(DE3)' 
_entity_src_gen.pdbx_host_org_ncbi_taxonomy_id     469008 
_entity_src_gen.host_org_genus                     Escherichia 
_entity_src_gen.pdbx_host_org_gene                 ? 
_entity_src_gen.pdbx_host_org_organ                ? 
_entity_src_gen.host_org_species                   'Escherichia coli' 
_entity_src_gen.pdbx_host_org_tissue               ? 
_entity_src_gen.pdbx_host_org_tissue_fraction      ? 
_entity_src_gen.pdbx_host_org_strain               'BL21(DE3)' 
_entity_src_gen.pdbx_host_org_variant              ? 
_entity_src_gen.pdbx_host_org_cell_line            ? 
_entity_src_gen.pdbx_host_org_atcc                 ? 
_entity_src_gen.pdbx_host_org_culture_collection   ? 
_entity_src_gen.pdbx_host_org_cell                 ? 
_entity_src_gen.pdbx_host_org_organelle            ? 
_entity_src_gen.pdbx_host_org_cellular_location    ? 
_entity_src_gen.pdbx_host_org_vector_type          plasmid 
_entity_src_gen.pdbx_host_org_vector               ? 
_entity_src_gen.host_org_details                   ? 
_entity_src_gen.expression_system_id               ? 
_entity_src_gen.plasmid_name                       'pNIC-bsa4 (pET derivative)' 
_entity_src_gen.plasmid_details                    ? 
_entity_src_gen.pdbx_description                   ? 
# 
_struct_ref.id                         1 
_struct_ref.db_name                    UNP 
_struct_ref.db_code                    GPX5_HUMAN 
_struct_ref.pdbx_db_accession          O75715 
_struct_ref.entity_id                  1 
_struct_ref.pdbx_align_begin           28 
_struct_ref.pdbx_db_isoform            ? 
_struct_ref.pdbx_seq_one_letter_code   ? 
# 
_struct_ref_seq.align_id                      1 
_struct_ref_seq.ref_id                        1 
_struct_ref_seq.pdbx_PDB_id_code              2I3Y 
_struct_ref_seq.pdbx_strand_id                A 
_struct_ref_seq.seq_align_beg                 23 
_struct_ref_seq.pdbx_seq_align_beg_ins_code   ? 
_struct_ref_seq.seq_align_end                 215 
_struct_ref_seq.pdbx_seq_align_end_ins_code   ? 
_struct_ref_seq.pdbx_db_accession             O75715 
_struct_ref_seq.db_align_beg                  28 
_struct_ref_seq.pdbx_db_align_beg_ins_code    ? 
_struct_ref_seq.db_align_end                  220 
_struct_ref_seq.pdbx_db_align_end_ins_code    ? 
_struct_ref_seq.pdbx_auth_seq_align_beg       28 
_struct_ref_seq.pdbx_auth_seq_align_end       220 
# 
loop_
_struct_ref_seq_dif.align_id 
_struct_ref_seq_dif.pdbx_pdb_id_code 
_struct_ref_seq_dif.mon_id 
_struct_ref_seq_dif.pdbx_pdb_strand_id 
_struct_ref_seq_dif.seq_num 
_struct_ref_seq_dif.pdbx_pdb_ins_code 
_struct_ref_seq_dif.pdbx_seq_db_name 
_struct_ref_seq_dif.pdbx_seq_db_accession_code 
_struct_ref_seq_dif.db_mon_id 
_struct_ref_seq_dif.pdbx_seq_db_seq_num 
_struct_ref_seq_dif.details 
_struct_ref_seq_dif.pdbx_auth_seq_num 
_struct_ref_seq_dif.pdbx_ordinal 
1 2I3Y MET A 1  ? UNP O75715 ? ? 'cloning artifact' 6  1  
1 2I3Y HIS A 2  ? UNP O75715 ? ? 'expression tag'   7  2  
1 2I3Y HIS A 3  ? UNP O75715 ? ? 'expression tag'   8  3  
1 2I3Y HIS A 4  ? UNP O75715 ? ? 'expression tag'   9  4  
1 2I3Y HIS A 5  ? UNP O75715 ? ? 'expression tag'   10 5  
1 2I3Y HIS A 6  ? UNP O75715 ? ? 'expression tag'   11 6  
1 2I3Y HIS A 7  ? UNP O75715 ? ? 'expression tag'   12 7  
1 2I3Y SER A 8  ? UNP O75715 ? ? 'cloning artifact' 13 8  
1 2I3Y SER A 9  ? UNP O75715 ? ? 'cloning artifact' 14 9  
1 2I3Y GLY A 10 ? UNP O75715 ? ? 'cloning artifact' 15 10 
1 2I3Y VAL A 11 ? UNP O75715 ? ? 'cloning artifact' 16 11 
1 2I3Y ASP A 12 ? UNP O75715 ? ? 'cloning artifact' 17 12 
1 2I3Y LEU A 13 ? UNP O75715 ? ? 'cloning artifact' 18 13 
1 2I3Y GLY A 14 ? UNP O75715 ? ? 'cloning artifact' 19 14 
1 2I3Y THR A 15 ? UNP O75715 ? ? 'cloning artifact' 20 15 
1 2I3Y GLU A 16 ? UNP O75715 ? ? 'cloning artifact' 21 16 
1 2I3Y ASN A 17 ? UNP O75715 ? ? 'cloning artifact' 22 17 
1 2I3Y LEU A 18 ? UNP O75715 ? ? 'cloning artifact' 23 18 
1 2I3Y TYR A 19 ? UNP O75715 ? ? 'cloning artifact' 24 19 
1 2I3Y PHE A 20 ? UNP O75715 ? ? 'cloning artifact' 25 20 
1 2I3Y GLN A 21 ? UNP O75715 ? ? 'cloning artifact' 26 21 
1 2I3Y SER A 22 ? UNP O75715 ? ? 'cloning artifact' 27 22 
# 
loop_
_chem_comp.id 
_chem_comp.type 
_chem_comp.mon_nstd_flag 
_chem_comp.name 
_chem_comp.pdbx_synonyms 
_chem_comp.formula 
_chem_comp.formula_weight 
ALA 'L-peptide linking' y ALANINE         ?                 'C3 H7 N O2'     89.093  
ARG 'L-peptide linking' y ARGININE        ?                 'C6 H15 N4 O2 1' 175.209 
ASN 'L-peptide linking' y ASPARAGINE      ?                 'C4 H8 N2 O3'    132.118 
ASP 'L-peptide linking' y 'ASPARTIC ACID' ?                 'C4 H7 N O4'     133.103 
CYS 'L-peptide linking' y CYSTEINE        ?                 'C3 H7 N O2 S'   121.158 
EDO non-polymer         . 1,2-ETHANEDIOL  'ETHYLENE GLYCOL' 'C2 H6 O2'       62.068  
GLN 'L-peptide linking' y GLUTAMINE       ?                 'C5 H10 N2 O3'   146.144 
GLU 'L-peptide linking' y 'GLUTAMIC ACID' ?                 'C5 H9 N O4'     147.129 
GLY 'peptide linking'   y GLYCINE         ?                 'C2 H5 N O2'     75.067  
HIS 'L-peptide linking' y HISTIDINE       ?                 'C6 H10 N3 O2 1' 156.162 
HOH non-polymer         . WATER           ?                 'H2 O'           18.015  
ILE 'L-peptide linking' y ISOLEUCINE      ?                 'C6 H13 N O2'    131.173 
LEU 'L-peptide linking' y LEUCINE         ?                 'C6 H13 N O2'    131.173 
LYS 'L-peptide linking' y LYSINE          ?                 'C6 H15 N2 O2 1' 147.195 
MET 'L-peptide linking' y METHIONINE      ?                 'C5 H11 N O2 S'  149.211 
PHE 'L-peptide linking' y PHENYLALANINE   ?                 'C9 H11 N O2'    165.189 
PRO 'L-peptide linking' y PROLINE         ?                 'C5 H9 N O2'     115.130 
SER 'L-peptide linking' y SERINE          ?                 'C3 H7 N O3'     105.093 
THR 'L-peptide linking' y THREONINE       ?                 'C4 H9 N O3'     119.119 
TRP 'L-peptide linking' y TRYPTOPHAN      ?                 'C11 H12 N2 O2'  204.225 
TYR 'L-peptide linking' y TYROSINE        ?                 'C9 H11 N O3'    181.189 
VAL 'L-peptide linking' y VALINE          ?                 'C5 H11 N O2'    117.146 
# 
_exptl.entry_id          2I3Y 
_exptl.method            'X-RAY DIFFRACTION' 
_exptl.crystals_number   1 
# 
_exptl_crystal.id                    1 
_exptl_crystal.density_meas          ? 
_exptl_crystal.density_Matthews      2.30 
_exptl_crystal.density_percent_sol   46.47 
_exptl_crystal.description           ? 
_exptl_crystal.F_000                 ? 
_exptl_crystal.preparation           ? 
# 
_exptl_crystal_grow.crystal_id      1 
_exptl_crystal_grow.method          'VAPOR DIFFUSION, SITTING DROP' 
_exptl_crystal_grow.temp            293 
_exptl_crystal_grow.temp_details    ? 
_exptl_crystal_grow.pH              8 
_exptl_crystal_grow.pdbx_details    
'20% PEG 3350, 0.2 M sodium formate, 5% ETHYLENE GLYCOL, pH 8, VAPOR DIFFUSION, SITTING DROP, temperature 293K' 
_exptl_crystal_grow.pdbx_pH_range   . 
# 
_diffrn.id                     1 
_diffrn.ambient_temp           100 
_diffrn.ambient_temp_details   ? 
_diffrn.crystal_id             1 
# 
_diffrn_detector.diffrn_id              1 
_diffrn_detector.detector               CCD 
_diffrn_detector.type                   MARRESEARCH 
_diffrn_detector.pdbx_collection_date   2006-06-19 
_diffrn_detector.details                ? 
# 
_diffrn_radiation.diffrn_id                        1 
_diffrn_radiation.wavelength_id                    1 
_diffrn_radiation.pdbx_monochromatic_or_laue_m_l   M 
_diffrn_radiation.monochromator                    'Si 111' 
_diffrn_radiation.pdbx_diffrn_protocol             'SINGLE WAVELENGTH' 
_diffrn_radiation.pdbx_scattering_type             x-ray 
# 
_diffrn_radiation_wavelength.id           1 
_diffrn_radiation_wavelength.wavelength   0.8983 
_diffrn_radiation_wavelength.wt           1.0 
# 
_diffrn_source.diffrn_id                   1 
_diffrn_source.source                      SYNCHROTRON 
_diffrn_source.type                        'SLS BEAMLINE X10SA' 
_diffrn_source.pdbx_synchrotron_site       SLS 
_diffrn_source.pdbx_synchrotron_beamline   X10SA 
_diffrn_source.pdbx_wavelength             ? 
_diffrn_source.pdbx_wavelength_list        0.8983 
# 
_reflns.entry_id                     2I3Y 
_reflns.observed_criterion_sigma_I   0 
_reflns.observed_criterion_sigma_F   0 
_reflns.d_resolution_low             50 
_reflns.d_resolution_high            2.0 
_reflns.number_obs                   16114 
_reflns.number_all                   16114 
_reflns.percent_possible_obs         99.9 
_reflns.pdbx_Rmerge_I_obs            0.064 
_reflns.pdbx_Rsym_value              ? 
_reflns.pdbx_netI_over_sigmaI        23 
_reflns.B_iso_Wilson_estimate        27 
_reflns.pdbx_redundancy              10.6 
_reflns.R_free_details               ? 
_reflns.limit_h_max                  ? 
_reflns.limit_h_min                  ? 
_reflns.limit_k_max                  ? 
_reflns.limit_k_min                  ? 
_reflns.limit_l_max                  ? 
_reflns.limit_l_min                  ? 
_reflns.observed_criterion_F_max     ? 
_reflns.observed_criterion_F_min     ? 
_reflns.pdbx_chi_squared             ? 
_reflns.pdbx_scaling_rejects         ? 
_reflns.pdbx_ordinal                 1 
_reflns.pdbx_diffrn_id               1 
# 
_reflns_shell.d_res_high             2.0 
_reflns_shell.d_res_low              2.11 
_reflns_shell.percent_possible_all   100 
_reflns_shell.Rmerge_I_obs           0.417 
_reflns_shell.pdbx_Rsym_value        ? 
_reflns_shell.meanI_over_sigI_obs    5.7 
_reflns_shell.pdbx_redundancy        10.7 
_reflns_shell.percent_possible_obs   ? 
_reflns_shell.number_unique_all      2305 
_reflns_shell.number_measured_all    ? 
_reflns_shell.number_measured_obs    ? 
_reflns_shell.number_unique_obs      ? 
_reflns_shell.pdbx_chi_squared       ? 
_reflns_shell.pdbx_ordinal           1 
_reflns_shell.pdbx_diffrn_id         1 
# 
_refine.entry_id                                 2I3Y 
_refine.ls_number_reflns_obs                     15269 
_refine.ls_number_reflns_all                     15269 
_refine.pdbx_ls_sigma_I                          0 
_refine.pdbx_ls_sigma_F                          0 
_refine.pdbx_data_cutoff_high_absF               ? 
_refine.pdbx_data_cutoff_low_absF                ? 
_refine.pdbx_data_cutoff_high_rms_absF           ? 
_refine.ls_d_res_low                             50.00 
_refine.ls_d_res_high                            2.00 
_refine.ls_percent_reflns_obs                    99.81 
_refine.ls_R_factor_obs                          0.17718 
_refine.ls_R_factor_all                          ? 
_refine.ls_R_factor_R_work                       0.17466 
_refine.ls_R_factor_R_free                       0.22835 
_refine.ls_R_factor_R_free_error                 ? 
_refine.ls_R_factor_R_free_error_details         ? 
_refine.ls_percent_reflns_R_free                 5.1 
_refine.ls_number_reflns_R_free                  822 
_refine.ls_number_parameters                     ? 
_refine.ls_number_restraints                     ? 
_refine.occupancy_min                            ? 
_refine.occupancy_max                            ? 
_refine.correlation_coeff_Fo_to_Fc               0.966 
_refine.correlation_coeff_Fo_to_Fc_free          0.945 
_refine.B_iso_mean                               37.321 
_refine.aniso_B[1][1]                            -2.70 
_refine.aniso_B[2][2]                            -2.70 
_refine.aniso_B[3][3]                            4.05 
_refine.aniso_B[1][2]                            -1.35 
_refine.aniso_B[1][3]                            0.00 
_refine.aniso_B[2][3]                            0.00 
_refine.solvent_model_details                    MASK 
_refine.solvent_model_param_ksol                 ? 
_refine.solvent_model_param_bsol                 ? 
_refine.pdbx_solvent_vdw_probe_radii             1.20 
_refine.pdbx_solvent_ion_probe_radii             0.80 
_refine.pdbx_solvent_shrinkage_radii             0.80 
_refine.pdbx_ls_cross_valid_method               THROUGHOUT 
_refine.details                                  'HYDROGENS HAVE BEEN ADDED IN THE RIDING POSITIONS' 
_refine.pdbx_starting_model                      'pdb entry 2F8A' 
_refine.pdbx_method_to_determine_struct          'MOLECULAR REPLACEMENT' 
_refine.pdbx_isotropic_thermal_model             ? 
_refine.pdbx_stereochemistry_target_values       'MAXIMUM LIKELIHOOD' 
_refine.pdbx_stereochem_target_val_spec_case     ? 
_refine.pdbx_R_Free_selection_details            RANDOM 
_refine.pdbx_overall_ESU_R                       0.149 
_refine.pdbx_overall_ESU_R_Free                  0.150 
_refine.overall_SU_ML                            0.117 
_refine.overall_SU_B                             7.868 
_refine.ls_redundancy_reflns_obs                 ? 
_refine.B_iso_min                                ? 
_refine.B_iso_max                                ? 
_refine.overall_SU_R_Cruickshank_DPI             ? 
_refine.overall_SU_R_free                        ? 
_refine.ls_wR_factor_R_free                      ? 
_refine.ls_wR_factor_R_work                      ? 
_refine.overall_FOM_free_R_set                   ? 
_refine.overall_FOM_work_R_set                   ? 
_refine.pdbx_refine_id                           'X-RAY DIFFRACTION' 
_refine.pdbx_TLS_residual_ADP_flag               'LIKELY RESIDUAL' 
_refine.pdbx_diffrn_id                           1 
_refine.pdbx_overall_phase_error                 ? 
_refine.pdbx_overall_SU_R_free_Cruickshank_DPI   ? 
_refine.pdbx_overall_SU_R_Blow_DPI               ? 
_refine.pdbx_overall_SU_R_free_Blow_DPI          ? 
# 
_refine_hist.pdbx_refine_id                   'X-RAY DIFFRACTION' 
_refine_hist.cycle_id                         LAST 
_refine_hist.pdbx_number_atoms_protein        1474 
_refine_hist.pdbx_number_atoms_nucleic_acid   0 
_refine_hist.pdbx_number_atoms_ligand         4 
_refine_hist.number_atoms_solvent             99 
_refine_hist.number_atoms_total               1577 
_refine_hist.d_res_high                       2.00 
_refine_hist.d_res_low                        50.00 
# 
loop_
_refine_ls_restr.type 
_refine_ls_restr.dev_ideal 
_refine_ls_restr.dev_ideal_target 
_refine_ls_restr.weight 
_refine_ls_restr.number 
_refine_ls_restr.pdbx_refine_id 
_refine_ls_restr.pdbx_restraint_function 
r_bond_refined_d             0.015  0.022  ? 1525 'X-RAY DIFFRACTION' ? 
r_bond_other_d               0.001  0.020  ? 1029 'X-RAY DIFFRACTION' ? 
r_angle_refined_deg          1.458  1.948  ? 2072 'X-RAY DIFFRACTION' ? 
r_angle_other_deg            0.923  3.000  ? 2513 'X-RAY DIFFRACTION' ? 
r_dihedral_angle_1_deg       7.087  5.000  ? 189  'X-RAY DIFFRACTION' ? 
r_dihedral_angle_2_deg       37.763 24.493 ? 69   'X-RAY DIFFRACTION' ? 
r_dihedral_angle_3_deg       14.499 15.000 ? 237  'X-RAY DIFFRACTION' ? 
r_dihedral_angle_4_deg       8.149  15.000 ? 4    'X-RAY DIFFRACTION' ? 
r_chiral_restr               0.088  0.200  ? 220  'X-RAY DIFFRACTION' ? 
r_gen_planes_refined         0.006  0.020  ? 1709 'X-RAY DIFFRACTION' ? 
r_gen_planes_other           0.001  0.020  ? 316  'X-RAY DIFFRACTION' ? 
r_nbd_refined                0.192  0.200  ? 281  'X-RAY DIFFRACTION' ? 
r_nbd_other                  0.197  0.200  ? 1043 'X-RAY DIFFRACTION' ? 
r_nbtor_refined              0.181  0.200  ? 727  'X-RAY DIFFRACTION' ? 
r_nbtor_other                0.090  0.200  ? 739  'X-RAY DIFFRACTION' ? 
r_xyhbond_nbd_refined        0.162  0.200  ? 79   'X-RAY DIFFRACTION' ? 
r_xyhbond_nbd_other          ?      ?      ? ?    'X-RAY DIFFRACTION' ? 
r_metal_ion_refined          ?      ?      ? ?    'X-RAY DIFFRACTION' ? 
r_metal_ion_other            ?      ?      ? ?    'X-RAY DIFFRACTION' ? 
r_symmetry_vdw_refined       0.157  0.200  ? 8    'X-RAY DIFFRACTION' ? 
r_symmetry_vdw_other         0.319  0.200  ? 40   'X-RAY DIFFRACTION' ? 
r_symmetry_hbond_refined     0.161  0.200  ? 8    'X-RAY DIFFRACTION' ? 
r_symmetry_hbond_other       ?      ?      ? ?    'X-RAY DIFFRACTION' ? 
r_symmetry_metal_ion_refined ?      ?      ? ?    'X-RAY DIFFRACTION' ? 
r_symmetry_metal_ion_other   ?      ?      ? ?    'X-RAY DIFFRACTION' ? 
r_mcbond_it                  2.832  3.000  ? 1034 'X-RAY DIFFRACTION' ? 
r_mcbond_other               0.786  3.000  ? 380  'X-RAY DIFFRACTION' ? 
r_mcangle_it                 3.558  5.000  ? 1513 'X-RAY DIFFRACTION' ? 
r_scbond_it                  5.325  7.000  ? 656  'X-RAY DIFFRACTION' ? 
r_scangle_it                 6.610  11.000 ? 558  'X-RAY DIFFRACTION' ? 
r_rigid_bond_restr           ?      ?      ? ?    'X-RAY DIFFRACTION' ? 
r_sphericity_free            ?      ?      ? ?    'X-RAY DIFFRACTION' ? 
r_sphericity_bonded          ?      ?      ? ?    'X-RAY DIFFRACTION' ? 
# 
_refine_ls_shell.pdbx_total_number_of_bins_used   20 
_refine_ls_shell.d_res_high                       2.000 
_refine_ls_shell.d_res_low                        2.052 
_refine_ls_shell.number_reflns_R_work             1107 
_refine_ls_shell.R_factor_R_work                  0.217 
_refine_ls_shell.percent_reflns_obs               100.00 
_refine_ls_shell.R_factor_R_free                  0.324 
_refine_ls_shell.R_factor_R_free_error            ? 
_refine_ls_shell.percent_reflns_R_free            ? 
_refine_ls_shell.number_reflns_R_free             63 
_refine_ls_shell.number_reflns_all                ? 
_refine_ls_shell.R_factor_all                     ? 
_refine_ls_shell.number_reflns_obs                ? 
_refine_ls_shell.redundancy_reflns_obs            ? 
_refine_ls_shell.pdbx_refine_id                   'X-RAY DIFFRACTION' 
# 
_struct.entry_id                  2I3Y 
_struct.title                     'Crystal structure of human glutathione peroxidase 5' 
_struct.pdbx_model_details        ? 
_struct.pdbx_CASP_flag            N 
_struct.pdbx_model_type_details   ? 
# 
_struct_keywords.entry_id        2I3Y 
_struct_keywords.pdbx_keywords   OXIDOREDUCTASE 
_struct_keywords.text            
'thioredoxin fold, Epididymal androgen related protein, Structural Genomics, Structural Genomics Consortium, SGC, oxidoreductase' 
# 
loop_
_struct_asym.id 
_struct_asym.pdbx_blank_PDB_chainid_flag 
_struct_asym.pdbx_modified 
_struct_asym.entity_id 
_struct_asym.details 
A N N 1 ? 
B N N 2 ? 
C N N 3 ? 
# 
_struct_biol.id                    1 
_struct_biol.details               
;The biological assembly is a tetramer generated by:   
1 1 1    
x,-y, -z  
-x+1, -y, z   
-x+1, y,-z
;
_struct_biol.pdbx_parent_biol_id   ? 
# 
loop_
_struct_conf.conf_type_id 
_struct_conf.id 
_struct_conf.pdbx_PDB_helix_id 
_struct_conf.beg_label_comp_id 
_struct_conf.beg_label_asym_id 
_struct_conf.beg_label_seq_id 
_struct_conf.pdbx_beg_PDB_ins_code 
_struct_conf.end_label_comp_id 
_struct_conf.end_label_asym_id 
_struct_conf.end_label_seq_id 
_struct_conf.pdbx_end_PDB_ins_code 
_struct_conf.beg_auth_comp_id 
_struct_conf.beg_auth_asym_id 
_struct_conf.beg_auth_seq_id 
_struct_conf.end_auth_comp_id 
_struct_conf.end_auth_asym_id 
_struct_conf.end_auth_seq_id 
_struct_conf.pdbx_PDB_helix_class 
_struct_conf.details 
_struct_conf.pdbx_PDB_helix_length 
HELX_P HELX_P1 1 THR A 34  ? ASP A 37  ? THR A 39  ASP A 42  5 ? 4  
HELX_P HELX_P2 2 LYS A 52  ? VAL A 55  ? LYS A 57  VAL A 60  5 ? 4  
HELX_P HELX_P3 3 CYS A 68  ? ALA A 72  ? CYS A 73  ALA A 77  5 ? 5  
HELX_P HELX_P4 4 GLN A 73  ? LYS A 85  ? GLN A 78  LYS A 90  1 ? 13 
HELX_P HELX_P5 5 ASP A 106 ? LYS A 108 ? ASP A 111 LYS A 113 5 ? 3  
HELX_P HELX_P6 6 GLU A 109 ? VAL A 117 ? GLU A 114 VAL A 122 1 ? 9  
HELX_P HELX_P7 7 GLN A 141 ? CYS A 151 ? GLN A 146 CYS A 156 1 ? 11 
HELX_P HELX_P8 8 THR A 198 ? LEU A 210 ? THR A 203 LEU A 215 1 ? 13 
HELX_P HELX_P9 9 LYS A 211 ? PHE A 213 ? LYS A 216 PHE A 218 5 ? 3  
# 
_struct_conf_type.id          HELX_P 
_struct_conf_type.criteria    ? 
_struct_conf_type.reference   ? 
# 
loop_
_struct_mon_prot_cis.pdbx_id 
_struct_mon_prot_cis.label_comp_id 
_struct_mon_prot_cis.label_seq_id 
_struct_mon_prot_cis.label_asym_id 
_struct_mon_prot_cis.label_alt_id 
_struct_mon_prot_cis.pdbx_PDB_ins_code 
_struct_mon_prot_cis.auth_comp_id 
_struct_mon_prot_cis.auth_seq_id 
_struct_mon_prot_cis.auth_asym_id 
_struct_mon_prot_cis.pdbx_label_comp_id_2 
_struct_mon_prot_cis.pdbx_label_seq_id_2 
_struct_mon_prot_cis.pdbx_label_asym_id_2 
_struct_mon_prot_cis.pdbx_PDB_ins_code_2 
_struct_mon_prot_cis.pdbx_auth_comp_id_2 
_struct_mon_prot_cis.pdbx_auth_seq_id_2 
_struct_mon_prot_cis.pdbx_auth_asym_id_2 
_struct_mon_prot_cis.pdbx_PDB_model_num 
_struct_mon_prot_cis.pdbx_omega_angle 
1 ARG 118 A . ? ARG 123 A PRO 119 A ? PRO 124 A 1 -1.85 
2 ASP 167 A . ? ASP 172 A PRO 168 A ? PRO 173 A 1 -6.22 
# 
loop_
_struct_sheet.id 
_struct_sheet.type 
_struct_sheet.number_strands 
_struct_sheet.details 
A ? 2 ? 
B ? 5 ? 
# 
loop_
_struct_sheet_order.sheet_id 
_struct_sheet_order.range_id_1 
_struct_sheet_order.range_id_2 
_struct_sheet_order.offset 
_struct_sheet_order.sense 
A 1 2 ? anti-parallel 
B 1 2 ? parallel      
B 2 3 ? parallel      
B 3 4 ? anti-parallel 
B 4 5 ? anti-parallel 
# 
loop_
_struct_sheet_range.sheet_id 
_struct_sheet_range.id 
_struct_sheet_range.beg_label_comp_id 
_struct_sheet_range.beg_label_asym_id 
_struct_sheet_range.beg_label_seq_id 
_struct_sheet_range.pdbx_beg_PDB_ins_code 
_struct_sheet_range.end_label_comp_id 
_struct_sheet_range.end_label_asym_id 
_struct_sheet_range.end_label_seq_id 
_struct_sheet_range.pdbx_end_PDB_ins_code 
_struct_sheet_range.beg_auth_comp_id 
_struct_sheet_range.beg_auth_asym_id 
_struct_sheet_range.beg_auth_seq_id 
_struct_sheet_range.end_auth_comp_id 
_struct_sheet_range.end_auth_asym_id 
_struct_sheet_range.end_auth_seq_id 
A 1 GLU A 39  ? ILE A 41  ? GLU A 44  ILE A 46  
A 2 TYR A 48  ? SER A 50  ? TYR A 53  SER A 55  
B 1 GLN A 128 ? LEU A 129 ? GLN A 133 LEU A 134 
B 2 LEU A 89  ? PRO A 95  ? LEU A 94  PRO A 100 
B 3 HIS A 58  ? VAL A 64  ? HIS A 63  VAL A 69  
B 4 LYS A 180 ? VAL A 183 ? LYS A 185 VAL A 188 
B 5 PRO A 189 ? TRP A 193 ? PRO A 194 TRP A 198 
# 
loop_
_pdbx_struct_sheet_hbond.sheet_id 
_pdbx_struct_sheet_hbond.range_id_1 
_pdbx_struct_sheet_hbond.range_id_2 
_pdbx_struct_sheet_hbond.range_1_label_atom_id 
_pdbx_struct_sheet_hbond.range_1_label_comp_id 
_pdbx_struct_sheet_hbond.range_1_label_asym_id 
_pdbx_struct_sheet_hbond.range_1_label_seq_id 
_pdbx_struct_sheet_hbond.range_1_PDB_ins_code 
_pdbx_struct_sheet_hbond.range_1_auth_atom_id 
_pdbx_struct_sheet_hbond.range_1_auth_comp_id 
_pdbx_struct_sheet_hbond.range_1_auth_asym_id 
_pdbx_struct_sheet_hbond.range_1_auth_seq_id 
_pdbx_struct_sheet_hbond.range_2_label_atom_id 
_pdbx_struct_sheet_hbond.range_2_label_comp_id 
_pdbx_struct_sheet_hbond.range_2_label_asym_id 
_pdbx_struct_sheet_hbond.range_2_label_seq_id 
_pdbx_struct_sheet_hbond.range_2_PDB_ins_code 
_pdbx_struct_sheet_hbond.range_2_auth_atom_id 
_pdbx_struct_sheet_hbond.range_2_auth_comp_id 
_pdbx_struct_sheet_hbond.range_2_auth_asym_id 
_pdbx_struct_sheet_hbond.range_2_auth_seq_id 
A 1 2 N ALA A 40  ? N ALA A 45  O VAL A 49  ? O VAL A 54  
B 1 2 O GLN A 128 ? O GLN A 133 N GLY A 93  ? N GLY A 98  
B 2 3 O VAL A 90  ? O VAL A 95  N LEU A 60  ? N LEU A 65  
B 3 4 N PHE A 61  ? N PHE A 66  O PHE A 181 ? O PHE A 186 
B 4 5 N LEU A 182 ? N LEU A 187 O VAL A 190 ? O VAL A 195 
# 
_struct_site.id                   AC1 
_struct_site.pdbx_evidence_code   Software 
_struct_site.pdbx_auth_asym_id    A 
_struct_site.pdbx_auth_comp_id    EDO 
_struct_site.pdbx_auth_seq_id     221 
_struct_site.pdbx_auth_ins_code   ? 
_struct_site.pdbx_num_residues    3 
_struct_site.details              'BINDING SITE FOR RESIDUE EDO A 221' 
# 
loop_
_struct_site_gen.id 
_struct_site_gen.site_id 
_struct_site_gen.pdbx_num_res 
_struct_site_gen.label_comp_id 
_struct_site_gen.label_asym_id 
_struct_site_gen.label_seq_id 
_struct_site_gen.pdbx_auth_ins_code 
_struct_site_gen.auth_comp_id 
_struct_site_gen.auth_asym_id 
_struct_site_gen.auth_seq_id 
_struct_site_gen.label_atom_id 
_struct_site_gen.label_alt_id 
_struct_site_gen.symmetry 
_struct_site_gen.details 
1 AC1 3 ARG A 175 ? ARG A 180 . ? 1_555 ? 
2 AC1 3 HIS A 195 ? HIS A 200 . ? 1_555 ? 
3 AC1 3 HOH C .   ? HOH A 313 . ? 1_555 ? 
# 
_atom_sites.entry_id                    2I3Y 
_atom_sites.fract_transf_matrix[1][1]   0.00945956 
_atom_sites.fract_transf_matrix[1][2]   0.00492036 
_atom_sites.fract_transf_matrix[1][3]   -0.00288090 
_atom_sites.fract_transf_matrix[2][1]   0.00073183 
_atom_sites.fract_transf_matrix[2][2]   0.00534917 
_atom_sites.fract_transf_matrix[2][3]   -0.00963550 
_atom_sites.fract_transf_matrix[3][1]   -0.00422662 
_atom_sites.fract_transf_matrix[3][2]   0.01176060 
_atom_sites.fract_transf_matrix[3][3]   0.00620791 
_atom_sites.fract_transf_vector[1]      0.789713 
_atom_sites.fract_transf_vector[2]      0.211400 
_atom_sites.fract_transf_vector[3]      0.055114 
# 
loop_
_atom_type.symbol 
C 
N 
O 
S 
# 
loop_
_atom_site.group_PDB 
_atom_site.id 
_atom_site.type_symbol 
_atom_site.label_atom_id 
_atom_site.label_alt_id 
_atom_site.label_comp_id 
_atom_site.label_asym_id 
_atom_site.label_entity_id 
_atom_site.label_seq_id 
_atom_site.pdbx_PDB_ins_code 
_atom_site.Cartn_x 
_atom_site.Cartn_y 
_atom_site.Cartn_z 
_atom_site.occupancy 
_atom_site.B_iso_or_equiv 
_atom_site.pdbx_formal_charge 
_atom_site.auth_seq_id 
_atom_site.auth_comp_id 
_atom_site.auth_asym_id 
_atom_site.auth_atom_id 
_atom_site.pdbx_PDB_model_num 
ATOM   1    N N   . ASP A 1 26  ? -24.427 31.067  -10.039 1.00 57.48 ? 31  ASP A N   1 
ATOM   2    C CA  . ASP A 1 26  ? -23.980 31.594  -11.370 1.00 58.04 ? 31  ASP A CA  1 
ATOM   3    C C   . ASP A 1 26  ? -23.065 30.652  -12.200 1.00 54.57 ? 31  ASP A C   1 
ATOM   4    O O   . ASP A 1 26  ? -23.166 30.574  -13.443 1.00 37.16 ? 31  ASP A O   1 
ATOM   5    C CB  . ASP A 1 26  ? -23.194 32.883  -11.112 1.00 66.35 ? 31  ASP A CB  1 
ATOM   6    C CG  . ASP A 1 26  ? -23.170 33.795  -12.309 1.00 68.98 ? 31  ASP A CG  1 
ATOM   7    O OD1 . ASP A 1 26  ? -23.908 34.810  -12.275 1.00 57.06 ? 31  ASP A OD1 1 
ATOM   8    O OD2 . ASP A 1 26  ? -22.435 33.482  -13.273 1.00 81.62 ? 31  ASP A OD2 1 
ATOM   9    N N   . CYS A 1 27  ? -22.114 30.036  -11.487 1.00 49.65 ? 32  CYS A N   1 
ATOM   10   C CA  . CYS A 1 27  ? -21.042 29.238  -12.043 1.00 47.24 ? 32  CYS A CA  1 
ATOM   11   C C   . CYS A 1 27  ? -20.690 28.168  -10.985 1.00 51.31 ? 32  CYS A C   1 
ATOM   12   O O   . CYS A 1 27  ? -20.585 28.488  -9.786  1.00 49.82 ? 32  CYS A O   1 
ATOM   13   C CB  . CYS A 1 27  ? -19.809 30.122  -12.338 1.00 51.03 ? 32  CYS A CB  1 
ATOM   14   S SG  . CYS A 1 27  ? -18.213 29.224  -12.753 1.00 53.30 ? 32  CYS A SG  1 
ATOM   15   N N   . HIS A 1 28  ? -20.570 26.908  -11.401 1.00 50.68 ? 33  HIS A N   1 
ATOM   16   C CA  . HIS A 1 28  ? -20.044 25.875  -10.526 1.00 56.18 ? 33  HIS A CA  1 
ATOM   17   C C   . HIS A 1 28  ? -18.660 25.423  -11.033 1.00 56.48 ? 33  HIS A C   1 
ATOM   18   O O   . HIS A 1 28  ? -18.510 25.076  -12.214 1.00 48.73 ? 33  HIS A O   1 
ATOM   19   C CB  . HIS A 1 28  ? -21.002 24.684  -10.394 1.00 59.28 ? 33  HIS A CB  1 
ATOM   20   C CG  . HIS A 1 28  ? -20.522 23.636  -9.427  1.00 67.77 ? 33  HIS A CG  1 
ATOM   21   N ND1 . HIS A 1 28  ? -20.692 23.746  -8.060  1.00 74.94 ? 33  HIS A ND1 1 
ATOM   22   C CD2 . HIS A 1 28  ? -19.842 22.479  -9.629  1.00 73.31 ? 33  HIS A CD2 1 
ATOM   23   C CE1 . HIS A 1 28  ? -20.150 22.695  -7.466  1.00 80.15 ? 33  HIS A CE1 1 
ATOM   24   N NE2 . HIS A 1 28  ? -19.628 21.910  -8.394  1.00 75.52 ? 33  HIS A NE2 1 
ATOM   25   N N   . LYS A 1 29  ? -17.671 25.459  -10.122 1.00 55.88 ? 34  LYS A N   1 
ATOM   26   C CA  . LYS A 1 29  ? -16.317 24.929  -10.348 1.00 58.26 ? 34  LYS A CA  1 
ATOM   27   C C   . LYS A 1 29  ? -16.264 23.528  -9.741  1.00 61.88 ? 34  LYS A C   1 
ATOM   28   O O   . LYS A 1 29  ? -16.477 23.366  -8.537  1.00 62.85 ? 34  LYS A O   1 
ATOM   29   C CB  . LYS A 1 29  ? -15.249 25.836  -9.683  1.00 54.73 ? 34  LYS A CB  1 
ATOM   30   N N   . ASP A 1 30  ? -16.011 22.514  -10.567 1.00 65.89 ? 35  ASP A N   1 
ATOM   31   C CA  . ASP A 1 30  ? -15.871 21.141  -10.058 1.00 70.41 ? 35  ASP A CA  1 
ATOM   32   C C   . ASP A 1 30  ? -14.489 20.918  -9.407  1.00 71.70 ? 35  ASP A C   1 
ATOM   33   O O   . ASP A 1 30  ? -13.471 20.980  -10.093 1.00 71.24 ? 35  ASP A O   1 
ATOM   34   C CB  . ASP A 1 30  ? -16.088 20.120  -11.181 1.00 68.01 ? 35  ASP A CB  1 
ATOM   35   C CG  . ASP A 1 30  ? -16.284 18.699  -10.652 1.00 72.63 ? 35  ASP A CG  1 
ATOM   36   O OD1 . ASP A 1 30  ? -17.246 18.461  -9.869  1.00 64.40 ? 35  ASP A OD1 1 
ATOM   37   O OD2 . ASP A 1 30  ? -15.475 17.820  -11.038 1.00 68.80 ? 35  ASP A OD2 1 
ATOM   38   N N   . GLU A 1 31  ? -14.474 20.655  -8.094  1.00 73.35 ? 36  GLU A N   1 
ATOM   39   C CA  . GLU A 1 31  ? -13.233 20.343  -7.343  1.00 72.49 ? 36  GLU A CA  1 
ATOM   40   C C   . GLU A 1 31  ? -12.956 18.829  -7.394  1.00 70.90 ? 36  GLU A C   1 
ATOM   41   O O   . GLU A 1 31  ? -13.808 18.029  -6.987  1.00 69.77 ? 36  GLU A O   1 
ATOM   42   C CB  . GLU A 1 31  ? -13.342 20.829  -5.879  1.00 72.82 ? 36  GLU A CB  1 
ATOM   43   N N   . LYS A 1 32  ? -11.774 18.453  -7.900  1.00 69.04 ? 37  LYS A N   1 
ATOM   44   C CA  . LYS A 1 32  ? -11.419 17.038  -8.156  1.00 69.67 ? 37  LYS A CA  1 
ATOM   45   C C   . LYS A 1 32  ? -10.477 16.421  -7.085  1.00 68.26 ? 37  LYS A C   1 
ATOM   46   O O   . LYS A 1 32  ? -9.565  17.091  -6.571  1.00 70.03 ? 37  LYS A O   1 
ATOM   47   C CB  . LYS A 1 32  ? -10.794 16.894  -9.554  1.00 69.87 ? 37  LYS A CB  1 
ATOM   48   N N   . GLY A 1 33  ? -10.701 15.140  -6.772  1.00 65.13 ? 38  GLY A N   1 
ATOM   49   C CA  . GLY A 1 33  ? -9.931  14.417  -5.743  1.00 60.27 ? 38  GLY A CA  1 
ATOM   50   C C   . GLY A 1 33  ? -8.596  13.816  -6.183  1.00 53.07 ? 38  GLY A C   1 
ATOM   51   O O   . GLY A 1 33  ? -8.480  13.234  -7.253  1.00 46.56 ? 38  GLY A O   1 
ATOM   52   N N   . THR A 1 34  ? -7.577  13.962  -5.340  1.00 49.48 ? 39  THR A N   1 
ATOM   53   C CA  . THR A 1 34  ? -6.266  13.355  -5.586  1.00 46.14 ? 39  THR A CA  1 
ATOM   54   C C   . THR A 1 34  ? -5.699  12.716  -4.296  1.00 46.36 ? 39  THR A C   1 
ATOM   55   O O   . THR A 1 34  ? -6.254  12.887  -3.194  1.00 43.44 ? 39  THR A O   1 
ATOM   56   C CB  . THR A 1 34  ? -5.243  14.391  -6.065  1.00 44.96 ? 39  THR A CB  1 
ATOM   57   O OG1 . THR A 1 34  ? -4.897  15.242  -4.962  1.00 43.94 ? 39  THR A OG1 1 
ATOM   58   C CG2 . THR A 1 34  ? -5.792  15.209  -7.241  1.00 42.48 ? 39  THR A CG2 1 
ATOM   59   N N   . ILE A 1 35  ? -4.568  12.025  -4.446  1.00 44.99 ? 40  ILE A N   1 
ATOM   60   C CA  . ILE A 1 35  ? -3.853  11.445  -3.312  1.00 45.97 ? 40  ILE A CA  1 
ATOM   61   C C   . ILE A 1 35  ? -3.383  12.498  -2.287  1.00 46.66 ? 40  ILE A C   1 
ATOM   62   O O   . ILE A 1 35  ? -3.285  12.213  -1.086  1.00 46.58 ? 40  ILE A O   1 
ATOM   63   C CB  . ILE A 1 35  ? -2.650  10.576  -3.809  1.00 47.98 ? 40  ILE A CB  1 
ATOM   64   C CG1 . ILE A 1 35  ? -2.360  9.459   -2.814  1.00 49.59 ? 40  ILE A CG1 1 
ATOM   65   C CG2 . ILE A 1 35  ? -1.422  11.416  -4.064  1.00 45.59 ? 40  ILE A CG2 1 
ATOM   66   C CD1 . ILE A 1 35  ? -3.543  8.473   -2.676  1.00 38.74 ? 40  ILE A CD1 1 
ATOM   67   N N   . TYR A 1 36  ? -3.137  13.716  -2.763  1.00 47.08 ? 41  TYR A N   1 
ATOM   68   C CA  . TYR A 1 36  ? -2.670  14.809  -1.912  1.00 46.81 ? 41  TYR A CA  1 
ATOM   69   C C   . TYR A 1 36  ? -3.732  15.303  -0.915  1.00 48.73 ? 41  TYR A C   1 
ATOM   70   O O   . TYR A 1 36  ? -3.407  16.113  -0.030  1.00 48.17 ? 41  TYR A O   1 
ATOM   71   C CB  . TYR A 1 36  ? -2.154  15.980  -2.774  1.00 47.04 ? 41  TYR A CB  1 
ATOM   72   C CG  . TYR A 1 36  ? -1.250  15.537  -3.917  1.00 48.11 ? 41  TYR A CG  1 
ATOM   73   C CD1 . TYR A 1 36  ? -0.240  14.581  -3.718  1.00 40.48 ? 41  TYR A CD1 1 
ATOM   74   C CD2 . TYR A 1 36  ? -1.425  16.044  -5.203  1.00 43.95 ? 41  TYR A CD2 1 
ATOM   75   C CE1 . TYR A 1 36  ? 0.580   14.173  -4.764  1.00 47.19 ? 41  TYR A CE1 1 
ATOM   76   C CE2 . TYR A 1 36  ? -0.613  15.635  -6.258  1.00 43.72 ? 41  TYR A CE2 1 
ATOM   77   C CZ  . TYR A 1 36  ? 0.381   14.704  -6.033  1.00 42.40 ? 41  TYR A CZ  1 
ATOM   78   O OH  . TYR A 1 36  ? 1.174   14.320  -7.079  1.00 49.55 ? 41  TYR A OH  1 
ATOM   79   N N   . ASP A 1 37  ? -4.972  14.806  -1.036  1.00 48.47 ? 42  ASP A N   1 
ATOM   80   C CA  . ASP A 1 37  ? -6.057  15.164  -0.115  1.00 46.91 ? 42  ASP A CA  1 
ATOM   81   C C   . ASP A 1 37  ? -5.946  14.373  1.186   1.00 47.40 ? 42  ASP A C   1 
ATOM   82   O O   . ASP A 1 37  ? -6.687  14.642  2.122   1.00 46.94 ? 42  ASP A O   1 
ATOM   83   C CB  . ASP A 1 37  ? -7.451  14.866  -0.718  1.00 45.93 ? 42  ASP A CB  1 
ATOM   84   C CG  . ASP A 1 37  ? -7.847  15.798  -1.888  1.00 51.92 ? 42  ASP A CG  1 
ATOM   85   O OD1 . ASP A 1 37  ? -7.430  16.974  -1.949  1.00 52.51 ? 42  ASP A OD1 1 
ATOM   86   O OD2 . ASP A 1 37  ? -8.625  15.340  -2.751  1.00 57.53 ? 42  ASP A OD2 1 
ATOM   87   N N   . TYR A 1 38  ? -5.058  13.378  1.234   1.00 46.71 ? 43  TYR A N   1 
ATOM   88   C CA  . TYR A 1 38  ? -4.941  12.488  2.398   1.00 45.23 ? 43  TYR A CA  1 
ATOM   89   C C   . TYR A 1 38  ? -3.593  12.548  3.104   1.00 45.31 ? 43  TYR A C   1 
ATOM   90   O O   . TYR A 1 38  ? -2.620  13.134  2.609   1.00 44.70 ? 43  TYR A O   1 
ATOM   91   C CB  . TYR A 1 38  ? -5.252  11.043  2.005   1.00 42.37 ? 43  TYR A CB  1 
ATOM   92   C CG  . TYR A 1 38  ? -6.522  10.954  1.231   1.00 47.78 ? 43  TYR A CG  1 
ATOM   93   C CD1 . TYR A 1 38  ? -7.748  10.775  1.873   1.00 40.62 ? 43  TYR A CD1 1 
ATOM   94   C CD2 . TYR A 1 38  ? -6.512  11.120  -0.147  1.00 48.67 ? 43  TYR A CD2 1 
ATOM   95   C CE1 . TYR A 1 38  ? -8.931  10.726  1.131   1.00 54.06 ? 43  TYR A CE1 1 
ATOM   96   C CE2 . TYR A 1 38  ? -7.672  11.091  -0.881  1.00 51.27 ? 43  TYR A CE2 1 
ATOM   97   C CZ  . TYR A 1 38  ? -8.874  10.891  -0.253  1.00 43.27 ? 43  TYR A CZ  1 
ATOM   98   O OH  . TYR A 1 38  ? -10.010 10.875  -1.036  1.00 46.71 ? 43  TYR A OH  1 
ATOM   99   N N   . GLU A 1 39  ? -3.582  11.939  4.283   1.00 44.22 ? 44  GLU A N   1 
ATOM   100  C CA  . GLU A 1 39  ? -2.452  11.929  5.180   1.00 47.53 ? 44  GLU A CA  1 
ATOM   101  C C   . GLU A 1 39  ? -2.537  10.719  6.123   1.00 49.45 ? 44  GLU A C   1 
ATOM   102  O O   . GLU A 1 39  ? -3.616  10.100  6.298   1.00 50.31 ? 44  GLU A O   1 
ATOM   103  C CB  . GLU A 1 39  ? -2.462  13.218  5.989   1.00 51.17 ? 44  GLU A CB  1 
ATOM   104  C CG  . GLU A 1 39  ? -3.828  13.522  6.627   1.00 58.31 ? 44  GLU A CG  1 
ATOM   105  C CD  . GLU A 1 39  ? -3.951  14.925  7.185   1.00 55.69 ? 44  GLU A CD  1 
ATOM   106  O OE1 . GLU A 1 39  ? -4.907  15.140  7.964   1.00 77.43 ? 44  GLU A OE1 1 
ATOM   107  O OE2 . GLU A 1 39  ? -3.112  15.809  6.859   1.00 74.42 ? 44  GLU A OE2 1 
ATOM   108  N N   . ALA A 1 40  ? -1.389  10.377  6.703   1.00 44.66 ? 45  ALA A N   1 
ATOM   109  C CA  . ALA A 1 40  ? -1.278  9.282   7.639   1.00 44.97 ? 45  ALA A CA  1 
ATOM   110  C C   . ALA A 1 40  ? -0.086  9.498   8.603   1.00 48.25 ? 45  ALA A C   1 
ATOM   111  O O   . ALA A 1 40  ? 0.801   10.341  8.354   1.00 46.11 ? 45  ALA A O   1 
ATOM   112  C CB  . ALA A 1 40  ? -1.172  7.958   6.908   1.00 45.20 ? 45  ALA A CB  1 
ATOM   113  N N   . ILE A 1 41  ? -0.102  8.755   9.713   1.00 43.70 ? 46  ILE A N   1 
ATOM   114  C CA  . ILE A 1 41  ? 0.895   8.882   10.764  1.00 44.20 ? 46  ILE A CA  1 
ATOM   115  C C   . ILE A 1 41  ? 1.981   7.859   10.538  1.00 42.61 ? 46  ILE A C   1 
ATOM   116  O O   . ILE A 1 41  ? 1.707   6.654   10.444  1.00 44.61 ? 46  ILE A O   1 
ATOM   117  C CB  . ILE A 1 41  ? 0.280   8.699   12.162  1.00 41.66 ? 46  ILE A CB  1 
ATOM   118  C CG1 . ILE A 1 41  ? -0.896  9.656   12.341  1.00 50.20 ? 46  ILE A CG1 1 
ATOM   119  C CG2 . ILE A 1 41  ? 1.328   8.971   13.306  1.00 41.60 ? 46  ILE A CG2 1 
ATOM   120  C CD1 . ILE A 1 41  ? -1.460  9.655   13.761  1.00 46.37 ? 46  ILE A CD1 1 
ATOM   121  N N   . ALA A 1 42  ? 3.206   8.351   10.412  1.00 43.70 ? 47  ALA A N   1 
ATOM   122  C CA  . ALA A 1 42  ? 4.367   7.505   10.232  1.00 43.77 ? 47  ALA A CA  1 
ATOM   123  C C   . ALA A 1 42  ? 4.546   6.676   11.481  1.00 47.63 ? 47  ALA A C   1 
ATOM   124  O O   . ALA A 1 42  ? 4.223   7.102   12.601  1.00 46.45 ? 47  ALA A O   1 
ATOM   125  C CB  . ALA A 1 42  ? 5.619   8.335   9.962   1.00 44.83 ? 47  ALA A CB  1 
ATOM   126  N N   . LEU A 1 43  ? 5.072   5.486   11.266  1.00 51.17 ? 48  LEU A N   1 
ATOM   127  C CA  . LEU A 1 43  ? 5.233   4.499   12.300  1.00 55.66 ? 48  LEU A CA  1 
ATOM   128  C C   . LEU A 1 43  ? 6.404   4.873   13.217  1.00 63.45 ? 48  LEU A C   1 
ATOM   129  O O   . LEU A 1 43  ? 6.311   4.728   14.441  1.00 70.97 ? 48  LEU A O   1 
ATOM   130  C CB  . LEU A 1 43  ? 5.458   3.141   11.621  1.00 54.65 ? 48  LEU A CB  1 
ATOM   131  C CG  . LEU A 1 43  ? 5.391   1.874   12.446  1.00 57.51 ? 48  LEU A CG  1 
ATOM   132  C CD1 . LEU A 1 43  ? 4.008   1.712   13.085  1.00 52.20 ? 48  LEU A CD1 1 
ATOM   133  C CD2 . LEU A 1 43  ? 5.770   0.705   11.582  1.00 49.27 ? 48  LEU A CD2 1 
ATOM   134  N N   . ASN A 1 44  ? 7.462   5.419   12.617  1.00 67.91 ? 49  ASN A N   1 
ATOM   135  C CA  . ASN A 1 44  ? 8.796   5.531   13.239  1.00 74.58 ? 49  ASN A CA  1 
ATOM   136  C C   . ASN A 1 44  ? 9.076   6.916   13.854  1.00 77.30 ? 49  ASN A C   1 
ATOM   137  O O   . ASN A 1 44  ? 9.830   7.034   14.830  1.00 79.68 ? 49  ASN A O   1 
ATOM   138  C CB  . ASN A 1 44  ? 9.873   5.158   12.211  1.00 75.54 ? 49  ASN A CB  1 
ATOM   139  C CG  . ASN A 1 44  ? 9.588   5.740   10.836  1.00 79.12 ? 49  ASN A CG  1 
ATOM   140  O OD1 . ASN A 1 44  ? 9.830   6.926   10.592  1.00 90.62 ? 49  ASN A OD1 1 
ATOM   141  N ND2 . ASN A 1 44  ? 9.044   4.914   9.940   1.00 79.99 ? 49  ASN A ND2 1 
ATOM   142  N N   . LYS A 1 45  ? 8.491   7.958   13.264  1.00 79.55 ? 50  LYS A N   1 
ATOM   143  C CA  . LYS A 1 45  ? 8.202   9.185   14.002  1.00 81.61 ? 50  LYS A CA  1 
ATOM   144  C C   . LYS A 1 45  ? 6.856   8.951   14.712  1.00 81.58 ? 50  LYS A C   1 
ATOM   145  O O   . LYS A 1 45  ? 6.301   7.854   14.659  1.00 80.53 ? 50  LYS A O   1 
ATOM   146  C CB  . LYS A 1 45  ? 8.124   10.388  13.059  1.00 81.71 ? 50  LYS A CB  1 
ATOM   147  N N   . ASN A 1 46  ? 6.340   9.962   15.396  1.00 81.32 ? 51  ASN A N   1 
ATOM   148  C CA  . ASN A 1 46  ? 4.947   9.935   15.828  1.00 79.91 ? 51  ASN A CA  1 
ATOM   149  C C   . ASN A 1 46  ? 4.235   11.119  15.167  1.00 79.31 ? 51  ASN A C   1 
ATOM   150  O O   . ASN A 1 46  ? 3.461   11.827  15.824  1.00 80.84 ? 51  ASN A O   1 
ATOM   151  C CB  . ASN A 1 46  ? 4.846   9.994   17.356  1.00 79.18 ? 51  ASN A CB  1 
ATOM   152  N N   . GLU A 1 47  ? 4.499   11.319  13.865  1.00 73.85 ? 52  GLU A N   1 
ATOM   153  C CA  . GLU A 1 47  ? 4.123   12.562  13.173  1.00 70.38 ? 52  GLU A CA  1 
ATOM   154  C C   . GLU A 1 47  ? 3.366   12.320  11.876  1.00 65.91 ? 52  GLU A C   1 
ATOM   155  O O   . GLU A 1 47  ? 3.671   11.380  11.143  1.00 66.62 ? 52  GLU A O   1 
ATOM   156  C CB  . GLU A 1 47  ? 5.370   13.405  12.885  1.00 71.28 ? 52  GLU A CB  1 
ATOM   157  N N   . TYR A 1 48  ? 2.382   13.178  11.600  1.00 61.21 ? 53  TYR A N   1 
ATOM   158  C CA  . TYR A 1 48  ? 1.567   13.067  10.387  1.00 61.34 ? 53  TYR A CA  1 
ATOM   159  C C   . TYR A 1 48  ? 2.357   13.478  9.142   1.00 59.15 ? 53  TYR A C   1 
ATOM   160  O O   . TYR A 1 48  ? 3.161   14.421  9.168   1.00 55.13 ? 53  TYR A O   1 
ATOM   161  C CB  . TYR A 1 48  ? 0.240   13.860  10.489  1.00 62.47 ? 53  TYR A CB  1 
ATOM   162  C CG  . TYR A 1 48  ? -1.004  12.985  10.624  1.00 60.94 ? 53  TYR A CG  1 
ATOM   163  N N   . VAL A 1 49  ? 2.119   12.732  8.067   1.00 54.88 ? 54  VAL A N   1 
ATOM   164  C CA  . VAL A 1 49  ? 2.760   12.920  6.780   1.00 53.62 ? 54  VAL A CA  1 
ATOM   165  C C   . VAL A 1 49  ? 1.678   13.153  5.739   1.00 53.29 ? 54  VAL A C   1 
ATOM   166  O O   . VAL A 1 49  ? 0.889   12.256  5.457   1.00 51.34 ? 54  VAL A O   1 
ATOM   167  C CB  . VAL A 1 49  ? 3.558   11.662  6.405   1.00 54.07 ? 54  VAL A CB  1 
ATOM   168  C CG1 . VAL A 1 49  ? 4.099   11.755  4.962   1.00 55.64 ? 54  VAL A CG1 1 
ATOM   169  C CG2 . VAL A 1 49  ? 4.683   11.420  7.438   1.00 46.69 ? 54  VAL A CG2 1 
ATOM   170  N N   . SER A 1 50  ? 1.607   14.361  5.189   1.00 52.64 ? 55  SER A N   1 
ATOM   171  C CA  . SER A 1 50  ? 0.668   14.605  4.092   1.00 55.28 ? 55  SER A CA  1 
ATOM   172  C C   . SER A 1 50  ? 1.236   14.060  2.798   1.00 53.39 ? 55  SER A C   1 
ATOM   173  O O   . SER A 1 50  ? 2.430   14.202  2.526   1.00 54.98 ? 55  SER A O   1 
ATOM   174  C CB  . SER A 1 50  ? 0.360   16.090  3.898   1.00 55.08 ? 55  SER A CB  1 
ATOM   175  O OG  . SER A 1 50  ? -0.482  16.224  2.765   1.00 56.47 ? 55  SER A OG  1 
ATOM   176  N N   . PHE A 1 51  ? 0.378   13.466  1.981   1.00 51.68 ? 56  PHE A N   1 
ATOM   177  C CA  . PHE A 1 51  ? 0.835   12.899  0.737   1.00 51.18 ? 56  PHE A CA  1 
ATOM   178  C C   . PHE A 1 51  ? 1.213   13.969  -0.291  1.00 52.60 ? 56  PHE A C   1 
ATOM   179  O O   . PHE A 1 51  ? 1.780   13.633  -1.330  1.00 51.07 ? 56  PHE A O   1 
ATOM   180  C CB  . PHE A 1 51  ? -0.186  11.885  0.211   1.00 50.95 ? 56  PHE A CB  1 
ATOM   181  C CG  . PHE A 1 51  ? -0.430  10.721  1.174   1.00 55.38 ? 56  PHE A CG  1 
ATOM   182  C CD1 . PHE A 1 51  ? 0.624   10.120  1.850   1.00 53.37 ? 56  PHE A CD1 1 
ATOM   183  C CD2 . PHE A 1 51  ? -1.710  10.241  1.400   1.00 51.41 ? 56  PHE A CD2 1 
ATOM   184  C CE1 . PHE A 1 51  ? 0.405   9.068   2.726   1.00 54.93 ? 56  PHE A CE1 1 
ATOM   185  C CE2 . PHE A 1 51  ? -1.933  9.191   2.286   1.00 46.17 ? 56  PHE A CE2 1 
ATOM   186  C CZ  . PHE A 1 51  ? -0.865  8.603   2.935   1.00 46.33 ? 56  PHE A CZ  1 
ATOM   187  N N   . LYS A 1 52  ? 0.929   15.240  0.025   1.00 53.67 ? 57  LYS A N   1 
ATOM   188  C CA  . LYS A 1 52  ? 1.461   16.397  -0.705  1.00 56.72 ? 57  LYS A CA  1 
ATOM   189  C C   . LYS A 1 52  ? 2.988   16.382  -0.763  1.00 55.55 ? 57  LYS A C   1 
ATOM   190  O O   . LYS A 1 52  ? 3.566   16.859  -1.743  1.00 53.29 ? 57  LYS A O   1 
ATOM   191  C CB  . LYS A 1 52  ? 1.056   17.726  -0.042  1.00 58.36 ? 57  LYS A CB  1 
ATOM   192  C CG  . LYS A 1 52  ? -0.436  18.041  0.038   1.00 62.28 ? 57  LYS A CG  1 
ATOM   193  C CD  . LYS A 1 52  ? -0.704  19.237  0.979   1.00 59.49 ? 57  LYS A CD  1 
ATOM   194  C CE  . LYS A 1 52  ? -2.163  19.272  1.437   1.00 66.23 ? 57  LYS A CE  1 
ATOM   195  N N   . GLN A 1 53  ? 3.633   15.875  0.298   1.00 52.79 ? 58  GLN A N   1 
ATOM   196  C CA  . GLN A 1 53  ? 5.085   15.629  0.300   1.00 52.10 ? 58  GLN A CA  1 
ATOM   197  C C   . GLN A 1 53  ? 5.552   14.922  -0.970  1.00 50.76 ? 58  GLN A C   1 
ATOM   198  O O   . GLN A 1 53  ? 6.676   15.134  -1.449  1.00 51.23 ? 58  GLN A O   1 
ATOM   199  C CB  . GLN A 1 53  ? 5.491   14.737  1.473   1.00 52.78 ? 58  GLN A CB  1 
ATOM   200  C CG  . GLN A 1 53  ? 5.524   15.404  2.829   1.00 57.56 ? 58  GLN A CG  1 
ATOM   201  C CD  . GLN A 1 53  ? 6.253   14.561  3.870   1.00 56.86 ? 58  GLN A CD  1 
ATOM   202  O OE1 . GLN A 1 53  ? 6.875   13.550  3.535   1.00 65.19 ? 58  GLN A OE1 1 
ATOM   203  N NE2 . GLN A 1 53  ? 6.185   14.980  5.139   1.00 50.63 ? 58  GLN A NE2 1 
ATOM   204  N N   . TYR A 1 54  ? 4.672   14.086  -1.513  1.00 49.66 ? 59  TYR A N   1 
ATOM   205  C CA  . TYR A 1 54  ? 5.012   13.189  -2.603  1.00 49.18 ? 59  TYR A CA  1 
ATOM   206  C C   . TYR A 1 54  ? 4.534   13.726  -3.965  1.00 46.92 ? 59  TYR A C   1 
ATOM   207  O O   . TYR A 1 54  ? 4.434   12.992  -4.930  1.00 44.90 ? 59  TYR A O   1 
ATOM   208  C CB  . TYR A 1 54  ? 4.465   11.797  -2.267  1.00 50.60 ? 59  TYR A CB  1 
ATOM   209  C CG  . TYR A 1 54  ? 5.049   11.201  -0.987  1.00 50.57 ? 59  TYR A CG  1 
ATOM   210  C CD1 . TYR A 1 54  ? 4.234   10.753  0.051   1.00 50.88 ? 59  TYR A CD1 1 
ATOM   211  C CD2 . TYR A 1 54  ? 6.424   11.095  -0.821  1.00 56.38 ? 59  TYR A CD2 1 
ATOM   212  C CE1 . TYR A 1 54  ? 4.786   10.209  1.227   1.00 50.31 ? 59  TYR A CE1 1 
ATOM   213  C CE2 . TYR A 1 54  ? 6.984   10.555  0.343   1.00 56.94 ? 59  TYR A CE2 1 
ATOM   214  C CZ  . TYR A 1 54  ? 6.172   10.109  1.362   1.00 55.35 ? 59  TYR A CZ  1 
ATOM   215  O OH  . TYR A 1 54  ? 6.772   9.568   2.498   1.00 53.25 ? 59  TYR A OH  1 
ATOM   216  N N   . VAL A 1 55  ? 4.288   15.033  -4.036  1.00 48.06 ? 60  VAL A N   1 
ATOM   217  C CA  . VAL A 1 55  ? 3.958   15.721  -5.296  1.00 48.83 ? 60  VAL A CA  1 
ATOM   218  C C   . VAL A 1 55  ? 5.037   15.508  -6.376  1.00 47.67 ? 60  VAL A C   1 
ATOM   219  O O   . VAL A 1 55  ? 6.235   15.559  -6.095  1.00 47.31 ? 60  VAL A O   1 
ATOM   220  C CB  . VAL A 1 55  ? 3.709   17.226  -5.045  1.00 48.58 ? 60  VAL A CB  1 
ATOM   221  C CG1 . VAL A 1 55  ? 4.999   17.938  -4.570  1.00 55.04 ? 60  VAL A CG1 1 
ATOM   222  C CG2 . VAL A 1 55  ? 3.139   17.900  -6.287  1.00 54.14 ? 60  VAL A CG2 1 
ATOM   223  N N   . GLY A 1 56  ? 4.603   15.217  -7.601  1.00 49.88 ? 61  GLY A N   1 
ATOM   224  C CA  . GLY A 1 56  ? 5.521   14.909  -8.712  1.00 48.55 ? 61  GLY A CA  1 
ATOM   225  C C   . GLY A 1 56  ? 6.184   13.531  -8.689  1.00 46.56 ? 61  GLY A C   1 
ATOM   226  O O   . GLY A 1 56  ? 7.006   13.225  -9.552  1.00 45.95 ? 61  GLY A O   1 
ATOM   227  N N   . LYS A 1 57  ? 5.843   12.698  -7.707  1.00 46.32 ? 62  LYS A N   1 
ATOM   228  C CA  . LYS A 1 57  ? 6.464   11.386  -7.539  1.00 44.82 ? 62  LYS A CA  1 
ATOM   229  C C   . LYS A 1 57  ? 5.455   10.299  -7.875  1.00 44.67 ? 62  LYS A C   1 
ATOM   230  O O   . LYS A 1 57  ? 4.242   10.501  -7.746  1.00 46.26 ? 62  LYS A O   1 
ATOM   231  C CB  . LYS A 1 57  ? 6.932   11.183  -6.089  1.00 45.90 ? 62  LYS A CB  1 
ATOM   232  C CG  . LYS A 1 57  ? 7.982   12.173  -5.566  1.00 50.23 ? 62  LYS A CG  1 
ATOM   233  C CD  . LYS A 1 57  ? 9.349   11.944  -6.202  1.00 50.11 ? 62  LYS A CD  1 
ATOM   234  C CE  . LYS A 1 57  ? 10.392  12.937  -5.743  1.00 49.39 ? 62  LYS A CE  1 
ATOM   235  N NZ  . LYS A 1 57  ? 11.380  13.179  -6.855  1.00 63.08 ? 62  LYS A NZ  1 
ATOM   236  N N   . HIS A 1 58  ? 5.972   9.142   -8.289  1.00 45.13 ? 63  HIS A N   1 
ATOM   237  C CA  . HIS A 1 58  ? 5.161   7.938   -8.510  1.00 44.15 ? 63  HIS A CA  1 
ATOM   238  C C   . HIS A 1 58  ? 5.121   7.169   -7.203  1.00 45.36 ? 63  HIS A C   1 
ATOM   239  O O   . HIS A 1 58  ? 6.171   6.806   -6.668  1.00 44.64 ? 63  HIS A O   1 
ATOM   240  C CB  . HIS A 1 58  ? 5.774   7.050   -9.596  1.00 43.48 ? 63  HIS A CB  1 
ATOM   241  C CG  . HIS A 1 58  ? 6.269   7.812   -10.775 1.00 41.47 ? 63  HIS A CG  1 
ATOM   242  N ND1 . HIS A 1 58  ? 5.440   8.218   -11.790 1.00 41.32 ? 63  HIS A ND1 1 
ATOM   243  C CD2 . HIS A 1 58  ? 7.500   8.283   -11.072 1.00 45.71 ? 63  HIS A CD2 1 
ATOM   244  C CE1 . HIS A 1 58  ? 6.142   8.898   -12.673 1.00 47.18 ? 63  HIS A CE1 1 
ATOM   245  N NE2 . HIS A 1 58  ? 7.396   8.958   -12.257 1.00 44.55 ? 63  HIS A NE2 1 
ATOM   246  N N   . ILE A 1 59  ? 3.924   6.925   -6.676  1.00 46.65 ? 64  ILE A N   1 
ATOM   247  C CA  . ILE A 1 59  ? 3.807   6.383   -5.326  1.00 42.38 ? 64  ILE A CA  1 
ATOM   248  C C   . ILE A 1 59  ? 3.319   4.955   -5.407  1.00 43.44 ? 64  ILE A C   1 
ATOM   249  O O   . ILE A 1 59  ? 2.317   4.702   -6.038  1.00 43.34 ? 64  ILE A O   1 
ATOM   250  C CB  . ILE A 1 59  ? 2.832   7.220   -4.436  1.00 45.39 ? 64  ILE A CB  1 
ATOM   251  C CG1 . ILE A 1 59  ? 3.073   8.732   -4.611  1.00 41.80 ? 64  ILE A CG1 1 
ATOM   252  C CG2 . ILE A 1 59  ? 2.954   6.769   -2.952  1.00 46.37 ? 64  ILE A CG2 1 
ATOM   253  C CD1 . ILE A 1 59  ? 2.033   9.614   -3.925  1.00 39.96 ? 64  ILE A CD1 1 
ATOM   254  N N   . LEU A 1 60  ? 4.049   4.025   -4.799  1.00 47.08 ? 65  LEU A N   1 
ATOM   255  C CA  . LEU A 1 60  ? 3.585   2.643   -4.673  1.00 45.38 ? 65  LEU A CA  1 
ATOM   256  C C   . LEU A 1 60  ? 3.072   2.373   -3.256  1.00 43.89 ? 65  LEU A C   1 
ATOM   257  O O   . LEU A 1 60  ? 3.854   2.332   -2.316  1.00 46.41 ? 65  LEU A O   1 
ATOM   258  C CB  . LEU A 1 60  ? 4.684   1.625   -5.065  1.00 43.87 ? 65  LEU A CB  1 
ATOM   259  C CG  . LEU A 1 60  ? 4.222   0.143   -5.053  1.00 47.55 ? 65  LEU A CG  1 
ATOM   260  C CD1 . LEU A 1 60  ? 3.238   -0.143  -6.206  1.00 40.49 ? 65  LEU A CD1 1 
ATOM   261  C CD2 . LEU A 1 60  ? 5.413   -0.769  -5.143  1.00 45.07 ? 65  LEU A CD2 1 
ATOM   262  N N   . PHE A 1 61  ? 1.750   2.181   -3.125  1.00 43.83 ? 66  PHE A N   1 
ATOM   263  C CA  . PHE A 1 61  ? 1.103   1.877   -1.839  1.00 43.33 ? 66  PHE A CA  1 
ATOM   264  C C   . PHE A 1 61  ? 1.009   0.375   -1.718  1.00 46.08 ? 66  PHE A C   1 
ATOM   265  O O   . PHE A 1 61  ? 0.511   -0.276  -2.630  1.00 44.80 ? 66  PHE A O   1 
ATOM   266  C CB  . PHE A 1 61  ? -0.319  2.417   -1.787  1.00 45.55 ? 66  PHE A CB  1 
ATOM   267  C CG  . PHE A 1 61  ? -0.414  3.883   -1.586  1.00 39.41 ? 66  PHE A CG  1 
ATOM   268  C CD1 . PHE A 1 61  ? -0.839  4.407   -0.358  1.00 43.08 ? 66  PHE A CD1 1 
ATOM   269  C CD2 . PHE A 1 61  ? -0.124  4.752   -2.619  1.00 44.13 ? 66  PHE A CD2 1 
ATOM   270  C CE1 . PHE A 1 61  ? -0.953  5.783   -0.174  1.00 41.32 ? 66  PHE A CE1 1 
ATOM   271  C CE2 . PHE A 1 61  ? -0.236  6.129   -2.439  1.00 42.65 ? 66  PHE A CE2 1 
ATOM   272  C CZ  . PHE A 1 61  ? -0.642  6.635   -1.201  1.00 42.60 ? 66  PHE A CZ  1 
ATOM   273  N N   . VAL A 1 62  ? 1.483   -0.159  -0.594  1.00 46.45 ? 67  VAL A N   1 
ATOM   274  C CA  . VAL A 1 62  ? 1.383   -1.586  -0.306  1.00 45.43 ? 67  VAL A CA  1 
ATOM   275  C C   . VAL A 1 62  ? 0.782   -1.726  1.091   1.00 45.02 ? 67  VAL A C   1 
ATOM   276  O O   . VAL A 1 62  ? 1.248   -1.057  2.064   1.00 43.56 ? 67  VAL A O   1 
ATOM   277  C CB  . VAL A 1 62  ? 2.786   -2.276  -0.357  1.00 41.89 ? 67  VAL A CB  1 
ATOM   278  C CG1 . VAL A 1 62  ? 2.660   -3.821  -0.264  1.00 38.77 ? 67  VAL A CG1 1 
ATOM   279  C CG2 . VAL A 1 62  ? 3.566   -1.846  -1.618  1.00 46.55 ? 67  VAL A CG2 1 
ATOM   280  N N   . ASN A 1 63  ? -0.251  -2.573  1.213   1.00 44.10 ? 68  ASN A N   1 
ATOM   281  C CA  . ASN A 1 63  ? -0.720  -2.976  2.546   1.00 40.69 ? 68  ASN A CA  1 
ATOM   282  C C   . ASN A 1 63  ? 0.136   -4.164  3.016   1.00 41.58 ? 68  ASN A C   1 
ATOM   283  O O   . ASN A 1 63  ? 0.351   -5.132  2.252   1.00 44.72 ? 68  ASN A O   1 
ATOM   284  C CB  . ASN A 1 63  ? -2.234  -3.245  2.622   1.00 38.87 ? 68  ASN A CB  1 
ATOM   285  C CG  . ASN A 1 63  ? -2.695  -4.350  1.714   1.00 49.05 ? 68  ASN A CG  1 
ATOM   286  O OD1 . ASN A 1 63  ? -2.585  -4.237  0.509   1.00 44.80 ? 68  ASN A OD1 1 
ATOM   287  N ND2 . ASN A 1 63  ? -3.225  -5.420  2.288   1.00 41.93 ? 68  ASN A ND2 1 
ATOM   288  N N   . VAL A 1 64  ? 0.691   -4.071  4.214   1.00 43.53 ? 69  VAL A N   1 
ATOM   289  C CA  . VAL A 1 64  ? 1.682   -5.038  4.676   1.00 40.51 ? 69  VAL A CA  1 
ATOM   290  C C   . VAL A 1 64  ? 1.240   -5.803  5.954   1.00 46.14 ? 69  VAL A C   1 
ATOM   291  O O   . VAL A 1 64  ? 0.248   -5.453  6.617   1.00 44.70 ? 69  VAL A O   1 
ATOM   292  C CB  . VAL A 1 64  ? 3.070   -4.343  4.866   1.00 43.05 ? 69  VAL A CB  1 
ATOM   293  C CG1 . VAL A 1 64  ? 3.534   -3.634  3.524   1.00 37.10 ? 69  VAL A CG1 1 
ATOM   294  C CG2 . VAL A 1 64  ? 3.063   -3.361  6.059   1.00 35.44 ? 69  VAL A CG2 1 
ATOM   295  N N   . ALA A 1 65  ? 1.967   -6.875  6.246   1.00 44.91 ? 70  ALA A N   1 
ATOM   296  C CA  . ALA A 1 65  ? 1.746   -7.723  7.429   1.00 44.15 ? 70  ALA A CA  1 
ATOM   297  C C   . ALA A 1 65  ? 3.044   -8.477  7.701   1.00 40.50 ? 70  ALA A C   1 
ATOM   298  O O   . ALA A 1 65  ? 3.853   -8.712  6.785   1.00 41.53 ? 70  ALA A O   1 
ATOM   299  C CB  . ALA A 1 65  ? 0.600   -8.723  7.220   1.00 39.02 ? 70  ALA A CB  1 
ATOM   300  N N   . THR A 1 66  ? 3.207   -8.912  8.950   1.00 43.04 ? 71  THR A N   1 
ATOM   301  C CA  . THR A 1 66  ? 4.434   -9.599  9.428   1.00 43.32 ? 71  THR A CA  1 
ATOM   302  C C   . THR A 1 66  ? 4.382   -11.132 9.353   1.00 43.49 ? 71  THR A C   1 
ATOM   303  O O   . THR A 1 66  ? 5.422   -11.793 9.258   1.00 41.45 ? 71  THR A O   1 
ATOM   304  C CB  . THR A 1 66  ? 4.757   -9.165  10.875  1.00 48.17 ? 71  THR A CB  1 
ATOM   305  O OG1 . THR A 1 66  ? 4.915   -7.730  10.927  1.00 44.81 ? 71  THR A OG1 1 
ATOM   306  C CG2 . THR A 1 66  ? 6.059   -9.870  11.414  1.00 40.79 ? 71  THR A CG2 1 
ATOM   307  N N   . TYR A 1 67  ? 3.181   -11.705 9.382   1.00 42.13 ? 72  TYR A N   1 
ATOM   308  C CA  . TYR A 1 67  ? 3.056   -13.148 9.547   1.00 41.06 ? 72  TYR A CA  1 
ATOM   309  C C   . TYR A 1 67  ? 2.296   -13.748 8.393   1.00 40.48 ? 72  TYR A C   1 
ATOM   310  O O   . TYR A 1 67  ? 1.442   -14.593 8.573   1.00 40.31 ? 72  TYR A O   1 
ATOM   311  C CB  . TYR A 1 67  ? 2.400   -13.494 10.891  1.00 41.46 ? 72  TYR A CB  1 
ATOM   312  C CG  . TYR A 1 67  ? 3.276   -13.182 12.092  1.00 42.32 ? 72  TYR A CG  1 
ATOM   313  C CD1 . TYR A 1 67  ? 4.298   -14.046 12.472  1.00 36.10 ? 72  TYR A CD1 1 
ATOM   314  C CD2 . TYR A 1 67  ? 3.107   -11.996 12.830  1.00 33.52 ? 72  TYR A CD2 1 
ATOM   315  C CE1 . TYR A 1 67  ? 5.099   -13.754 13.554  1.00 39.34 ? 72  TYR A CE1 1 
ATOM   316  C CE2 . TYR A 1 67  ? 3.888   -11.717 13.887  1.00 37.52 ? 72  TYR A CE2 1 
ATOM   317  C CZ  . TYR A 1 67  ? 4.885   -12.605 14.268  1.00 38.77 ? 72  TYR A CZ  1 
ATOM   318  O OH  . TYR A 1 67  ? 5.673   -12.346 15.387  1.00 39.57 ? 72  TYR A OH  1 
ATOM   319  N N   . CYS A 1 68  ? 2.626   -13.285 7.196   1.00 42.05 ? 73  CYS A N   1 
ATOM   320  C CA  . CYS A 1 68  ? 2.031   -13.754 5.952   1.00 41.16 ? 73  CYS A CA  1 
ATOM   321  C C   . CYS A 1 68  ? 3.142   -14.465 5.214   1.00 43.08 ? 73  CYS A C   1 
ATOM   322  O O   . CYS A 1 68  ? 4.284   -14.070 5.358   1.00 46.51 ? 73  CYS A O   1 
ATOM   323  C CB  . CYS A 1 68  ? 1.597   -12.543 5.127   1.00 44.36 ? 73  CYS A CB  1 
ATOM   324  S SG  . CYS A 1 68  ? 0.675   -12.935 3.621   1.00 48.99 ? 73  CYS A SG  1 
ATOM   325  N N   . GLY A 1 69  ? 2.826   -15.489 4.418   1.00 43.82 ? 74  GLY A N   1 
ATOM   326  C CA  . GLY A 1 69  ? 3.773   -16.046 3.447   1.00 41.90 ? 74  GLY A CA  1 
ATOM   327  C C   . GLY A 1 69  ? 4.411   -14.976 2.574   1.00 43.72 ? 74  GLY A C   1 
ATOM   328  O O   . GLY A 1 69  ? 5.605   -15.033 2.268   1.00 44.22 ? 74  GLY A O   1 
ATOM   329  N N   . LEU A 1 70  ? 3.643   -13.946 2.233   1.00 41.13 ? 75  LEU A N   1 
ATOM   330  C CA  . LEU A 1 70  ? 4.149   -12.872 1.374   1.00 39.13 ? 75  LEU A CA  1 
ATOM   331  C C   . LEU A 1 70  ? 5.138   -11.925 2.078   1.00 41.67 ? 75  LEU A C   1 
ATOM   332  O O   . LEU A 1 70  ? 5.757   -11.076 1.450   1.00 41.36 ? 75  LEU A O   1 
ATOM   333  C CB  . LEU A 1 70  ? 2.982   -12.096 0.811   1.00 44.28 ? 75  LEU A CB  1 
ATOM   334  C CG  . LEU A 1 70  ? 2.155   -12.867 -0.196  1.00 41.92 ? 75  LEU A CG  1 
ATOM   335  C CD1 . LEU A 1 70  ? 0.798   -12.172 -0.426  1.00 48.34 ? 75  LEU A CD1 1 
ATOM   336  C CD2 . LEU A 1 70  ? 2.943   -12.982 -1.472  1.00 40.04 ? 75  LEU A CD2 1 
ATOM   337  N N   . THR A 1 71  ? 5.267   -12.042 3.388   1.00 40.23 ? 76  THR A N   1 
ATOM   338  C CA  . THR A 1 71  ? 6.161   -11.161 4.174   1.00 39.09 ? 76  THR A CA  1 
ATOM   339  C C   . THR A 1 71  ? 7.603   -11.297 3.689   1.00 43.13 ? 76  THR A C   1 
ATOM   340  O O   . THR A 1 71  ? 8.384   -10.339 3.774   1.00 39.83 ? 76  THR A O   1 
ATOM   341  C CB  . THR A 1 71  ? 6.012   -11.462 5.693   1.00 43.95 ? 76  THR A CB  1 
ATOM   342  O OG1 . THR A 1 71  ? 4.659   -11.167 6.058   1.00 43.43 ? 76  THR A OG1 1 
ATOM   343  C CG2 . THR A 1 71  ? 6.974   -10.615 6.575   1.00 34.77 ? 76  THR A CG2 1 
ATOM   344  N N   . ALA A 1 72  ? 7.915   -12.488 3.155   1.00 41.92 ? 77  ALA A N   1 
ATOM   345  C CA  . ALA A 1 72  ? 9.178   -12.798 2.467   1.00 41.97 ? 77  ALA A CA  1 
ATOM   346  C C   . ALA A 1 72  ? 9.570   -11.822 1.381   1.00 40.31 ? 77  ALA A C   1 
ATOM   347  O O   . ALA A 1 72  ? 10.750  -11.777 1.024   1.00 37.59 ? 77  ALA A O   1 
ATOM   348  C CB  . ALA A 1 72  ? 9.097   -14.202 1.839   1.00 40.10 ? 77  ALA A CB  1 
ATOM   349  N N   . GLN A 1 73  ? 8.606   -11.068 0.839   1.00 37.06 ? 78  GLN A N   1 
ATOM   350  C CA  . GLN A 1 73  ? 8.866   -10.111 -0.251  1.00 41.38 ? 78  GLN A CA  1 
ATOM   351  C C   . GLN A 1 73  ? 9.342   -8.740  0.192   1.00 40.32 ? 78  GLN A C   1 
ATOM   352  O O   . GLN A 1 73  ? 9.661   -7.899  -0.627  1.00 43.60 ? 78  GLN A O   1 
ATOM   353  C CB  . GLN A 1 73  ? 7.626   -9.952  -1.134  1.00 40.05 ? 78  GLN A CB  1 
ATOM   354  C CG  . GLN A 1 73  ? 6.633   -8.884  -0.730  1.00 45.43 ? 78  GLN A CG  1 
ATOM   355  C CD  . GLN A 1 73  ? 5.426   -8.851  -1.669  1.00 43.77 ? 78  GLN A CD  1 
ATOM   356  O OE1 . GLN A 1 73  ? 4.869   -7.785  -1.953  1.00 43.62 ? 78  GLN A OE1 1 
ATOM   357  N NE2 . GLN A 1 73  ? 5.058   -10.009 -2.192  1.00 42.00 ? 78  GLN A NE2 1 
ATOM   358  N N   . TYR A 1 74  ? 9.386   -8.512  1.491   1.00 38.87 ? 79  TYR A N   1 
ATOM   359  C CA  . TYR A 1 74  ? 9.892   -7.264  2.040   1.00 39.24 ? 79  TYR A CA  1 
ATOM   360  C C   . TYR A 1 74  ? 11.266  -6.818  1.497   1.00 41.49 ? 79  TYR A C   1 
ATOM   361  O O   . TYR A 1 74  ? 11.448  -5.651  1.159   1.00 40.39 ? 79  TYR A O   1 
ATOM   362  C CB  . TYR A 1 74  ? 9.950   -7.396  3.572   1.00 43.13 ? 79  TYR A CB  1 
ATOM   363  C CG  . TYR A 1 74  ? 8.881   -6.635  4.323   1.00 40.78 ? 79  TYR A CG  1 
ATOM   364  C CD1 . TYR A 1 74  ? 8.879   -5.236  4.353   1.00 45.98 ? 79  TYR A CD1 1 
ATOM   365  C CD2 . TYR A 1 74  ? 7.892   -7.306  5.054   1.00 45.13 ? 79  TYR A CD2 1 
ATOM   366  C CE1 . TYR A 1 74  ? 7.898   -4.535  5.056   1.00 41.18 ? 79  TYR A CE1 1 
ATOM   367  C CE2 . TYR A 1 74  ? 6.916   -6.607  5.763   1.00 42.95 ? 79  TYR A CE2 1 
ATOM   368  C CZ  . TYR A 1 74  ? 6.932   -5.227  5.769   1.00 46.20 ? 79  TYR A CZ  1 
ATOM   369  O OH  . TYR A 1 74  ? 5.989   -4.530  6.505   1.00 46.02 ? 79  TYR A OH  1 
ATOM   370  N N   . PRO A 1 75  ? 12.249  -7.736  1.450   1.00 38.98 ? 80  PRO A N   1 
ATOM   371  C CA  . PRO A 1 75  ? 13.533  -7.390  0.844   1.00 41.89 ? 80  PRO A CA  1 
ATOM   372  C C   . PRO A 1 75  ? 13.455  -7.118  -0.654  1.00 39.46 ? 80  PRO A C   1 
ATOM   373  O O   . PRO A 1 75  ? 14.305  -6.396  -1.203  1.00 40.45 ? 80  PRO A O   1 
ATOM   374  C CB  . PRO A 1 75  ? 14.426  -8.597  1.159   1.00 39.47 ? 80  PRO A CB  1 
ATOM   375  C CG  . PRO A 1 75  ? 13.535  -9.670  1.515   1.00 44.55 ? 80  PRO A CG  1 
ATOM   376  C CD  . PRO A 1 75  ? 12.250  -9.100  2.003   1.00 41.94 ? 80  PRO A CD  1 
ATOM   377  N N   . GLU A 1 76  ? 12.458  -7.688  -1.319  1.00 35.56 ? 81  GLU A N   1 
ATOM   378  C CA  . GLU A 1 76  ? 12.217  -7.394  -2.714  1.00 42.59 ? 81  GLU A CA  1 
ATOM   379  C C   . GLU A 1 76  ? 11.641  -5.997  -2.867  1.00 41.76 ? 81  GLU A C   1 
ATOM   380  O O   . GLU A 1 76  ? 11.917  -5.318  -3.859  1.00 42.67 ? 81  GLU A O   1 
ATOM   381  C CB  . GLU A 1 76  ? 11.315  -8.450  -3.349  1.00 46.62 ? 81  GLU A CB  1 
ATOM   382  C CG  . GLU A 1 76  ? 11.992  -9.792  -3.392  1.00 45.22 ? 81  GLU A CG  1 
ATOM   383  C CD  . GLU A 1 76  ? 11.118  -10.850 -3.981  1.00 52.07 ? 81  GLU A CD  1 
ATOM   384  O OE1 . GLU A 1 76  ? 10.990  -10.866 -5.219  1.00 71.18 ? 81  GLU A OE1 1 
ATOM   385  O OE2 . GLU A 1 76  ? 10.598  -11.692 -3.225  1.00 51.38 ? 81  GLU A OE2 1 
ATOM   386  N N   . LEU A 1 77  ? 10.904  -5.546  -1.863  1.00 38.91 ? 82  LEU A N   1 
ATOM   387  C CA  . LEU A 1 77  ? 10.345  -4.203  -1.858  1.00 38.24 ? 82  LEU A CA  1 
ATOM   388  C C   . LEU A 1 77  ? 11.411  -3.173  -1.587  1.00 40.73 ? 82  LEU A C   1 
ATOM   389  O O   . LEU A 1 77  ? 11.421  -2.120  -2.213  1.00 38.07 ? 82  LEU A O   1 
ATOM   390  C CB  . LEU A 1 77  ? 9.185   -4.089  -0.875  1.00 41.51 ? 82  LEU A CB  1 
ATOM   391  C CG  . LEU A 1 77  ? 7.886   -4.817  -1.281  1.00 41.82 ? 82  LEU A CG  1 
ATOM   392  C CD1 . LEU A 1 77  ? 6.906   -4.747  -0.144  1.00 45.38 ? 82  LEU A CD1 1 
ATOM   393  C CD2 . LEU A 1 77  ? 7.289   -4.248  -2.580  1.00 44.08 ? 82  LEU A CD2 1 
ATOM   394  N N   . ASN A 1 78  ? 12.328  -3.494  -0.679  1.00 44.16 ? 83  ASN A N   1 
ATOM   395  C CA  . ASN A 1 78  ? 13.513  -2.691  -0.436  1.00 41.09 ? 83  ASN A CA  1 
ATOM   396  C C   . ASN A 1 78  ? 14.324  -2.510  -1.705  1.00 39.84 ? 83  ASN A C   1 
ATOM   397  O O   . ASN A 1 78  ? 14.727  -1.388  -2.026  1.00 40.42 ? 83  ASN A O   1 
ATOM   398  C CB  . ASN A 1 78  ? 14.416  -3.343  0.627   1.00 44.39 ? 83  ASN A CB  1 
ATOM   399  C CG  . ASN A 1 78  ? 14.067  -2.941  2.061   1.00 41.69 ? 83  ASN A CG  1 
ATOM   400  O OD1 . ASN A 1 78  ? 12.959  -2.506  2.358   1.00 40.85 ? 83  ASN A OD1 1 
ATOM   401  N ND2 . ASN A 1 78  ? 15.045  -3.088  2.961   1.00 40.55 ? 83  ASN A ND2 1 
ATOM   402  N N   . ALA A 1 79  ? 14.565  -3.614  -2.416  1.00 38.92 ? 84  ALA A N   1 
ATOM   403  C CA  . ALA A 1 79  ? 15.314  -3.605  -3.681  1.00 40.37 ? 84  ALA A CA  1 
ATOM   404  C C   . ALA A 1 79  ? 14.629  -2.791  -4.762  1.00 39.32 ? 84  ALA A C   1 
ATOM   405  O O   . ALA A 1 79  ? 15.282  -2.041  -5.497  1.00 38.99 ? 84  ALA A O   1 
ATOM   406  C CB  . ALA A 1 79  ? 15.539  -5.003  -4.164  1.00 41.37 ? 84  ALA A CB  1 
ATOM   407  N N   . LEU A 1 80  ? 13.320  -2.949  -4.881  1.00 38.32 ? 85  LEU A N   1 
ATOM   408  C CA  . LEU A 1 80  ? 12.522  -2.168  -5.830  1.00 42.07 ? 85  LEU A CA  1 
ATOM   409  C C   . LEU A 1 80  ? 12.697  -0.660  -5.573  1.00 41.30 ? 85  LEU A C   1 
ATOM   410  O O   . LEU A 1 80  ? 13.046  0.088   -6.482  1.00 41.81 ? 85  LEU A O   1 
ATOM   411  C CB  . LEU A 1 80  ? 11.043  -2.581  -5.743  1.00 42.67 ? 85  LEU A CB  1 
ATOM   412  C CG  . LEU A 1 80  ? 9.973   -1.855  -6.555  1.00 38.10 ? 85  LEU A CG  1 
ATOM   413  C CD1 . LEU A 1 80  ? 10.301  -1.800  -8.026  1.00 51.39 ? 85  LEU A CD1 1 
ATOM   414  C CD2 . LEU A 1 80  ? 8.640   -2.523  -6.332  1.00 45.50 ? 85  LEU A CD2 1 
ATOM   415  N N   . GLN A 1 81  ? 12.487  -0.258  -4.314  1.00 42.26 ? 86  GLN A N   1 
ATOM   416  C CA  . GLN A 1 81  ? 12.668  1.124   -3.852  1.00 39.94 ? 86  GLN A CA  1 
ATOM   417  C C   . GLN A 1 81  ? 14.062  1.672   -4.108  1.00 40.85 ? 86  GLN A C   1 
ATOM   418  O O   . GLN A 1 81  ? 14.206  2.791   -4.615  1.00 42.82 ? 86  GLN A O   1 
ATOM   419  C CB  . GLN A 1 81  ? 12.364  1.226   -2.348  1.00 40.15 ? 86  GLN A CB  1 
ATOM   420  C CG  . GLN A 1 81  ? 12.563  2.631   -1.726  1.00 39.54 ? 86  GLN A CG  1 
ATOM   421  C CD  . GLN A 1 81  ? 11.662  3.721   -2.331  1.00 39.57 ? 86  GLN A CD  1 
ATOM   422  O OE1 . GLN A 1 81  ? 10.654  4.139   -1.726  1.00 39.75 ? 86  GLN A OE1 1 
ATOM   423  N NE2 . GLN A 1 81  ? 12.011  4.171   -3.536  1.00 36.24 ? 86  GLN A NE2 1 
ATOM   424  N N   . GLU A 1 82  ? 15.086  0.909   -3.735  1.00 43.70 ? 87  GLU A N   1 
ATOM   425  C CA  . GLU A 1 82  ? 16.489  1.272   -4.047  1.00 47.08 ? 87  GLU A CA  1 
ATOM   426  C C   . GLU A 1 82  ? 16.687  1.555   -5.534  1.00 49.09 ? 87  GLU A C   1 
ATOM   427  O O   . GLU A 1 82  ? 17.148  2.636   -5.939  1.00 43.50 ? 87  GLU A O   1 
ATOM   428  C CB  . GLU A 1 82  ? 17.462  0.147   -3.645  1.00 49.10 ? 87  GLU A CB  1 
ATOM   429  C CG  . GLU A 1 82  ? 18.276  0.402   -2.373  1.00 63.59 ? 87  GLU A CG  1 
ATOM   430  C CD  . GLU A 1 82  ? 17.456  0.313   -1.087  1.00 73.65 ? 87  GLU A CD  1 
ATOM   431  O OE1 . GLU A 1 82  ? 17.150  -0.820  -0.623  1.00 72.43 ? 87  GLU A OE1 1 
ATOM   432  O OE2 . GLU A 1 82  ? 17.145  1.388   -0.519  1.00 82.48 ? 87  GLU A OE2 1 
ATOM   433  N N   . GLU A 1 83  ? 16.359  0.545   -6.332  1.00 51.23 ? 88  GLU A N   1 
ATOM   434  C CA  . GLU A 1 83  ? 16.515  0.576   -7.781  1.00 52.19 ? 88  GLU A CA  1 
ATOM   435  C C   . GLU A 1 83  ? 15.823  1.773   -8.434  1.00 48.89 ? 88  GLU A C   1 
ATOM   436  O O   . GLU A 1 83  ? 16.378  2.394   -9.300  1.00 46.68 ? 88  GLU A O   1 
ATOM   437  C CB  . GLU A 1 83  ? 15.896  -0.689  -8.382  1.00 56.95 ? 88  GLU A CB  1 
ATOM   438  C CG  . GLU A 1 83  ? 16.835  -1.769  -8.901  1.00 62.06 ? 88  GLU A CG  1 
ATOM   439  C CD  . GLU A 1 83  ? 16.197  -2.499  -10.099 1.00 59.55 ? 88  GLU A CD  1 
ATOM   440  O OE1 . GLU A 1 83  ? 15.593  -3.595  -9.923  1.00 53.64 ? 88  GLU A OE1 1 
ATOM   441  O OE2 . GLU A 1 83  ? 16.249  -1.925  -11.208 1.00 49.69 ? 88  GLU A OE2 1 
ATOM   442  N N   . LEU A 1 84  ? 14.588  2.063   -8.036  1.00 49.14 ? 89  LEU A N   1 
ATOM   443  C CA  . LEU A 1 84  ? 13.758  3.041   -8.736  1.00 48.35 ? 89  LEU A CA  1 
ATOM   444  C C   . LEU A 1 84  ? 13.596  4.394   -8.023  1.00 49.25 ? 89  LEU A C   1 
ATOM   445  O O   . LEU A 1 84  ? 12.863  5.266   -8.518  1.00 48.26 ? 89  LEU A O   1 
ATOM   446  C CB  . LEU A 1 84  ? 12.378  2.449   -9.036  1.00 45.97 ? 89  LEU A CB  1 
ATOM   447  C CG  . LEU A 1 84  ? 12.301  1.140   -9.834  1.00 53.86 ? 89  LEU A CG  1 
ATOM   448  C CD1 . LEU A 1 84  ? 10.897  0.925   -10.372 1.00 57.13 ? 89  LEU A CD1 1 
ATOM   449  C CD2 . LEU A 1 84  ? 13.290  1.130   -10.969 1.00 50.40 ? 89  LEU A CD2 1 
ATOM   450  N N   . LYS A 1 85  ? 14.275  4.592   -6.892  1.00 48.71 ? 90  LYS A N   1 
ATOM   451  C CA  . LYS A 1 85  ? 14.232  5.902   -6.237  1.00 49.16 ? 90  LYS A CA  1 
ATOM   452  C C   . LYS A 1 85  ? 14.671  7.001   -7.208  1.00 46.16 ? 90  LYS A C   1 
ATOM   453  O O   . LYS A 1 85  ? 13.995  8.017   -7.311  1.00 43.72 ? 90  LYS A O   1 
ATOM   454  C CB  . LYS A 1 85  ? 15.071  5.960   -4.949  1.00 48.36 ? 90  LYS A CB  1 
ATOM   455  C CG  . LYS A 1 85  ? 14.805  7.220   -4.105  1.00 50.36 ? 90  LYS A CG  1 
ATOM   456  C CD  . LYS A 1 85  ? 15.342  7.109   -2.646  1.00 51.32 ? 90  LYS A CD  1 
ATOM   457  C CE  . LYS A 1 85  ? 14.302  6.605   -1.660  1.00 47.11 ? 90  LYS A CE  1 
ATOM   458  N N   . PRO A 1 86  ? 15.783  6.790   -7.946  1.00 47.71 ? 91  PRO A N   1 
ATOM   459  C CA  . PRO A 1 86  ? 16.261  7.828   -8.873  1.00 47.77 ? 91  PRO A CA  1 
ATOM   460  C C   . PRO A 1 86  ? 15.272  8.211   -9.987  1.00 47.33 ? 91  PRO A C   1 
ATOM   461  O O   . PRO A 1 86  ? 15.385  9.307   -10.573 1.00 42.02 ? 91  PRO A O   1 
ATOM   462  C CB  . PRO A 1 86  ? 17.532  7.206   -9.478  1.00 48.43 ? 91  PRO A CB  1 
ATOM   463  C CG  . PRO A 1 86  ? 17.957  6.178   -8.509  1.00 48.71 ? 91  PRO A CG  1 
ATOM   464  C CD  . PRO A 1 86  ? 16.674  5.614   -7.961  1.00 49.93 ? 91  PRO A CD  1 
ATOM   465  N N   . TYR A 1 87  ? 14.335  7.312   -10.270 1.00 43.35 ? 92  TYR A N   1 
ATOM   466  C CA  . TYR A 1 87  ? 13.308  7.500   -11.279 1.00 45.82 ? 92  TYR A CA  1 
ATOM   467  C C   . TYR A 1 87  ? 12.082  8.176   -10.656 1.00 44.15 ? 92  TYR A C   1 
ATOM   468  O O   . TYR A 1 87  ? 11.069  8.352   -11.332 1.00 42.68 ? 92  TYR A O   1 
ATOM   469  C CB  . TYR A 1 87  ? 12.883  6.123   -11.851 1.00 54.04 ? 92  TYR A CB  1 
ATOM   470  C CG  . TYR A 1 87  ? 13.946  5.389   -12.651 1.00 62.95 ? 92  TYR A CG  1 
ATOM   471  C CD1 . TYR A 1 87  ? 15.164  5.007   -12.069 1.00 68.27 ? 92  TYR A CD1 1 
ATOM   472  C CD2 . TYR A 1 87  ? 13.739  5.078   -14.004 1.00 76.79 ? 92  TYR A CD2 1 
ATOM   473  C CE1 . TYR A 1 87  ? 16.148  4.348   -12.810 1.00 74.36 ? 92  TYR A CE1 1 
ATOM   474  C CE2 . TYR A 1 87  ? 14.718  4.416   -14.757 1.00 78.88 ? 92  TYR A CE2 1 
ATOM   475  C CZ  . TYR A 1 87  ? 15.918  4.056   -14.150 1.00 77.22 ? 92  TYR A CZ  1 
ATOM   476  O OH  . TYR A 1 87  ? 16.886  3.404   -14.881 1.00 75.59 ? 92  TYR A OH  1 
ATOM   477  N N   . GLY A 1 88  ? 12.133  8.476   -9.352  1.00 43.20 ? 93  GLY A N   1 
ATOM   478  C CA  . GLY A 1 88  ? 11.041  9.177   -8.667  1.00 42.63 ? 93  GLY A CA  1 
ATOM   479  C C   . GLY A 1 88  ? 9.955   8.310   -8.057  1.00 45.53 ? 93  GLY A C   1 
ATOM   480  O O   . GLY A 1 88  ? 8.837   8.781   -7.835  1.00 46.79 ? 93  GLY A O   1 
ATOM   481  N N   . LEU A 1 89  ? 10.286  7.053   -7.766  1.00 44.86 ? 94  LEU A N   1 
ATOM   482  C CA  . LEU A 1 89  ? 9.360   6.145   -7.121  1.00 46.56 ? 94  LEU A CA  1 
ATOM   483  C C   . LEU A 1 89  ? 9.521   6.226   -5.611  1.00 42.50 ? 94  LEU A C   1 
ATOM   484  O O   . LEU A 1 89  ? 10.637  6.161   -5.098  1.00 38.52 ? 94  LEU A O   1 
ATOM   485  C CB  . LEU A 1 89  ? 9.586   4.697   -7.567  1.00 48.42 ? 94  LEU A CB  1 
ATOM   486  C CG  . LEU A 1 89  ? 8.613   3.645   -6.989  1.00 48.55 ? 94  LEU A CG  1 
ATOM   487  C CD1 . LEU A 1 89  ? 7.382   3.504   -7.878  1.00 49.86 ? 94  LEU A CD1 1 
ATOM   488  C CD2 . LEU A 1 89  ? 9.314   2.294   -6.788  1.00 45.88 ? 94  LEU A CD2 1 
ATOM   489  N N   . VAL A 1 90  ? 8.385   6.341   -4.925  1.00 43.06 ? 95  VAL A N   1 
ATOM   490  C CA  . VAL A 1 90  ? 8.304   6.257   -3.464  1.00 42.29 ? 95  VAL A CA  1 
ATOM   491  C C   . VAL A 1 90  ? 7.377   5.093   -3.067  1.00 42.88 ? 95  VAL A C   1 
ATOM   492  O O   . VAL A 1 90  ? 6.214   5.072   -3.467  1.00 44.79 ? 95  VAL A O   1 
ATOM   493  C CB  . VAL A 1 90  ? 7.733   7.598   -2.879  1.00 40.38 ? 95  VAL A CB  1 
ATOM   494  C CG1 . VAL A 1 90  ? 7.691   7.569   -1.349  1.00 47.38 ? 95  VAL A CG1 1 
ATOM   495  C CG2 . VAL A 1 90  ? 8.525   8.807   -3.396  1.00 42.74 ? 95  VAL A CG2 1 
ATOM   496  N N   . VAL A 1 91  ? 7.900   4.130   -2.300  1.00 40.21 ? 96  VAL A N   1 
ATOM   497  C CA  . VAL A 1 91  ? 7.109   3.055   -1.721  1.00 42.44 ? 96  VAL A CA  1 
ATOM   498  C C   . VAL A 1 91  ? 6.563   3.433   -0.307  1.00 40.55 ? 96  VAL A C   1 
ATOM   499  O O   . VAL A 1 91  ? 7.261   3.991   0.533   1.00 40.79 ? 96  VAL A O   1 
ATOM   500  C CB  . VAL A 1 91  ? 7.911   1.683   -1.695  1.00 41.81 ? 96  VAL A CB  1 
ATOM   501  C CG1 . VAL A 1 91  ? 7.048   0.537   -1.204  1.00 44.56 ? 96  VAL A CG1 1 
ATOM   502  C CG2 . VAL A 1 91  ? 8.491   1.354   -3.074  1.00 39.76 ? 96  VAL A CG2 1 
ATOM   503  N N   . LEU A 1 92  ? 5.293   3.144   -0.068  1.00 37.54 ? 97  LEU A N   1 
ATOM   504  C CA  . LEU A 1 92  ? 4.645   3.437   1.217   1.00 38.03 ? 97  LEU A CA  1 
ATOM   505  C C   . LEU A 1 92  ? 3.947   2.174   1.712   1.00 39.79 ? 97  LEU A C   1 
ATOM   506  O O   . LEU A 1 92  ? 3.184   1.564   0.969   1.00 42.07 ? 97  LEU A O   1 
ATOM   507  C CB  . LEU A 1 92  ? 3.602   4.550   1.060   1.00 41.65 ? 97  LEU A CB  1 
ATOM   508  C CG  . LEU A 1 92  ? 4.039   5.895   0.477   1.00 42.11 ? 97  LEU A CG  1 
ATOM   509  C CD1 . LEU A 1 92  ? 2.863   6.874   0.395   1.00 36.94 ? 97  LEU A CD1 1 
ATOM   510  C CD2 . LEU A 1 92  ? 5.209   6.446   1.298   1.00 39.94 ? 97  LEU A CD2 1 
ATOM   511  N N   . GLY A 1 93  ? 4.217   1.799   2.955   1.00 39.64 ? 98  GLY A N   1 
ATOM   512  C CA  . GLY A 1 93  ? 3.713   0.564   3.523   1.00 42.85 ? 98  GLY A CA  1 
ATOM   513  C C   . GLY A 1 93  ? 2.741   0.807   4.635   1.00 41.77 ? 98  GLY A C   1 
ATOM   514  O O   . GLY A 1 93  ? 3.030   1.564   5.564   1.00 40.77 ? 98  GLY A O   1 
ATOM   515  N N   . PHE A 1 94  ? 1.616   0.094   4.556   1.00 43.26 ? 99  PHE A N   1 
ATOM   516  C CA  . PHE A 1 94  ? 0.469   0.270   5.428   1.00 44.21 ? 99  PHE A CA  1 
ATOM   517  C C   . PHE A 1 94  ? 0.135   -1.037  6.121   1.00 42.60 ? 99  PHE A C   1 
ATOM   518  O O   . PHE A 1 94  ? -0.451  -1.934  5.514   1.00 42.06 ? 99  PHE A O   1 
ATOM   519  C CB  . PHE A 1 94  ? -0.709  0.807   4.606   1.00 45.74 ? 99  PHE A CB  1 
ATOM   520  C CG  . PHE A 1 94  ? -0.542  2.263   4.257   1.00 46.24 ? 99  PHE A CG  1 
ATOM   521  C CD1 . PHE A 1 94  ? -1.032  3.238   5.102   1.00 41.10 ? 99  PHE A CD1 1 
ATOM   522  C CD2 . PHE A 1 94  ? 0.153   2.654   3.118   1.00 46.93 ? 99  PHE A CD2 1 
ATOM   523  C CE1 . PHE A 1 94  ? -0.843  4.596   4.802   1.00 47.28 ? 99  PHE A CE1 1 
ATOM   524  C CE2 . PHE A 1 94  ? 0.360   4.008   2.823   1.00 41.11 ? 99  PHE A CE2 1 
ATOM   525  C CZ  . PHE A 1 94  ? -0.161  4.967   3.655   1.00 49.40 ? 99  PHE A CZ  1 
ATOM   526  N N   . PRO A 1 95  ? 0.585   -1.181  7.375   1.00 43.14 ? 100 PRO A N   1 
ATOM   527  C CA  . PRO A 1 95  ? 0.224   -2.375  8.143   1.00 43.21 ? 100 PRO A CA  1 
ATOM   528  C C   . PRO A 1 95  ? -1.277  -2.482  8.353   1.00 39.59 ? 100 PRO A C   1 
ATOM   529  O O   . PRO A 1 95  ? -1.981  -1.488  8.658   1.00 44.30 ? 100 PRO A O   1 
ATOM   530  C CB  . PRO A 1 95  ? 0.927   -2.173  9.497   1.00 45.48 ? 100 PRO A CB  1 
ATOM   531  C CG  . PRO A 1 95  ? 2.061   -1.164  9.190   1.00 39.33 ? 100 PRO A CG  1 
ATOM   532  C CD  . PRO A 1 95  ? 1.448   -0.265  8.140   1.00 42.20 ? 100 PRO A CD  1 
ATOM   533  N N   . CYS A 1 96  ? -1.754  -3.695  8.239   1.00 44.86 ? 101 CYS A N   1 
ATOM   534  C CA  . CYS A 1 96  ? -3.152  -3.974  8.346   1.00 44.65 ? 101 CYS A CA  1 
ATOM   535  C C   . CYS A 1 96  ? -3.342  -5.397  8.916   1.00 47.54 ? 101 CYS A C   1 
ATOM   536  O O   . CYS A 1 96  ? -2.663  -6.346  8.462   1.00 43.67 ? 101 CYS A O   1 
ATOM   537  C CB  . CYS A 1 96  ? -3.809  -3.834  6.972   1.00 47.11 ? 101 CYS A CB  1 
ATOM   538  S SG  . CYS A 1 96  ? -5.612  -4.153  6.978   1.00 43.40 ? 101 CYS A SG  1 
ATOM   539  N N   . ASN A 1 97  ? -4.292  -5.544  9.847   1.00 43.14 ? 102 ASN A N   1 
ATOM   540  C CA  . ASN A 1 97  ? -4.525  -6.823  10.523  1.00 39.55 ? 102 ASN A CA  1 
ATOM   541  C C   . ASN A 1 97  ? -5.792  -7.534  10.064  1.00 43.27 ? 102 ASN A C   1 
ATOM   542  O O   . ASN A 1 97  ? -6.318  -8.362  10.787  1.00 42.08 ? 102 ASN A O   1 
ATOM   543  C CB  . ASN A 1 97  ? -4.566  -6.608  12.051  1.00 45.09 ? 102 ASN A CB  1 
ATOM   544  C CG  . ASN A 1 97  ? -4.349  -7.885  12.852  1.00 43.09 ? 102 ASN A CG  1 
ATOM   545  O OD1 . ASN A 1 97  ? -3.591  -8.742  12.442  1.00 40.64 ? 102 ASN A OD1 1 
ATOM   546  N ND2 . ASN A 1 97  ? -5.010  -8.000  14.033  1.00 38.60 ? 102 ASN A ND2 1 
ATOM   547  N N   . GLN A 1 98  ? -6.280  -7.223  8.858   1.00 43.26 ? 103 GLN A N   1 
ATOM   548  C CA  . GLN A 1 98  ? -7.590  -7.687  8.429   1.00 39.63 ? 103 GLN A CA  1 
ATOM   549  C C   . GLN A 1 98  ? -7.563  -8.970  7.648   1.00 41.84 ? 103 GLN A C   1 
ATOM   550  O O   . GLN A 1 98  ? -8.622  -9.556  7.343   1.00 40.52 ? 103 GLN A O   1 
ATOM   551  C CB  . GLN A 1 98  ? -8.290  -6.609  7.629   1.00 39.92 ? 103 GLN A CB  1 
ATOM   552  C CG  . GLN A 1 98  ? -8.739  -5.382  8.462   1.00 41.64 ? 103 GLN A CG  1 
ATOM   553  C CD  . GLN A 1 98  ? -9.559  -4.452  7.614   1.00 40.40 ? 103 GLN A CD  1 
ATOM   554  O OE1 . GLN A 1 98  ? -9.063  -3.861  6.661   1.00 42.97 ? 103 GLN A OE1 1 
ATOM   555  N NE2 . GLN A 1 98  ? -10.831 -4.429  7.865   1.00 37.75 ? 103 GLN A NE2 1 
ATOM   556  N N   . PHE A 1 99  ? -6.353  -9.429  7.333   1.00 41.76 ? 104 PHE A N   1 
ATOM   557  C CA  . PHE A 1 99  ? -6.188  -10.522 6.387   1.00 41.40 ? 104 PHE A CA  1 
ATOM   558  C C   . PHE A 1 99  ? -5.475  -11.638 7.132   1.00 44.29 ? 104 PHE A C   1 
ATOM   559  O O   . PHE A 1 99  ? -4.249  -11.700 7.191   1.00 40.99 ? 104 PHE A O   1 
ATOM   560  C CB  . PHE A 1 99  ? -5.399  -10.031 5.165   1.00 40.73 ? 104 PHE A CB  1 
ATOM   561  C CG  . PHE A 1 99  ? -5.987  -8.816  4.530   1.00 38.90 ? 104 PHE A CG  1 
ATOM   562  C CD1 . PHE A 1 99  ? -7.145  -8.915  3.791   1.00 39.16 ? 104 PHE A CD1 1 
ATOM   563  C CD2 . PHE A 1 99  ? -5.419  -7.566  4.713   1.00 42.64 ? 104 PHE A CD2 1 
ATOM   564  C CE1 . PHE A 1 99  ? -7.712  -7.788  3.217   1.00 41.06 ? 104 PHE A CE1 1 
ATOM   565  C CE2 . PHE A 1 99  ? -5.980  -6.450  4.111   1.00 39.73 ? 104 PHE A CE2 1 
ATOM   566  C CZ  . PHE A 1 99  ? -7.129  -6.569  3.392   1.00 40.99 ? 104 PHE A CZ  1 
ATOM   567  N N   . GLY A 1 100 ? -6.273  -12.500 7.740   1.00 42.48 ? 105 GLY A N   1 
ATOM   568  C CA  . GLY A 1 100 ? -5.755  -13.635 8.495   1.00 43.82 ? 105 GLY A CA  1 
ATOM   569  C C   . GLY A 1 100 ? -5.202  -13.213 9.840   1.00 41.66 ? 105 GLY A C   1 
ATOM   570  O O   . GLY A 1 100 ? -4.504  -13.991 10.489  1.00 41.33 ? 105 GLY A O   1 
ATOM   571  N N   . LYS A 1 101 ? -5.479  -11.987 10.251  1.00 44.20 ? 106 LYS A N   1 
ATOM   572  C CA  . LYS A 1 101 ? -4.915  -11.434 11.498  1.00 41.18 ? 106 LYS A CA  1 
ATOM   573  C C   . LYS A 1 101 ? -3.408  -11.639 11.558  1.00 42.20 ? 106 LYS A C   1 
ATOM   574  O O   . LYS A 1 101 ? -2.845  -12.101 12.575  1.00 40.02 ? 106 LYS A O   1 
ATOM   575  C CB  . LYS A 1 101 ? -5.563  -12.037 12.745  1.00 44.21 ? 106 LYS A CB  1 
ATOM   576  C CG  . LYS A 1 101 ? -7.021  -11.708 12.919  1.00 39.33 ? 106 LYS A CG  1 
ATOM   577  C CD  . LYS A 1 101 ? -7.553  -12.273 14.196  1.00 41.89 ? 106 LYS A CD  1 
ATOM   578  C CE  . LYS A 1 101 ? -9.010  -11.860 14.424  1.00 53.96 ? 106 LYS A CE  1 
ATOM   579  N NZ  . LYS A 1 101 ? -9.877  -13.058 14.401  1.00 69.79 ? 106 LYS A NZ  1 
ATOM   580  N N   . GLN A 1 102 ? -2.765  -11.213 10.491  1.00 39.86 ? 107 GLN A N   1 
ATOM   581  C CA  . GLN A 1 102 ? -1.330  -11.426 10.258  1.00 40.71 ? 107 GLN A CA  1 
ATOM   582  C C   . GLN A 1 102 ? -0.459  -10.219 10.578  1.00 44.12 ? 107 GLN A C   1 
ATOM   583  O O   . GLN A 1 102 ? 0.764   -10.245 10.344  1.00 42.86 ? 107 GLN A O   1 
ATOM   584  C CB  . GLN A 1 102 ? -1.154  -11.942 8.829   1.00 40.50 ? 107 GLN A CB  1 
ATOM   585  C CG  . GLN A 1 102 ? -1.613  -13.389 8.755   1.00 42.59 ? 107 GLN A CG  1 
ATOM   586  C CD  . GLN A 1 102 ? -1.599  -14.001 7.387   1.00 43.87 ? 107 GLN A CD  1 
ATOM   587  O OE1 . GLN A 1 102 ? -1.125  -13.405 6.424   1.00 49.71 ? 107 GLN A OE1 1 
ATOM   588  N NE2 . GLN A 1 102 ? -2.088  -15.230 7.306   1.00 44.71 ? 107 GLN A NE2 1 
ATOM   589  N N   . GLU A 1 103 ? -1.090  -9.179  11.152  1.00 41.45 ? 108 GLU A N   1 
ATOM   590  C CA  . GLU A 1 103 ? -0.372  -8.022  11.758  1.00 42.74 ? 108 GLU A CA  1 
ATOM   591  C C   . GLU A 1 103 ? -0.899  -7.744  13.179  1.00 40.89 ? 108 GLU A C   1 
ATOM   592  O O   . GLU A 1 103 ? -1.540  -6.711  13.467  1.00 44.18 ? 108 GLU A O   1 
ATOM   593  C CB  . GLU A 1 103 ? -0.438  -6.794  10.868  1.00 38.87 ? 108 GLU A CB  1 
ATOM   594  C CG  . GLU A 1 103 ? 0.523   -5.715  11.219  1.00 39.01 ? 108 GLU A CG  1 
ATOM   595  C CD  . GLU A 1 103 ? 1.950   -6.000  10.740  1.00 46.44 ? 108 GLU A CD  1 
ATOM   596  O OE1 . GLU A 1 103 ? 2.562   -6.937  11.274  1.00 44.77 ? 108 GLU A OE1 1 
ATOM   597  O OE2 . GLU A 1 103 ? 2.432   -5.282  9.824   1.00 47.29 ? 108 GLU A OE2 1 
ATOM   598  N N   . PRO A 1 104 ? -0.661  -8.691  14.087  1.00 40.01 ? 109 PRO A N   1 
ATOM   599  C CA  . PRO A 1 104 ? -1.245  -8.526  15.434  1.00 40.33 ? 109 PRO A CA  1 
ATOM   600  C C   . PRO A 1 104 ? -0.587  -7.449  16.303  1.00 42.20 ? 109 PRO A C   1 
ATOM   601  O O   . PRO A 1 104 ? -1.158  -7.057  17.323  1.00 37.97 ? 109 PRO A O   1 
ATOM   602  C CB  . PRO A 1 104 ? -1.008  -9.896  16.073  1.00 40.10 ? 109 PRO A CB  1 
ATOM   603  C CG  . PRO A 1 104 ? 0.214   -10.427 15.344  1.00 38.14 ? 109 PRO A CG  1 
ATOM   604  C CD  . PRO A 1 104 ? 0.090   -9.956  13.958  1.00 42.88 ? 109 PRO A CD  1 
ATOM   605  N N   . GLY A 1 105 ? 0.623   -7.022  15.937  1.00 43.27 ? 110 GLY A N   1 
ATOM   606  C CA  . GLY A 1 105 ? 1.429   -6.164  16.792  1.00 40.50 ? 110 GLY A CA  1 
ATOM   607  C C   . GLY A 1 105 ? 0.887   -4.763  16.943  1.00 42.92 ? 110 GLY A C   1 
ATOM   608  O O   . GLY A 1 105 ? 0.292   -4.211  16.012  1.00 45.52 ? 110 GLY A O   1 
ATOM   609  N N   . ASP A 1 106 ? 1.071   -4.179  18.130  1.00 43.20 ? 111 ASP A N   1 
ATOM   610  C CA  . ASP A 1 106 ? 0.839   -2.736  18.312  1.00 42.55 ? 111 ASP A CA  1 
ATOM   611  C C   . ASP A 1 106 ? 1.846   -1.956  17.447  1.00 44.56 ? 111 ASP A C   1 
ATOM   612  O O   . ASP A 1 106 ? 2.808   -2.530  16.974  1.00 43.99 ? 111 ASP A O   1 
ATOM   613  C CB  . ASP A 1 106 ? 0.944   -2.347  19.764  1.00 45.25 ? 111 ASP A CB  1 
ATOM   614  C CG  . ASP A 1 106 ? -0.126  -3.031  20.630  1.00 46.41 ? 111 ASP A CG  1 
ATOM   615  O OD1 . ASP A 1 106 ? -1.200  -3.416  20.109  1.00 54.30 ? 111 ASP A OD1 1 
ATOM   616  O OD2 . ASP A 1 106 ? 0.129   -3.187  21.816  1.00 46.52 ? 111 ASP A OD2 1 
ATOM   617  N N   . ASN A 1 107 ? 1.623   -0.668  17.218  1.00 45.04 ? 112 ASN A N   1 
ATOM   618  C CA  . ASN A 1 107 ? 2.464   0.055   16.260  1.00 44.42 ? 112 ASN A CA  1 
ATOM   619  C C   . ASN A 1 107 ? 3.955   -0.065  16.638  1.00 42.86 ? 112 ASN A C   1 
ATOM   620  O O   . ASN A 1 107 ? 4.770   -0.414  15.782  1.00 42.29 ? 112 ASN A O   1 
ATOM   621  C CB  . ASN A 1 107 ? 2.021   1.510   16.125  1.00 45.96 ? 112 ASN A CB  1 
ATOM   622  C CG  . ASN A 1 107 ? 0.704   1.661   15.385  1.00 44.37 ? 112 ASN A CG  1 
ATOM   623  O OD1 . ASN A 1 107 ? 0.486   1.039   14.363  1.00 42.90 ? 112 ASN A OD1 1 
ATOM   624  N ND2 . ASN A 1 107 ? -0.184  2.499   15.916  1.00 38.71 ? 112 ASN A ND2 1 
ATOM   625  N N   . LYS A 1 108 ? 4.276   0.137   17.921  1.00 43.55 ? 113 LYS A N   1 
ATOM   626  C CA  . LYS A 1 108 ? 5.661   0.015   18.462  1.00 45.57 ? 113 LYS A CA  1 
ATOM   627  C C   . LYS A 1 108 ? 6.326   -1.370  18.256  1.00 42.05 ? 113 LYS A C   1 
ATOM   628  O O   . LYS A 1 108 ? 7.548   -1.505  18.330  1.00 38.76 ? 113 LYS A O   1 
ATOM   629  C CB  . LYS A 1 108 ? 5.687   0.370   19.950  1.00 46.44 ? 113 LYS A CB  1 
ATOM   630  C CG  . LYS A 1 108 ? 4.883   -0.667  20.780  1.00 58.55 ? 113 LYS A CG  1 
ATOM   631  C CD  . LYS A 1 108 ? 4.912   -0.516  22.297  1.00 56.53 ? 113 LYS A CD  1 
ATOM   632  C CE  . LYS A 1 108 ? 3.949   -1.540  22.906  1.00 57.25 ? 113 LYS A CE  1 
ATOM   633  N N   . GLU A 1 109 ? 5.530   -2.396  17.982  1.00 42.28 ? 114 GLU A N   1 
ATOM   634  C CA  . GLU A 1 109 ? 6.045   -3.756  17.848  1.00 41.07 ? 114 GLU A CA  1 
ATOM   635  C C   . GLU A 1 109 ? 6.337   -4.157  16.398  1.00 41.18 ? 114 GLU A C   1 
ATOM   636  O O   . GLU A 1 109 ? 6.993   -5.162  16.155  1.00 38.11 ? 114 GLU A O   1 
ATOM   637  C CB  . GLU A 1 109 ? 5.018   -4.738  18.482  1.00 41.01 ? 114 GLU A CB  1 
ATOM   638  C CG  . GLU A 1 109 ? 4.903   -4.569  19.978  1.00 39.70 ? 114 GLU A CG  1 
ATOM   639  C CD  . GLU A 1 109 ? 3.764   -5.331  20.595  1.00 41.51 ? 114 GLU A CD  1 
ATOM   640  O OE1 . GLU A 1 109 ? 2.770   -5.633  19.906  1.00 38.54 ? 114 GLU A OE1 1 
ATOM   641  O OE2 . GLU A 1 109 ? 3.877   -5.626  21.790  1.00 41.12 ? 114 GLU A OE2 1 
ATOM   642  N N   . ILE A 1 110 ? 5.839   -3.383  15.433  1.00 40.68 ? 115 ILE A N   1 
ATOM   643  C CA  . ILE A 1 110 ? 5.883   -3.781  14.042  1.00 42.48 ? 115 ILE A CA  1 
ATOM   644  C C   . ILE A 1 110 ? 7.309   -3.789  13.495  1.00 42.10 ? 115 ILE A C   1 
ATOM   645  O O   . ILE A 1 110 ? 7.743   -4.793  12.955  1.00 45.99 ? 115 ILE A O   1 
ATOM   646  C CB  . ILE A 1 110 ? 4.937   -2.925  13.194  1.00 41.72 ? 115 ILE A CB  1 
ATOM   647  C CG1 . ILE A 1 110 ? 3.482   -3.267  13.555  1.00 43.92 ? 115 ILE A CG1 1 
ATOM   648  C CG2 . ILE A 1 110 ? 5.188   -3.136  11.709  1.00 39.96 ? 115 ILE A CG2 1 
ATOM   649  C CD1 . ILE A 1 110 ? 2.483   -2.253  13.028  1.00 47.20 ? 115 ILE A CD1 1 
ATOM   650  N N   . LEU A 1 111 ? 8.061   -2.707  13.661  1.00 40.88 ? 116 LEU A N   1 
ATOM   651  C CA  . LEU A 1 111 ? 9.456   -2.698  13.173  1.00 41.28 ? 116 LEU A CA  1 
ATOM   652  C C   . LEU A 1 111 ? 10.386  -3.708  13.885  1.00 40.21 ? 116 LEU A C   1 
ATOM   653  O O   . LEU A 1 111 ? 11.135  -4.411  13.217  1.00 39.40 ? 116 LEU A O   1 
ATOM   654  C CB  . LEU A 1 111 ? 10.060  -1.274  13.208  1.00 40.69 ? 116 LEU A CB  1 
ATOM   655  C CG  . LEU A 1 111 ? 9.434   -0.340  12.164  1.00 36.78 ? 116 LEU A CG  1 
ATOM   656  C CD1 . LEU A 1 111 ? 9.902   1.082   12.378  1.00 48.43 ? 116 LEU A CD1 1 
ATOM   657  C CD2 . LEU A 1 111 ? 9.739   -0.803  10.763  1.00 45.91 ? 116 LEU A CD2 1 
ATOM   658  N N   . PRO A 1 112 ? 10.350  -3.786  15.243  1.00 40.83 ? 117 PRO A N   1 
ATOM   659  C CA  . PRO A 1 112 ? 11.073  -4.875  15.899  1.00 40.00 ? 117 PRO A CA  1 
ATOM   660  C C   . PRO A 1 112 ? 10.714  -6.289  15.391  1.00 40.92 ? 117 PRO A C   1 
ATOM   661  O O   . PRO A 1 112 ? 11.608  -7.143  15.291  1.00 41.08 ? 117 PRO A O   1 
ATOM   662  C CB  . PRO A 1 112 ? 10.697  -4.708  17.386  1.00 45.12 ? 117 PRO A CB  1 
ATOM   663  C CG  . PRO A 1 112 ? 10.365  -3.284  17.523  1.00 46.59 ? 117 PRO A CG  1 
ATOM   664  C CD  . PRO A 1 112 ? 9.732   -2.878  16.221  1.00 42.25 ? 117 PRO A CD  1 
ATOM   665  N N   . GLY A 1 113 ? 9.439   -6.529  15.053  1.00 39.07 ? 118 GLY A N   1 
ATOM   666  C CA  . GLY A 1 113 ? 9.021   -7.827  14.555  1.00 38.47 ? 118 GLY A CA  1 
ATOM   667  C C   . GLY A 1 113 ? 9.656   -8.132  13.210  1.00 40.93 ? 118 GLY A C   1 
ATOM   668  O O   . GLY A 1 113 ? 10.072  -9.254  12.957  1.00 38.49 ? 118 GLY A O   1 
ATOM   669  N N   . LEU A 1 114 ? 9.757   -7.122  12.352  1.00 41.12 ? 119 LEU A N   1 
ATOM   670  C CA  . LEU A 1 114 ? 10.385  -7.313  11.030  1.00 38.60 ? 119 LEU A CA  1 
ATOM   671  C C   . LEU A 1 114 ? 11.876  -7.554  11.166  1.00 37.87 ? 119 LEU A C   1 
ATOM   672  O O   . LEU A 1 114 ? 12.433  -8.385  10.480  1.00 39.69 ? 119 LEU A O   1 
ATOM   673  C CB  . LEU A 1 114 ? 10.111  -6.115  10.123  1.00 41.55 ? 119 LEU A CB  1 
ATOM   674  C CG  . LEU A 1 114 ? 8.633   -5.838  9.790   1.00 43.56 ? 119 LEU A CG  1 
ATOM   675  C CD1 . LEU A 1 114 ? 8.459   -4.464  9.171   1.00 46.57 ? 119 LEU A CD1 1 
ATOM   676  C CD2 . LEU A 1 114 ? 8.070   -6.911  8.876   1.00 40.73 ? 119 LEU A CD2 1 
ATOM   677  N N   . LYS A 1 115 ? 12.514  -6.846  12.089  1.00 39.02 ? 120 LYS A N   1 
ATOM   678  C CA  . LYS A 1 115 ? 13.960  -6.928  12.264  1.00 40.67 ? 120 LYS A CA  1 
ATOM   679  C C   . LYS A 1 115 ? 14.376  -8.261  12.872  1.00 42.13 ? 120 LYS A C   1 
ATOM   680  O O   . LYS A 1 115 ? 15.410  -8.833  12.476  1.00 35.48 ? 120 LYS A O   1 
ATOM   681  C CB  . LYS A 1 115 ? 14.433  -5.783  13.167  1.00 42.79 ? 120 LYS A CB  1 
ATOM   682  C CG  . LYS A 1 115 ? 15.929  -5.642  13.307  1.00 40.96 ? 120 LYS A CG  1 
ATOM   683  C CD  . LYS A 1 115 ? 16.266  -4.441  14.160  1.00 43.52 ? 120 LYS A CD  1 
ATOM   684  C CE  . LYS A 1 115 ? 17.704  -4.002  13.963  1.00 51.61 ? 120 LYS A CE  1 
ATOM   685  N NZ  . LYS A 1 115 ? 17.995  -2.758  14.727  1.00 50.06 ? 120 LYS A NZ  1 
ATOM   686  N N   . TYR A 1 116 ? 13.572  -8.762  13.818  1.00 39.31 ? 121 TYR A N   1 
ATOM   687  C CA  . TYR A 1 116 ? 14.008  -9.869  14.662  1.00 37.05 ? 121 TYR A CA  1 
ATOM   688  C C   . TYR A 1 116 ? 13.196  -11.149 14.489  1.00 38.74 ? 121 TYR A C   1 
ATOM   689  O O   . TYR A 1 116 ? 13.587  -12.187 15.014  1.00 39.25 ? 121 TYR A O   1 
ATOM   690  C CB  . TYR A 1 116 ? 13.967  -9.428  16.122  1.00 39.20 ? 121 TYR A CB  1 
ATOM   691  C CG  . TYR A 1 116 ? 14.974  -8.345  16.499  1.00 39.39 ? 121 TYR A CG  1 
ATOM   692  C CD1 . TYR A 1 116 ? 16.335  -8.622  16.532  1.00 40.24 ? 121 TYR A CD1 1 
ATOM   693  C CD2 . TYR A 1 116 ? 14.562  -7.060  16.863  1.00 38.46 ? 121 TYR A CD2 1 
ATOM   694  C CE1 . TYR A 1 116 ? 17.269  -7.652  16.894  1.00 42.42 ? 121 TYR A CE1 1 
ATOM   695  C CE2 . TYR A 1 116 ? 15.502  -6.073  17.231  1.00 37.00 ? 121 TYR A CE2 1 
ATOM   696  C CZ  . TYR A 1 116 ? 16.853  -6.383  17.249  1.00 39.38 ? 121 TYR A CZ  1 
ATOM   697  O OH  . TYR A 1 116 ? 17.804  -5.432  17.600  1.00 41.05 ? 121 TYR A OH  1 
ATOM   698  N N   . VAL A 1 117 ? 12.063  -11.090 13.783  1.00 39.12 ? 122 VAL A N   1 
ATOM   699  C CA  . VAL A 1 117 ? 11.185  -12.251 13.699  1.00 40.74 ? 122 VAL A CA  1 
ATOM   700  C C   . VAL A 1 117 ? 11.076  -12.621 12.228  1.00 38.33 ? 122 VAL A C   1 
ATOM   701  O O   . VAL A 1 117 ? 11.619  -13.630 11.794  1.00 39.06 ? 122 VAL A O   1 
ATOM   702  C CB  . VAL A 1 117 ? 9.767   -12.010 14.398  1.00 38.01 ? 122 VAL A CB  1 
ATOM   703  C CG1 . VAL A 1 117 ? 8.859   -13.252 14.311  1.00 36.61 ? 122 VAL A CG1 1 
ATOM   704  C CG2 . VAL A 1 117 ? 9.919   -11.604 15.884  1.00 41.23 ? 122 VAL A CG2 1 
ATOM   705  N N   . ARG A 1 118 ? 10.363  -11.806 11.456  1.00 41.71 ? 123 ARG A N   1 
ATOM   706  C CA  . ARG A 1 118 ? 10.122  -12.098 10.057  1.00 40.43 ? 123 ARG A CA  1 
ATOM   707  C C   . ARG A 1 118 ? 10.017  -10.804 9.279   1.00 41.00 ? 123 ARG A C   1 
ATOM   708  O O   . ARG A 1 118 ? 9.133   -9.986  9.580   1.00 42.74 ? 123 ARG A O   1 
ATOM   709  C CB  . ARG A 1 118 ? 8.846   -12.910 9.855   1.00 39.47 ? 123 ARG A CB  1 
ATOM   710  C CG  . ARG A 1 118 ? 8.855   -13.581 8.461   1.00 46.30 ? 123 ARG A CG  1 
ATOM   711  C CD  . ARG A 1 118 ? 7.525   -14.192 8.048   1.00 45.11 ? 123 ARG A CD  1 
ATOM   712  N NE  . ARG A 1 118 ? 7.061   -15.190 9.005   1.00 38.94 ? 123 ARG A NE  1 
ATOM   713  C CZ  . ARG A 1 118 ? 5.899   -15.818 8.902   1.00 44.64 ? 123 ARG A CZ  1 
ATOM   714  N NH1 . ARG A 1 118 ? 5.568   -16.682 9.819   1.00 40.29 ? 123 ARG A NH1 1 
ATOM   715  N NH2 . ARG A 1 118 ? 5.082   -15.585 7.867   1.00 46.78 ? 123 ARG A NH2 1 
ATOM   716  N N   . PRO A 1 119 ? 10.895  -10.616 8.262   1.00 43.25 ? 124 PRO A N   1 
ATOM   717  C CA  . PRO A 1 119 ? 11.993  -11.476 7.795   1.00 39.95 ? 124 PRO A CA  1 
ATOM   718  C C   . PRO A 1 119 ? 13.082  -11.845 8.811   1.00 41.39 ? 124 PRO A C   1 
ATOM   719  O O   . PRO A 1 119 ? 13.735  -12.857 8.626   1.00 39.79 ? 124 PRO A O   1 
ATOM   720  C CB  . PRO A 1 119 ? 12.611  -10.668 6.647   1.00 43.88 ? 124 PRO A CB  1 
ATOM   721  C CG  . PRO A 1 119 ? 11.538  -9.830  6.177   1.00 44.53 ? 124 PRO A CG  1 
ATOM   722  C CD  . PRO A 1 119 ? 10.733  -9.458  7.374   1.00 38.24 ? 124 PRO A CD  1 
ATOM   723  N N   . GLY A 1 120 ? 13.279  -11.055 9.859   1.00 39.09 ? 125 GLY A N   1 
ATOM   724  C CA  . GLY A 1 120 ? 14.361  -11.311 10.793  1.00 43.30 ? 125 GLY A CA  1 
ATOM   725  C C   . GLY A 1 120 ? 15.709  -10.992 10.160  1.00 44.66 ? 125 GLY A C   1 
ATOM   726  O O   . GLY A 1 120 ? 15.776  -10.367 9.104   1.00 45.39 ? 125 GLY A O   1 
ATOM   727  N N   . GLY A 1 121 ? 16.780  -11.413 10.805  1.00 43.86 ? 126 GLY A N   1 
ATOM   728  C CA  . GLY A 1 121 ? 18.127  -11.188 10.284  1.00 46.99 ? 126 GLY A CA  1 
ATOM   729  C C   . GLY A 1 121 ? 18.628  -9.749  10.307  1.00 46.86 ? 126 GLY A C   1 
ATOM   730  O O   . GLY A 1 121 ? 19.660  -9.438  9.705   1.00 47.32 ? 126 GLY A O   1 
ATOM   731  N N   . GLY A 1 122 ? 17.918  -8.878  11.018  1.00 43.91 ? 127 GLY A N   1 
ATOM   732  C CA  . GLY A 1 122 ? 18.238  -7.448  11.049  1.00 44.22 ? 127 GLY A CA  1 
ATOM   733  C C   . GLY A 1 122 ? 17.474  -6.610  10.037  1.00 43.65 ? 127 GLY A C   1 
ATOM   734  O O   . GLY A 1 122 ? 17.810  -5.442  9.828   1.00 43.04 ? 127 GLY A O   1 
ATOM   735  N N   . PHE A 1 123 ? 16.428  -7.177  9.431   1.00 40.89 ? 128 PHE A N   1 
ATOM   736  C CA  . PHE A 1 123 ? 15.757  -6.501  8.335   1.00 40.50 ? 128 PHE A CA  1 
ATOM   737  C C   . PHE A 1 123 ? 15.151  -5.189  8.825   1.00 42.21 ? 128 PHE A C   1 
ATOM   738  O O   . PHE A 1 123 ? 14.430  -5.164  9.837   1.00 42.90 ? 128 PHE A O   1 
ATOM   739  C CB  . PHE A 1 123 ? 14.650  -7.369  7.695   1.00 40.66 ? 128 PHE A CB  1 
ATOM   740  C CG  . PHE A 1 123 ? 13.932  -6.670  6.568   1.00 41.85 ? 128 PHE A CG  1 
ATOM   741  C CD1 . PHE A 1 123 ? 14.492  -6.630  5.303   1.00 43.96 ? 128 PHE A CD1 1 
ATOM   742  C CD2 . PHE A 1 123 ? 12.725  -6.009  6.788   1.00 47.44 ? 128 PHE A CD2 1 
ATOM   743  C CE1 . PHE A 1 123 ? 13.872  -5.966  4.280   1.00 42.67 ? 128 PHE A CE1 1 
ATOM   744  C CE2 . PHE A 1 123 ? 12.080  -5.356  5.751   1.00 43.47 ? 128 PHE A CE2 1 
ATOM   745  C CZ  . PHE A 1 123 ? 12.663  -5.332  4.495   1.00 41.50 ? 128 PHE A CZ  1 
ATOM   746  N N   . VAL A 1 124 ? 15.443  -4.106  8.102   1.00 39.81 ? 129 VAL A N   1 
ATOM   747  C CA  . VAL A 1 124 ? 14.741  -2.837  8.268   1.00 40.50 ? 129 VAL A CA  1 
ATOM   748  C C   . VAL A 1 124 ? 14.190  -2.383  6.901   1.00 41.39 ? 129 VAL A C   1 
ATOM   749  O O   . VAL A 1 124 ? 14.951  -2.308  5.926   1.00 37.93 ? 129 VAL A O   1 
ATOM   750  C CB  . VAL A 1 124 ? 15.667  -1.731  8.843   1.00 42.09 ? 129 VAL A CB  1 
ATOM   751  C CG1 . VAL A 1 124 ? 14.863  -0.460  9.136   1.00 45.43 ? 129 VAL A CG1 1 
ATOM   752  C CG2 . VAL A 1 124 ? 16.418  -2.223  10.108  1.00 42.22 ? 129 VAL A CG2 1 
ATOM   753  N N   . PRO A 1 125 ? 12.875  -2.050  6.818   1.00 43.28 ? 130 PRO A N   1 
ATOM   754  C CA  . PRO A 1 125 ? 12.355  -1.509  5.553   1.00 42.85 ? 130 PRO A CA  1 
ATOM   755  C C   . PRO A 1 125 ? 13.108  -0.230  5.134   1.00 43.75 ? 130 PRO A C   1 
ATOM   756  O O   . PRO A 1 125 ? 13.496  0.559   5.996   1.00 46.19 ? 130 PRO A O   1 
ATOM   757  C CB  . PRO A 1 125 ? 10.872  -1.213  5.859   1.00 45.52 ? 130 PRO A CB  1 
ATOM   758  C CG  . PRO A 1 125 ? 10.541  -1.988  7.097   1.00 47.50 ? 130 PRO A CG  1 
ATOM   759  C CD  . PRO A 1 125 ? 11.830  -2.097  7.865   1.00 47.20 ? 130 PRO A CD  1 
ATOM   760  N N   . SER A 1 126 ? 13.360  -0.054  3.838   1.00 42.66 ? 131 SER A N   1 
ATOM   761  C CA  . SER A 1 126 ? 14.077  1.130   3.337   1.00 43.87 ? 131 SER A CA  1 
ATOM   762  C C   . SER A 1 126 ? 13.070  2.091   2.698   1.00 44.34 ? 131 SER A C   1 
ATOM   763  O O   . SER A 1 126 ? 13.414  2.893   1.839   1.00 42.42 ? 131 SER A O   1 
ATOM   764  C CB  . SER A 1 126 ? 15.157  0.728   2.329   1.00 42.75 ? 131 SER A CB  1 
ATOM   765  O OG  . SER A 1 126 ? 14.566  0.108   1.190   1.00 43.01 ? 131 SER A OG  1 
ATOM   766  N N   . PHE A 1 127 ? 11.814  1.969   3.120   1.00 44.18 ? 132 PHE A N   1 
ATOM   767  C CA  . PHE A 1 127 ? 10.731  2.852   2.710   1.00 44.74 ? 132 PHE A CA  1 
ATOM   768  C C   . PHE A 1 127 ? 9.846   3.085   3.930   1.00 44.11 ? 132 PHE A C   1 
ATOM   769  O O   . PHE A 1 127 ? 9.941   2.357   4.912   1.00 46.64 ? 132 PHE A O   1 
ATOM   770  C CB  . PHE A 1 127 ? 9.934   2.237   1.546   1.00 44.14 ? 132 PHE A CB  1 
ATOM   771  C CG  . PHE A 1 127 ? 9.379   0.879   1.833   1.00 45.44 ? 132 PHE A CG  1 
ATOM   772  C CD1 . PHE A 1 127 ? 8.101   0.733   2.337   1.00 43.09 ? 132 PHE A CD1 1 
ATOM   773  C CD2 . PHE A 1 127 ? 10.128  -0.256  1.578   1.00 41.89 ? 132 PHE A CD2 1 
ATOM   774  C CE1 . PHE A 1 127 ? 7.582   -0.523  2.586   1.00 52.13 ? 132 PHE A CE1 1 
ATOM   775  C CE2 . PHE A 1 127 ? 9.616   -1.517  1.836   1.00 43.26 ? 132 PHE A CE2 1 
ATOM   776  C CZ  . PHE A 1 127 ? 8.359   -1.653  2.340   1.00 46.83 ? 132 PHE A CZ  1 
ATOM   777  N N   . GLN A 1 128 ? 8.976   4.083   3.838   1.00 46.09 ? 133 GLN A N   1 
ATOM   778  C CA  . GLN A 1 128 ? 8.170   4.564   4.963   1.00 47.09 ? 133 GLN A CA  1 
ATOM   779  C C   . GLN A 1 128 ? 6.995   3.663   5.271   1.00 46.85 ? 133 GLN A C   1 
ATOM   780  O O   . GLN A 1 128 ? 6.161   3.422   4.401   1.00 42.02 ? 133 GLN A O   1 
ATOM   781  C CB  . GLN A 1 128 ? 7.642   5.967   4.616   1.00 54.37 ? 133 GLN A CB  1 
ATOM   782  C CG  . GLN A 1 128 ? 6.993   6.762   5.760   1.00 49.94 ? 133 GLN A CG  1 
ATOM   783  C CD  . GLN A 1 128 ? 7.938   6.994   6.894   1.00 57.37 ? 133 GLN A CD  1 
ATOM   784  O OE1 . GLN A 1 128 ? 7.720   6.514   8.019   1.00 68.80 ? 133 GLN A OE1 1 
ATOM   785  N NE2 . GLN A 1 128 ? 9.011   7.710   6.616   1.00 45.36 ? 133 GLN A NE2 1 
ATOM   786  N N   . LEU A 1 129 ? 6.937   3.158   6.505   1.00 45.05 ? 134 LEU A N   1 
ATOM   787  C CA  . LEU A 1 129 ? 5.742   2.459   7.028   1.00 45.04 ? 134 LEU A CA  1 
ATOM   788  C C   . LEU A 1 129 ? 4.899   3.421   7.875   1.00 43.45 ? 134 LEU A C   1 
ATOM   789  O O   . LEU A 1 129 ? 5.428   4.337   8.508   1.00 39.91 ? 134 LEU A O   1 
ATOM   790  C CB  . LEU A 1 129 ? 6.125   1.228   7.858   1.00 44.79 ? 134 LEU A CB  1 
ATOM   791  C CG  . LEU A 1 129 ? 6.270   -0.107  7.140   1.00 51.60 ? 134 LEU A CG  1 
ATOM   792  C CD1 . LEU A 1 129 ? 7.182   0.016   5.921   1.00 54.68 ? 134 LEU A CD1 1 
ATOM   793  C CD2 . LEU A 1 129 ? 6.781   -1.176  8.122   1.00 49.06 ? 134 LEU A CD2 1 
ATOM   794  N N   . PHE A 1 130 ? 3.589   3.216   7.867   1.00 44.21 ? 135 PHE A N   1 
ATOM   795  C CA  . PHE A 1 130 ? 2.653   4.027   8.660   1.00 43.43 ? 135 PHE A CA  1 
ATOM   796  C C   . PHE A 1 130 ? 2.001   3.207   9.757   1.00 43.67 ? 135 PHE A C   1 
ATOM   797  O O   . PHE A 1 130 ? 2.157   1.980   9.803   1.00 44.30 ? 135 PHE A O   1 
ATOM   798  C CB  . PHE A 1 130 ? 1.610   4.671   7.749   1.00 41.84 ? 135 PHE A CB  1 
ATOM   799  C CG  . PHE A 1 130 ? 2.225   5.631   6.744   1.00 45.28 ? 135 PHE A CG  1 
ATOM   800  C CD1 . PHE A 1 130 ? 2.369   6.976   7.041   1.00 45.99 ? 135 PHE A CD1 1 
ATOM   801  C CD2 . PHE A 1 130 ? 2.733   5.162   5.539   1.00 44.47 ? 135 PHE A CD2 1 
ATOM   802  C CE1 . PHE A 1 130 ? 2.962   7.842   6.148   1.00 43.66 ? 135 PHE A CE1 1 
ATOM   803  C CE2 . PHE A 1 130 ? 3.330   6.031   4.638   1.00 48.58 ? 135 PHE A CE2 1 
ATOM   804  C CZ  . PHE A 1 130 ? 3.435   7.386   4.952   1.00 43.10 ? 135 PHE A CZ  1 
ATOM   805  N N   . GLU A 1 131 ? 1.289   3.893   10.657  1.00 40.44 ? 136 GLU A N   1 
ATOM   806  C CA  . GLU A 1 131 ? 0.524   3.227   11.688  1.00 41.02 ? 136 GLU A CA  1 
ATOM   807  C C   . GLU A 1 131 ? -0.481  2.223   11.107  1.00 42.72 ? 136 GLU A C   1 
ATOM   808  O O   . GLU A 1 131 ? -0.948  2.343   9.951   1.00 43.17 ? 136 GLU A O   1 
ATOM   809  C CB  . GLU A 1 131 ? -0.212  4.244   12.555  1.00 39.43 ? 136 GLU A CB  1 
ATOM   810  C CG  . GLU A 1 131 ? 0.702   4.990   13.430  1.00 44.21 ? 136 GLU A CG  1 
ATOM   811  C CD  . GLU A 1 131 ? -0.039  5.743   14.484  1.00 42.49 ? 136 GLU A CD  1 
ATOM   812  O OE1 . GLU A 1 131 ? -1.280  5.852   14.371  1.00 54.59 ? 136 GLU A OE1 1 
ATOM   813  O OE2 . GLU A 1 131 ? 0.621   6.241   15.395  1.00 47.86 ? 136 GLU A OE2 1 
ATOM   814  N N   . LYS A 1 132 ? -0.765  1.202   11.909  1.00 43.47 ? 137 LYS A N   1 
ATOM   815  C CA  . LYS A 1 132 ? -1.634  0.090   11.478  1.00 42.06 ? 137 LYS A CA  1 
ATOM   816  C C   . LYS A 1 132 ? -3.065  0.592   11.423  1.00 44.78 ? 137 LYS A C   1 
ATOM   817  O O   . LYS A 1 132 ? -3.470  1.438   12.243  1.00 43.41 ? 137 LYS A O   1 
ATOM   818  C CB  . LYS A 1 132 ? -1.524  -1.096  12.480  1.00 43.09 ? 137 LYS A CB  1 
ATOM   819  C CG  . LYS A 1 132 ? -2.243  -2.376  12.043  1.00 47.11 ? 137 LYS A CG  1 
ATOM   820  C CD  . LYS A 1 132 ? -1.939  -3.579  12.948  1.00 48.65 ? 137 LYS A CD  1 
ATOM   821  C CE  . LYS A 1 132 ? -2.515  -3.440  14.356  1.00 44.38 ? 137 LYS A CE  1 
ATOM   822  N NZ  . LYS A 1 132 ? -2.301  -4.661  15.202  1.00 37.66 ? 137 LYS A NZ  1 
ATOM   823  N N   . GLY A 1 133 ? -3.831  0.106   10.463  1.00 39.08 ? 138 GLY A N   1 
ATOM   824  C CA  . GLY A 1 133 ? -5.250  0.413   10.420  1.00 43.65 ? 138 GLY A CA  1 
ATOM   825  C C   . GLY A 1 133 ? -5.945  -0.421  9.360   1.00 39.99 ? 138 GLY A C   1 
ATOM   826  O O   . GLY A 1 133 ? -5.306  -1.144  8.642   1.00 44.39 ? 138 GLY A O   1 
ATOM   827  N N   . ASP A 1 134 ? -7.269  -0.320  9.299   1.00 41.74 ? 139 ASP A N   1 
ATOM   828  C CA  . ASP A 1 134 ? -8.093  -1.015  8.333   1.00 42.93 ? 139 ASP A CA  1 
ATOM   829  C C   . ASP A 1 134 ? -7.932  -0.397  6.936   1.00 45.46 ? 139 ASP A C   1 
ATOM   830  O O   . ASP A 1 134 ? -7.717  0.805   6.793   1.00 44.56 ? 139 ASP A O   1 
ATOM   831  C CB  . ASP A 1 134 ? -9.559  -0.982  8.774   1.00 40.80 ? 139 ASP A CB  1 
ATOM   832  C CG  . ASP A 1 134 ? -9.837  -1.915  9.952   1.00 48.21 ? 139 ASP A CG  1 
ATOM   833  O OD1 . ASP A 1 134 ? -8.923  -2.674  10.345  1.00 44.34 ? 139 ASP A OD1 1 
ATOM   834  O OD2 . ASP A 1 134 ? -10.982 -1.898  10.448  1.00 41.99 ? 139 ASP A OD2 1 
ATOM   835  N N   . VAL A 1 135 ? -7.968  -1.271  5.935   1.00 43.34 ? 140 VAL A N   1 
ATOM   836  C CA  . VAL A 1 135 ? -8.018  -0.920  4.522   1.00 43.96 ? 140 VAL A CA  1 
ATOM   837  C C   . VAL A 1 135 ? -9.370  -1.288  3.872   1.00 42.38 ? 140 VAL A C   1 
ATOM   838  O O   . VAL A 1 135 ? -9.649  -0.838  2.751   1.00 44.20 ? 140 VAL A O   1 
ATOM   839  C CB  . VAL A 1 135 ? -6.851  -1.592  3.689   1.00 42.66 ? 140 VAL A CB  1 
ATOM   840  C CG1 . VAL A 1 135 ? -5.476  -1.185  4.236   1.00 40.93 ? 140 VAL A CG1 1 
ATOM   841  C CG2 . VAL A 1 135 ? -6.972  -3.089  3.581   1.00 41.26 ? 140 VAL A CG2 1 
ATOM   842  N N   . ASN A 1 136 ? -10.194 -2.075  4.594   1.00 39.30 ? 141 ASN A N   1 
ATOM   843  C CA  . ASN A 1 136 ? -11.531 -2.457  4.159   1.00 39.37 ? 141 ASN A CA  1 
ATOM   844  C C   . ASN A 1 136 ? -12.537 -2.264  5.265   1.00 41.35 ? 141 ASN A C   1 
ATOM   845  O O   . ASN A 1 136 ? -12.183 -2.267  6.441   1.00 44.03 ? 141 ASN A O   1 
ATOM   846  C CB  . ASN A 1 136 ? -11.607 -3.931  3.777   1.00 38.67 ? 141 ASN A CB  1 
ATOM   847  C CG  . ASN A 1 136 ? -10.832 -4.289  2.548   1.00 36.78 ? 141 ASN A CG  1 
ATOM   848  O OD1 . ASN A 1 136 ? -10.697 -3.503  1.602   1.00 40.27 ? 141 ASN A OD1 1 
ATOM   849  N ND2 . ASN A 1 136 ? -10.337 -5.523  2.527   1.00 38.83 ? 141 ASN A ND2 1 
ATOM   850  N N   . GLY A 1 137 ? -13.816 -2.210  4.878   1.00 41.30 ? 142 GLY A N   1 
ATOM   851  C CA  . GLY A 1 137 ? -14.921 -2.148  5.797   1.00 42.66 ? 142 GLY A CA  1 
ATOM   852  C C   . GLY A 1 137 ? -15.134 -0.744  6.368   1.00 43.81 ? 142 GLY A C   1 
ATOM   853  O O   . GLY A 1 137 ? -14.531 0.235   5.938   1.00 43.64 ? 142 GLY A O   1 
ATOM   854  N N   . GLU A 1 138 ? -16.023 -0.673  7.343   1.00 44.62 ? 143 GLU A N   1 
ATOM   855  C CA  . GLU A 1 138 ? -16.520 0.585   7.908   1.00 48.64 ? 143 GLU A CA  1 
ATOM   856  C C   . GLU A 1 138 ? -15.429 1.542   8.429   1.00 48.07 ? 143 GLU A C   1 
ATOM   857  O O   . GLU A 1 138 ? -15.579 2.761   8.343   1.00 41.95 ? 143 GLU A O   1 
ATOM   858  C CB  . GLU A 1 138 ? -17.506 0.238   9.023   1.00 48.78 ? 143 GLU A CB  1 
ATOM   859  C CG  . GLU A 1 138 ? -17.993 1.389   9.883   1.00 61.96 ? 143 GLU A CG  1 
ATOM   860  C CD  . GLU A 1 138 ? -18.522 0.929   11.240  1.00 63.08 ? 143 GLU A CD  1 
ATOM   861  O OE1 . GLU A 1 138 ? -17.719 0.416   12.061  1.00 82.31 ? 143 GLU A OE1 1 
ATOM   862  O OE2 . GLU A 1 138 ? -19.741 1.096   11.484  1.00 79.17 ? 143 GLU A OE2 1 
ATOM   863  N N   . LYS A 1 139 ? -14.340 1.008   8.972   1.00 45.21 ? 144 LYS A N   1 
ATOM   864  C CA  . LYS A 1 139 ? -13.328 1.870   9.587   1.00 46.74 ? 144 LYS A CA  1 
ATOM   865  C C   . LYS A 1 139 ? -12.106 1.951   8.686   1.00 41.35 ? 144 LYS A C   1 
ATOM   866  O O   . LYS A 1 139 ? -11.015 2.292   9.142   1.00 44.58 ? 144 LYS A O   1 
ATOM   867  C CB  . LYS A 1 139 ? -12.915 1.349   10.964  1.00 47.43 ? 144 LYS A CB  1 
ATOM   868  C CG  . LYS A 1 139 ? -14.052 1.213   11.991  1.00 52.72 ? 144 LYS A CG  1 
ATOM   869  C CD  . LYS A 1 139 ? -14.678 2.548   12.413  1.00 61.92 ? 144 LYS A CD  1 
ATOM   870  N N   . GLU A 1 140 ? -12.270 1.615   7.412   1.00 43.06 ? 145 GLU A N   1 
ATOM   871  C CA  . GLU A 1 140 ? -11.149 1.700   6.489   1.00 42.03 ? 145 GLU A CA  1 
ATOM   872  C C   . GLU A 1 140 ? -10.598 3.141   6.464   1.00 45.06 ? 145 GLU A C   1 
ATOM   873  O O   . GLU A 1 140 ? -11.354 4.119   6.612   1.00 46.99 ? 145 GLU A O   1 
ATOM   874  C CB  . GLU A 1 140 ? -11.545 1.280   5.094   1.00 44.61 ? 145 GLU A CB  1 
ATOM   875  C CG  . GLU A 1 140 ? -12.546 2.175   4.403   1.00 43.50 ? 145 GLU A CG  1 
ATOM   876  C CD  . GLU A 1 140 ? -13.037 1.605   3.093   1.00 48.95 ? 145 GLU A CD  1 
ATOM   877  O OE1 . GLU A 1 140 ? -12.921 0.379   2.839   1.00 48.22 ? 145 GLU A OE1 1 
ATOM   878  O OE2 . GLU A 1 140 ? -13.553 2.401   2.306   1.00 46.88 ? 145 GLU A OE2 1 
ATOM   879  N N   . GLN A 1 141 ? -9.288  3.233   6.269   1.00 42.76 ? 146 GLN A N   1 
ATOM   880  C CA  . GLN A 1 141 ? -8.593  4.499   6.036   1.00 42.56 ? 146 GLN A CA  1 
ATOM   881  C C   . GLN A 1 141 ? -9.087  5.198   4.769   1.00 40.03 ? 146 GLN A C   1 
ATOM   882  O O   . GLN A 1 141 ? -9.332  4.560   3.748   1.00 42.43 ? 146 GLN A O   1 
ATOM   883  C CB  . GLN A 1 141 ? -7.098  4.240   5.976   1.00 40.90 ? 146 GLN A CB  1 
ATOM   884  C CG  . GLN A 1 141 ? -6.530  3.723   7.313   1.00 41.63 ? 146 GLN A CG  1 
ATOM   885  C CD  . GLN A 1 141 ? -5.094  3.338   7.204   1.00 44.96 ? 146 GLN A CD  1 
ATOM   886  O OE1 . GLN A 1 141 ? -4.241  4.204   7.151   1.00 45.45 ? 146 GLN A OE1 1 
ATOM   887  N NE2 . GLN A 1 141 ? -4.806  2.026   7.136   1.00 43.62 ? 146 GLN A NE2 1 
ATOM   888  N N   . LYS A 1 142 ? -9.279  6.524   4.847   1.00 44.85 ? 147 LYS A N   1 
ATOM   889  C CA  . LYS A 1 142 ? -9.910  7.248   3.743   1.00 45.73 ? 147 LYS A CA  1 
ATOM   890  C C   . LYS A 1 142 ? -9.091  7.181   2.435   1.00 47.77 ? 147 LYS A C   1 
ATOM   891  O O   . LYS A 1 142 ? -9.682  7.181   1.338   1.00 44.08 ? 147 LYS A O   1 
ATOM   892  C CB  . LYS A 1 142 ? -10.276 8.678   4.132   1.00 46.48 ? 147 LYS A CB  1 
ATOM   893  C CG  . LYS A 1 142 ? -11.432 8.747   5.127   1.00 53.64 ? 147 LYS A CG  1 
ATOM   894  C CD  . LYS A 1 142 ? -12.758 8.285   4.501   1.00 69.70 ? 147 LYS A CD  1 
ATOM   895  N N   . VAL A 1 143 ? -7.763  7.037   2.544   1.00 45.28 ? 148 VAL A N   1 
ATOM   896  C CA  . VAL A 1 143 ? -6.918  6.967   1.354   1.00 47.25 ? 148 VAL A CA  1 
ATOM   897  C C   . VAL A 1 143 ? -7.160  5.700   0.627   1.00 45.88 ? 148 VAL A C   1 
ATOM   898  O O   . VAL A 1 143 ? -7.045  5.660   -0.593  1.00 46.76 ? 148 VAL A O   1 
ATOM   899  C CB  . VAL A 1 143 ? -5.381  7.130   1.639   1.00 50.28 ? 148 VAL A CB  1 
ATOM   900  C CG1 . VAL A 1 143 ? -4.813  5.994   2.515   1.00 46.70 ? 148 VAL A CG1 1 
ATOM   901  C CG2 . VAL A 1 143 ? -4.602  7.257   0.300   1.00 39.49 ? 148 VAL A CG2 1 
ATOM   902  N N   . PHE A 1 144 ? -7.499  4.644   1.372   1.00 46.18 ? 149 PHE A N   1 
ATOM   903  C CA  . PHE A 1 144 ? -7.795  3.365   0.727   1.00 42.65 ? 149 PHE A CA  1 
ATOM   904  C C   . PHE A 1 144 ? -9.179  3.374   0.064   1.00 41.27 ? 149 PHE A C   1 
ATOM   905  O O   . PHE A 1 144 ? -9.314  2.850   -1.018  1.00 45.43 ? 149 PHE A O   1 
ATOM   906  C CB  . PHE A 1 144 ? -7.535  2.180   1.689   1.00 42.69 ? 149 PHE A CB  1 
ATOM   907  C CG  . PHE A 1 144 ? -6.078  1.872   1.812   1.00 40.03 ? 149 PHE A CG  1 
ATOM   908  C CD1 . PHE A 1 144 ? -5.315  2.437   2.799   1.00 44.08 ? 149 PHE A CD1 1 
ATOM   909  C CD2 . PHE A 1 144 ? -5.452  1.077   0.857   1.00 43.17 ? 149 PHE A CD2 1 
ATOM   910  C CE1 . PHE A 1 144 ? -3.941  2.210   2.870   1.00 45.66 ? 149 PHE A CE1 1 
ATOM   911  C CE2 . PHE A 1 144 ? -4.083  0.844   0.916   1.00 47.40 ? 149 PHE A CE2 1 
ATOM   912  C CZ  . PHE A 1 144 ? -3.325  1.414   1.919   1.00 44.48 ? 149 PHE A CZ  1 
ATOM   913  N N   . SER A 1 145 ? -10.189 4.000   0.666   1.00 42.59 ? 150 SER A N   1 
ATOM   914  C CA  . SER A 1 145 ? -11.457 4.269   -0.093  1.00 44.24 ? 150 SER A CA  1 
ATOM   915  C C   . SER A 1 145 ? -11.167 4.902   -1.464  1.00 43.74 ? 150 SER A C   1 
ATOM   916  O O   . SER A 1 145 ? -11.654 4.460   -2.490  1.00 47.79 ? 150 SER A O   1 
ATOM   917  C CB  . SER A 1 145 ? -12.407 5.205   0.678   1.00 40.81 ? 150 SER A CB  1 
ATOM   918  O OG  . SER A 1 145 ? -12.377 4.966   2.082   1.00 51.17 ? 150 SER A OG  1 
ATOM   919  N N   . PHE A 1 146 ? -10.340 5.945   -1.465  1.00 41.47 ? 151 PHE A N   1 
ATOM   920  C CA  . PHE A 1 146 ? -9.981  6.681   -2.669  1.00 39.62 ? 151 PHE A CA  1 
ATOM   921  C C   . PHE A 1 146 ? -9.301  5.793   -3.682  1.00 42.72 ? 151 PHE A C   1 
ATOM   922  O O   . PHE A 1 146 ? -9.716  5.705   -4.852  1.00 43.26 ? 151 PHE A O   1 
ATOM   923  C CB  . PHE A 1 146 ? -9.084  7.883   -2.301  1.00 43.31 ? 151 PHE A CB  1 
ATOM   924  C CG  . PHE A 1 146 ? -8.569  8.640   -3.498  1.00 41.89 ? 151 PHE A CG  1 
ATOM   925  C CD1 . PHE A 1 146 ? -9.428  9.402   -4.277  1.00 46.30 ? 151 PHE A CD1 1 
ATOM   926  C CD2 . PHE A 1 146 ? -7.241  8.558   -3.863  1.00 35.70 ? 151 PHE A CD2 1 
ATOM   927  C CE1 . PHE A 1 146 ? -8.968  10.059  -5.406  1.00 47.49 ? 151 PHE A CE1 1 
ATOM   928  C CE2 . PHE A 1 146 ? -6.770  9.221   -4.992  1.00 41.94 ? 151 PHE A CE2 1 
ATOM   929  C CZ  . PHE A 1 146 ? -7.633  9.968   -5.764  1.00 43.96 ? 151 PHE A CZ  1 
ATOM   930  N N   . LEU A 1 147 ? -8.271  5.093   -3.222  1.00 42.55 ? 152 LEU A N   1 
ATOM   931  C CA  . LEU A 1 147 ? -7.514  4.199   -4.096  1.00 39.24 ? 152 LEU A CA  1 
ATOM   932  C C   . LEU A 1 147 ? -8.404  3.119   -4.675  1.00 43.54 ? 152 LEU A C   1 
ATOM   933  O O   . LEU A 1 147 ? -8.356  2.833   -5.890  1.00 45.38 ? 152 LEU A O   1 
ATOM   934  C CB  . LEU A 1 147 ? -6.354  3.558   -3.320  1.00 40.21 ? 152 LEU A CB  1 
ATOM   935  C CG  . LEU A 1 147 ? -5.101  4.418   -3.020  1.00 41.92 ? 152 LEU A CG  1 
ATOM   936  C CD1 . LEU A 1 147 ? -4.164  3.669   -2.041  1.00 39.61 ? 152 LEU A CD1 1 
ATOM   937  C CD2 . LEU A 1 147 ? -4.343  4.883   -4.274  1.00 40.84 ? 152 LEU A CD2 1 
ATOM   938  N N   . LYS A 1 148 ? -9.204  2.501   -3.810  1.00 43.66 ? 153 LYS A N   1 
ATOM   939  C CA  . LYS A 1 148 ? -10.025 1.366   -4.233  1.00 41.71 ? 153 LYS A CA  1 
ATOM   940  C C   . LYS A 1 148 ? -11.107 1.795   -5.213  1.00 42.46 ? 153 LYS A C   1 
ATOM   941  O O   . LYS A 1 148 ? -11.412 1.066   -6.159  1.00 45.14 ? 153 LYS A O   1 
ATOM   942  C CB  . LYS A 1 148 ? -10.633 0.674   -3.019  1.00 43.85 ? 153 LYS A CB  1 
ATOM   943  C CG  . LYS A 1 148 ? -9.591  -0.018  -2.141  1.00 42.91 ? 153 LYS A CG  1 
ATOM   944  C CD  . LYS A 1 148 ? -10.214 -0.803  -1.019  1.00 37.49 ? 153 LYS A CD  1 
ATOM   945  C CE  . LYS A 1 148 ? -10.994 0.006   -0.020  1.00 43.24 ? 153 LYS A CE  1 
ATOM   946  N NZ  . LYS A 1 148 ? -11.740 -0.902  0.862   1.00 37.64 ? 153 LYS A NZ  1 
ATOM   947  N N   . HIS A 1 149 ? -11.687 2.969   -4.985  1.00 45.07 ? 154 HIS A N   1 
ATOM   948  C CA  . HIS A 1 149 ? -12.735 3.508   -5.848  1.00 49.73 ? 154 HIS A CA  1 
ATOM   949  C C   . HIS A 1 149 ? -12.170 4.021   -7.178  1.00 51.40 ? 154 HIS A C   1 
ATOM   950  O O   . HIS A 1 149 ? -12.908 4.131   -8.158  1.00 49.68 ? 154 HIS A O   1 
ATOM   951  C CB  . HIS A 1 149 ? -13.494 4.638   -5.147  1.00 52.15 ? 154 HIS A CB  1 
ATOM   952  C CG  . HIS A 1 149 ? -14.479 4.163   -4.124  1.00 63.41 ? 154 HIS A CG  1 
ATOM   953  N ND1 . HIS A 1 149 ? -14.139 3.937   -2.805  1.00 71.82 ? 154 HIS A ND1 1 
ATOM   954  C CD2 . HIS A 1 149 ? -15.800 3.871   -4.226  1.00 73.65 ? 154 HIS A CD2 1 
ATOM   955  C CE1 . HIS A 1 149 ? -15.205 3.531   -2.138  1.00 72.22 ? 154 HIS A CE1 1 
ATOM   956  N NE2 . HIS A 1 149 ? -16.227 3.481   -2.977  1.00 77.03 ? 154 HIS A NE2 1 
ATOM   957  N N   . SER A 1 150 ? -10.869 4.306   -7.193  1.00 48.59 ? 155 SER A N   1 
ATOM   958  C CA  . SER A 1 150 ? -10.176 4.884   -8.342  1.00 50.47 ? 155 SER A CA  1 
ATOM   959  C C   . SER A 1 150 ? -9.668  3.851   -9.303  1.00 48.34 ? 155 SER A C   1 
ATOM   960  O O   . SER A 1 150 ? -9.597  4.121   -10.490 1.00 51.22 ? 155 SER A O   1 
ATOM   961  C CB  . SER A 1 150 ? -8.996  5.746   -7.884  1.00 48.39 ? 155 SER A CB  1 
ATOM   962  O OG  . SER A 1 150 ? -9.453  6.800   -7.060  1.00 52.45 ? 155 SER A OG  1 
ATOM   963  N N   . CYS A 1 151 ? -9.322  2.678   -8.793  1.00 47.85 ? 156 CYS A N   1 
ATOM   964  C CA  A CYS A 1 151 ? -8.783  1.630   -9.624  0.50 47.38 ? 156 CYS A CA  1 
ATOM   965  C CA  B CYS A 1 151 ? -8.706  1.597   -9.603  0.50 49.44 ? 156 CYS A CA  1 
ATOM   966  C C   . CYS A 1 151 ? -9.351  0.249   -9.291  1.00 49.96 ? 156 CYS A C   1 
ATOM   967  O O   . CYS A 1 151 ? -9.132  -0.273  -8.208  1.00 50.08 ? 156 CYS A O   1 
ATOM   968  C CB  A CYS A 1 151 ? -7.281  1.609   -9.489  0.50 46.66 ? 156 CYS A CB  1 
ATOM   969  C CB  B CYS A 1 151 ? -7.228  1.408   -9.238  0.50 49.47 ? 156 CYS A CB  1 
ATOM   970  S SG  A CYS A 1 151 ? -6.581  0.914   -10.896 0.50 43.98 ? 156 CYS A SG  1 
ATOM   971  S SG  B CYS A 1 151 ? -6.002  2.514   -9.923  0.50 56.49 ? 156 CYS A SG  1 
ATOM   972  N N   . PRO A 1 152 ? -10.109 -0.339  -10.242 1.00 49.74 ? 157 PRO A N   1 
ATOM   973  C CA  . PRO A 1 152 ? -10.604 -1.719  -10.050 1.00 51.34 ? 157 PRO A CA  1 
ATOM   974  C C   . PRO A 1 152 ? -9.541  -2.787  -9.810  1.00 47.69 ? 157 PRO A C   1 
ATOM   975  O O   . PRO A 1 152 ? -8.454  -2.688  -10.335 1.00 47.64 ? 157 PRO A O   1 
ATOM   976  C CB  . PRO A 1 152 ? -11.312 -2.015  -11.375 1.00 52.58 ? 157 PRO A CB  1 
ATOM   977  C CG  . PRO A 1 152 ? -11.741 -0.645  -11.889 1.00 54.90 ? 157 PRO A CG  1 
ATOM   978  C CD  . PRO A 1 152 ? -10.678 0.296   -11.452 1.00 50.69 ? 157 PRO A CD  1 
ATOM   979  N N   . HIS A 1 153 ? -9.883  -3.826  -9.058  1.00 44.45 ? 158 HIS A N   1 
ATOM   980  C CA  . HIS A 1 153 ? -9.022  -4.984  -8.905  1.00 40.50 ? 158 HIS A CA  1 
ATOM   981  C C   . HIS A 1 153 ? -9.150  -5.797  -10.155 1.00 43.31 ? 158 HIS A C   1 
ATOM   982  O O   . HIS A 1 153 ? -10.215 -5.836  -10.764 1.00 45.81 ? 158 HIS A O   1 
ATOM   983  C CB  . HIS A 1 153 ? -9.439  -5.822  -7.671  1.00 45.57 ? 158 HIS A CB  1 
ATOM   984  C CG  . HIS A 1 153 ? -8.499  -6.943  -7.317  1.00 36.44 ? 158 HIS A CG  1 
ATOM   985  N ND1 . HIS A 1 153 ? -8.494  -8.153  -7.971  1.00 44.83 ? 158 HIS A ND1 1 
ATOM   986  C CD2 . HIS A 1 153 ? -7.579  -7.054  -6.330  1.00 34.83 ? 158 HIS A CD2 1 
ATOM   987  C CE1 . HIS A 1 153 ? -7.593  -8.947  -7.424  1.00 36.69 ? 158 HIS A CE1 1 
ATOM   988  N NE2 . HIS A 1 153 ? -7.014  -8.297  -6.430  1.00 43.36 ? 158 HIS A NE2 1 
ATOM   989  N N   . PRO A 1 154 ? -8.051  -6.418  -10.585 1.00 43.71 ? 159 PRO A N   1 
ATOM   990  C CA  . PRO A 1 154 ? -8.085  -7.207  -11.814 1.00 45.11 ? 159 PRO A CA  1 
ATOM   991  C C   . PRO A 1 154 ? -8.843  -8.535  -11.793 1.00 43.73 ? 159 PRO A C   1 
ATOM   992  O O   . PRO A 1 154 ? -9.169  -9.035  -12.834 1.00 43.84 ? 159 PRO A O   1 
ATOM   993  C CB  . PRO A 1 154 ? -6.593  -7.455  -12.079 1.00 46.11 ? 159 PRO A CB  1 
ATOM   994  C CG  . PRO A 1 154 ? -6.011  -7.514  -10.738 1.00 41.69 ? 159 PRO A CG  1 
ATOM   995  C CD  . PRO A 1 154 ? -6.683  -6.360  -10.030 1.00 44.52 ? 159 PRO A CD  1 
ATOM   996  N N   . SER A 1 155 ? -9.098  -9.118  -10.629 1.00 44.90 ? 160 SER A N   1 
ATOM   997  C CA  . SER A 1 155 ? -9.738  -10.433 -10.536 1.00 44.38 ? 160 SER A CA  1 
ATOM   998  C C   . SER A 1 155 ? -11.201 -10.294 -10.129 1.00 43.97 ? 160 SER A C   1 
ATOM   999  O O   . SER A 1 155 ? -11.583 -9.397  -9.303  1.00 41.09 ? 160 SER A O   1 
ATOM   1000 C CB  . SER A 1 155 ? -9.048  -11.262 -9.459  1.00 46.21 ? 160 SER A CB  1 
ATOM   1001 O OG  . SER A 1 155 ? -9.580  -12.560 -9.420  1.00 50.52 ? 160 SER A OG  1 
ATOM   1002 N N   . GLU A 1 156 ? -12.001 -11.208 -10.658 1.00 41.66 ? 161 GLU A N   1 
ATOM   1003 C CA  . GLU A 1 156 ? -13.393 -11.379 -10.243 1.00 45.63 ? 161 GLU A CA  1 
ATOM   1004 C C   . GLU A 1 156 ? -13.505 -12.015 -8.838  1.00 44.33 ? 161 GLU A C   1 
ATOM   1005 O O   . GLU A 1 156 ? -14.553 -11.931 -8.211  1.00 42.46 ? 161 GLU A O   1 
ATOM   1006 C CB  . GLU A 1 156 ? -14.167 -12.199 -11.273 1.00 43.03 ? 161 GLU A CB  1 
ATOM   1007 C CG  . GLU A 1 156 ? -13.799 -13.665 -11.269 1.00 47.02 ? 161 GLU A CG  1 
ATOM   1008 C CD  . GLU A 1 156 ? -14.531 -14.449 -12.353 1.00 56.86 ? 161 GLU A CD  1 
ATOM   1009 O OE1 . GLU A 1 156 ? -14.979 -13.812 -13.344 1.00 67.85 ? 161 GLU A OE1 1 
ATOM   1010 O OE2 . GLU A 1 156 ? -14.654 -15.692 -12.207 1.00 66.56 ? 161 GLU A OE2 1 
ATOM   1011 N N   . ILE A 1 157 ? -12.419 -12.632 -8.354  1.00 46.89 ? 162 ILE A N   1 
ATOM   1012 C CA  . ILE A 1 157 ? -12.396 -13.270 -7.049  1.00 46.25 ? 162 ILE A CA  1 
ATOM   1013 C C   . ILE A 1 157 ? -12.124 -12.251 -5.975  1.00 42.99 ? 162 ILE A C   1 
ATOM   1014 O O   . ILE A 1 157 ? -11.114 -11.536 -5.988  1.00 40.95 ? 162 ILE A O   1 
ATOM   1015 C CB  . ILE A 1 157 ? -11.378 -14.446 -6.961  1.00 46.28 ? 162 ILE A CB  1 
ATOM   1016 C CG1 . ILE A 1 157 ? -11.675 -15.456 -8.076  1.00 48.45 ? 162 ILE A CG1 1 
ATOM   1017 C CG2 . ILE A 1 157 ? -11.413 -15.112 -5.557  1.00 43.85 ? 162 ILE A CG2 1 
ATOM   1018 C CD1 . ILE A 1 157 ? -11.312 -16.893 -7.776  1.00 58.62 ? 162 ILE A CD1 1 
ATOM   1019 N N   . LEU A 1 158 ? -13.038 -12.185 -5.020  1.00 43.19 ? 163 LEU A N   1 
ATOM   1020 C CA  . LEU A 1 158 ? -12.891 -11.269 -3.887  1.00 44.37 ? 163 LEU A CA  1 
ATOM   1021 C C   . LEU A 1 158 ? -12.349 -12.038 -2.700  1.00 42.77 ? 163 LEU A C   1 
ATOM   1022 O O   . LEU A 1 158 ? -11.577 -11.542 -1.887  1.00 44.76 ? 163 LEU A O   1 
ATOM   1023 C CB  . LEU A 1 158 ? -14.256 -10.668 -3.566  1.00 46.31 ? 163 LEU A CB  1 
ATOM   1024 C CG  . LEU A 1 158 ? -14.246 -9.554  -2.532  1.00 58.36 ? 163 LEU A CG  1 
ATOM   1025 C CD1 . LEU A 1 158 ? -13.344 -8.423  -3.014  1.00 49.38 ? 163 LEU A CD1 1 
ATOM   1026 C CD2 . LEU A 1 158 ? -15.652 -9.088  -2.330  1.00 57.21 ? 163 LEU A CD2 1 
ATOM   1027 N N   . GLY A 1 159 ? -12.771 -13.275 -2.568  1.00 45.73 ? 164 GLY A N   1 
ATOM   1028 C CA  . GLY A 1 159 ? -12.275 -14.041 -1.449  1.00 48.60 ? 164 GLY A CA  1 
ATOM   1029 C C   . GLY A 1 159 ? -12.794 -15.430 -1.325  1.00 44.39 ? 164 GLY A C   1 
ATOM   1030 O O   . GLY A 1 159 ? -13.545 -15.970 -2.149  1.00 43.64 ? 164 GLY A O   1 
ATOM   1031 N N   . THR A 1 160 ? -12.353 -16.017 -0.241  1.00 50.55 ? 165 THR A N   1 
ATOM   1032 C CA  . THR A 1 160 ? -13.024 -17.160 0.330   1.00 57.39 ? 165 THR A CA  1 
ATOM   1033 C C   . THR A 1 160 ? -13.958 -16.703 1.511   1.00 57.47 ? 165 THR A C   1 
ATOM   1034 O O   . THR A 1 160 ? -13.830 -15.565 2.083   1.00 56.70 ? 165 THR A O   1 
ATOM   1035 C CB  . THR A 1 160 ? -11.939 -18.112 0.724   1.00 52.54 ? 165 THR A CB  1 
ATOM   1036 O OG1 . THR A 1 160 ? -11.142 -17.449 1.702   1.00 51.95 ? 165 THR A OG1 1 
ATOM   1037 C CG2 . THR A 1 160 ? -11.041 -18.320 -0.537  1.00 59.12 ? 165 THR A CG2 1 
ATOM   1038 N N   . PHE A 1 161 ? -14.910 -17.566 1.848   1.00 57.54 ? 166 PHE A N   1 
ATOM   1039 C CA  . PHE A 1 161 ? -15.691 -17.411 3.082   1.00 65.79 ? 166 PHE A CA  1 
ATOM   1040 C C   . PHE A 1 161 ? -14.785 -17.072 4.306   1.00 67.84 ? 166 PHE A C   1 
ATOM   1041 O O   . PHE A 1 161 ? -15.154 -16.261 5.188   1.00 73.18 ? 166 PHE A O   1 
ATOM   1042 C CB  . PHE A 1 161 ? -16.498 -18.683 3.370   1.00 69.91 ? 166 PHE A CB  1 
ATOM   1043 C CG  . PHE A 1 161 ? -17.405 -18.552 4.553   1.00 73.72 ? 166 PHE A CG  1 
ATOM   1044 C CD1 . PHE A 1 161 ? -18.630 -17.895 4.428   1.00 73.09 ? 166 PHE A CD1 1 
ATOM   1045 C CD2 . PHE A 1 161 ? -17.017 -19.042 5.804   1.00 76.54 ? 166 PHE A CD2 1 
ATOM   1046 C CE1 . PHE A 1 161 ? -19.474 -17.755 5.525   1.00 73.24 ? 166 PHE A CE1 1 
ATOM   1047 C CE2 . PHE A 1 161 ? -17.847 -18.906 6.906   1.00 80.22 ? 166 PHE A CE2 1 
ATOM   1048 C CZ  . PHE A 1 161 ? -19.087 -18.264 6.768   1.00 78.66 ? 166 PHE A CZ  1 
ATOM   1049 N N   . LYS A 1 162 ? -13.582 -17.641 4.295   1.00 61.13 ? 167 LYS A N   1 
ATOM   1050 C CA  . LYS A 1 162 ? -12.611 -17.461 5.346   1.00 59.56 ? 167 LYS A CA  1 
ATOM   1051 C C   . LYS A 1 162 ? -11.902 -16.101 5.297   1.00 55.98 ? 167 LYS A C   1 
ATOM   1052 O O   . LYS A 1 162 ? -11.740 -15.443 6.317   1.00 56.92 ? 167 LYS A O   1 
ATOM   1053 C CB  . LYS A 1 162 ? -11.564 -18.595 5.286   1.00 62.88 ? 167 LYS A CB  1 
ATOM   1054 C CG  . LYS A 1 162 ? -11.260 -19.189 3.894   1.00 66.58 ? 167 LYS A CG  1 
ATOM   1055 C CD  . LYS A 1 162 ? -12.413 -20.150 3.361   1.00 77.36 ? 167 LYS A CD  1 
ATOM   1056 C CE  . LYS A 1 162 ? -11.910 -21.391 2.613   1.00 74.98 ? 167 LYS A CE  1 
ATOM   1057 N NZ  . LYS A 1 162 ? -10.596 -21.206 1.903   1.00 67.20 ? 167 LYS A NZ  1 
ATOM   1058 N N   . SER A 1 163 ? -11.460 -15.690 4.120   1.00 49.80 ? 168 SER A N   1 
ATOM   1059 C CA  . SER A 1 163 ? -10.564 -14.567 4.000   1.00 47.55 ? 168 SER A CA  1 
ATOM   1060 C C   . SER A 1 163 ? -11.231 -13.215 4.298   1.00 45.54 ? 168 SER A C   1 
ATOM   1061 O O   . SER A 1 163 ? -10.565 -12.304 4.768   1.00 51.51 ? 168 SER A O   1 
ATOM   1062 C CB  . SER A 1 163 ? -9.923  -14.553 2.601   1.00 52.92 ? 168 SER A CB  1 
ATOM   1063 O OG  . SER A 1 163 ? -10.862 -14.206 1.585   1.00 42.29 ? 168 SER A OG  1 
ATOM   1064 N N   . ILE A 1 164 ? -12.527 -13.083 4.002   1.00 46.90 ? 169 ILE A N   1 
ATOM   1065 C CA  . ILE A 1 164 ? -13.265 -11.829 4.194   1.00 47.66 ? 169 ILE A CA  1 
ATOM   1066 C C   . ILE A 1 164 ? -13.617 -11.723 5.680   1.00 50.09 ? 169 ILE A C   1 
ATOM   1067 O O   . ILE A 1 164 ? -14.290 -12.588 6.217   1.00 49.15 ? 169 ILE A O   1 
ATOM   1068 C CB  . ILE A 1 164 ? -14.517 -11.766 3.266   1.00 48.74 ? 169 ILE A CB  1 
ATOM   1069 C CG1 . ILE A 1 164 ? -14.072 -11.792 1.804   1.00 50.73 ? 169 ILE A CG1 1 
ATOM   1070 C CG2 . ILE A 1 164 ? -15.300 -10.516 3.523   1.00 46.02 ? 169 ILE A CG2 1 
ATOM   1071 C CD1 . ILE A 1 164 ? -15.108 -12.232 0.772   1.00 46.28 ? 169 ILE A CD1 1 
ATOM   1072 N N   . SER A 1 165 ? -13.098 -10.701 6.353   1.00 46.75 ? 170 SER A N   1 
ATOM   1073 C CA  . SER A 1 165 ? -13.261 -10.556 7.816   1.00 47.30 ? 170 SER A CA  1 
ATOM   1074 C C   . SER A 1 165 ? -13.916 -9.225  8.206   1.00 45.98 ? 170 SER A C   1 
ATOM   1075 O O   . SER A 1 165 ? -14.028 -8.913  9.372   1.00 44.08 ? 170 SER A O   1 
ATOM   1076 C CB  . SER A 1 165 ? -11.880 -10.634 8.481   1.00 45.52 ? 170 SER A CB  1 
ATOM   1077 O OG  . SER A 1 165 ? -11.029 -9.520  8.090   1.00 49.79 ? 170 SER A OG  1 
ATOM   1078 N N   . TRP A 1 166 ? -14.344 -8.450  7.218   1.00 42.36 ? 171 TRP A N   1 
ATOM   1079 C CA  . TRP A 1 166 ? -14.743 -7.056  7.432   1.00 40.55 ? 171 TRP A CA  1 
ATOM   1080 C C   . TRP A 1 166 ? -16.167 -6.836  6.937   1.00 41.11 ? 171 TRP A C   1 
ATOM   1081 O O   . TRP A 1 166 ? -16.773 -7.718  6.370   1.00 41.57 ? 171 TRP A O   1 
ATOM   1082 C CB  . TRP A 1 166 ? -13.772 -6.120  6.722   1.00 44.32 ? 171 TRP A CB  1 
ATOM   1083 C CG  . TRP A 1 166 ? -13.692 -6.435  5.300   1.00 38.91 ? 171 TRP A CG  1 
ATOM   1084 C CD1 . TRP A 1 166 ? -14.550 -6.019  4.343   1.00 44.33 ? 171 TRP A CD1 1 
ATOM   1085 C CD2 . TRP A 1 166 ? -12.763 -7.305  4.650   1.00 41.07 ? 171 TRP A CD2 1 
ATOM   1086 N NE1 . TRP A 1 166 ? -14.211 -6.545  3.136   1.00 38.87 ? 171 TRP A NE1 1 
ATOM   1087 C CE2 . TRP A 1 166 ? -13.117 -7.338  3.288   1.00 44.21 ? 171 TRP A CE2 1 
ATOM   1088 C CE3 . TRP A 1 166 ? -11.655 -8.034  5.069   1.00 42.20 ? 171 TRP A CE3 1 
ATOM   1089 C CZ2 . TRP A 1 166 ? -12.413 -8.078  2.352   1.00 41.89 ? 171 TRP A CZ2 1 
ATOM   1090 C CZ3 . TRP A 1 166 ? -10.954 -8.762  4.134   1.00 43.74 ? 171 TRP A CZ3 1 
ATOM   1091 C CH2 . TRP A 1 166 ? -11.321 -8.760  2.797   1.00 41.54 ? 171 TRP A CH2 1 
ATOM   1092 N N   . ASP A 1 167 ? -16.690 -5.645  7.187   1.00 41.14 ? 172 ASP A N   1 
ATOM   1093 C CA  . ASP A 1 167 ? -18.075 -5.319  6.954   1.00 43.32 ? 172 ASP A CA  1 
ATOM   1094 C C   . ASP A 1 167 ? -18.177 -3.814  6.761   1.00 42.43 ? 172 ASP A C   1 
ATOM   1095 O O   . ASP A 1 167 ? -17.599 -3.047  7.536   1.00 41.79 ? 172 ASP A O   1 
ATOM   1096 C CB  . ASP A 1 167 ? -18.893 -5.753  8.164   1.00 46.59 ? 172 ASP A CB  1 
ATOM   1097 C CG  . ASP A 1 167 ? -20.374 -5.614  7.954   1.00 49.90 ? 172 ASP A CG  1 
ATOM   1098 O OD1 . ASP A 1 167 ? -20.857 -6.036  6.912   1.00 47.91 ? 172 ASP A OD1 1 
ATOM   1099 O OD2 . ASP A 1 167 ? -21.075 -5.092  8.836   1.00 66.86 ? 172 ASP A OD2 1 
ATOM   1100 N N   . PRO A 1 168 ? -18.859 -3.373  5.702   1.00 43.69 ? 173 PRO A N   1 
ATOM   1101 C CA  . PRO A 1 168 ? -19.435 -4.132  4.610   1.00 40.39 ? 173 PRO A CA  1 
ATOM   1102 C C   . PRO A 1 168 ? -18.393 -4.598  3.602   1.00 40.30 ? 173 PRO A C   1 
ATOM   1103 O O   . PRO A 1 168 ? -17.207 -4.225  3.674   1.00 39.10 ? 173 PRO A O   1 
ATOM   1104 C CB  . PRO A 1 168 ? -20.389 -3.124  3.981   1.00 45.09 ? 173 PRO A CB  1 
ATOM   1105 C CG  . PRO A 1 168 ? -19.662 -1.828  4.164   1.00 44.33 ? 173 PRO A CG  1 
ATOM   1106 C CD  . PRO A 1 168 ? -19.137 -1.933  5.552   1.00 44.98 ? 173 PRO A CD  1 
ATOM   1107 N N   . VAL A 1 169 ? -18.863 -5.429  2.682   1.00 38.37 ? 174 VAL A N   1 
ATOM   1108 C CA  . VAL A 1 169 ? -18.039 -6.063  1.664   1.00 40.64 ? 174 VAL A CA  1 
ATOM   1109 C C   . VAL A 1 169 ? -18.415 -5.457  0.316   1.00 38.38 ? 174 VAL A C   1 
ATOM   1110 O O   . VAL A 1 169 ? -19.582 -5.408  -0.039  1.00 39.80 ? 174 VAL A O   1 
ATOM   1111 C CB  . VAL A 1 169 ? -18.218 -7.598  1.676   1.00 40.96 ? 174 VAL A CB  1 
ATOM   1112 C CG1 . VAL A 1 169 ? -17.260 -8.246  0.691   1.00 36.34 ? 174 VAL A CG1 1 
ATOM   1113 C CG2 . VAL A 1 169 ? -18.046 -8.153  3.149   1.00 39.73 ? 174 VAL A CG2 1 
ATOM   1114 N N   . LYS A 1 170 ? -17.399 -4.972  -0.394  1.00 38.88 ? 175 LYS A N   1 
ATOM   1115 C CA  . LYS A 1 170 ? -17.568 -4.248  -1.648  1.00 38.26 ? 175 LYS A CA  1 
ATOM   1116 C C   . LYS A 1 170 ? -16.649 -4.837  -2.704  1.00 36.94 ? 175 LYS A C   1 
ATOM   1117 O O   . LYS A 1 170 ? -15.575 -5.337  -2.400  1.00 37.45 ? 175 LYS A O   1 
ATOM   1118 C CB  . LYS A 1 170 ? -17.231 -2.771  -1.460  1.00 39.55 ? 175 LYS A CB  1 
ATOM   1119 C CG  . LYS A 1 170 ? -18.080 -2.086  -0.452  1.00 40.70 ? 175 LYS A CG  1 
ATOM   1120 C CD  . LYS A 1 170 ? -17.763 -0.630  -0.358  1.00 43.53 ? 175 LYS A CD  1 
ATOM   1121 C CE  . LYS A 1 170 ? -18.537 0.010   0.739   1.00 53.56 ? 175 LYS A CE  1 
ATOM   1122 N NZ  . LYS A 1 170 ? -17.945 1.339   1.031   1.00 62.52 ? 175 LYS A NZ  1 
ATOM   1123 N N   . VAL A 1 171 ? -17.056 -4.711  -3.949  1.00 36.41 ? 176 VAL A N   1 
ATOM   1124 C CA  . VAL A 1 171 ? -16.403 -5.394  -5.033  1.00 39.95 ? 176 VAL A CA  1 
ATOM   1125 C C   . VAL A 1 171 ? -14.944 -4.940  -5.217  1.00 38.59 ? 176 VAL A C   1 
ATOM   1126 O O   . VAL A 1 171 ? -14.156 -5.666  -5.795  1.00 39.99 ? 176 VAL A O   1 
ATOM   1127 C CB  . VAL A 1 171 ? -17.221 -5.242  -6.381  1.00 37.70 ? 176 VAL A CB  1 
ATOM   1128 C CG1 . VAL A 1 171 ? -18.618 -5.898  -6.230  1.00 35.46 ? 176 VAL A CG1 1 
ATOM   1129 C CG2 . VAL A 1 171 ? -17.310 -3.753  -6.837  1.00 40.14 ? 176 VAL A CG2 1 
ATOM   1130 N N   . HIS A 1 172 ? -14.617 -3.734  -4.773  1.00 42.52 ? 177 HIS A N   1 
ATOM   1131 C CA  . HIS A 1 172 ? -13.261 -3.159  -4.966  1.00 42.42 ? 177 HIS A CA  1 
ATOM   1132 C C   . HIS A 1 172 ? -12.437 -3.226  -3.708  1.00 40.66 ? 177 HIS A C   1 
ATOM   1133 O O   . HIS A 1 172 ? -11.370 -2.628  -3.625  1.00 43.99 ? 177 HIS A O   1 
ATOM   1134 C CB  . HIS A 1 172 ? -13.300 -1.717  -5.518  1.00 45.46 ? 177 HIS A CB  1 
ATOM   1135 C CG  . HIS A 1 172 ? -14.419 -0.881  -4.997  1.00 46.88 ? 177 HIS A CG  1 
ATOM   1136 N ND1 . HIS A 1 172 ? -14.577 -0.595  -3.656  1.00 51.70 ? 177 HIS A ND1 1 
ATOM   1137 C CD2 . HIS A 1 172 ? -15.445 -0.270  -5.639  1.00 50.54 ? 177 HIS A CD2 1 
ATOM   1138 C CE1 . HIS A 1 172 ? -15.650 0.156   -3.496  1.00 51.45 ? 177 HIS A CE1 1 
ATOM   1139 N NE2 . HIS A 1 172 ? -16.200 0.358   -4.679  1.00 50.82 ? 177 HIS A NE2 1 
ATOM   1140 N N   . ASP A 1 173 ? -12.889 -4.016  -2.740  1.00 38.19 ? 178 ASP A N   1 
ATOM   1141 C CA  . ASP A 1 173 ? -12.073 -4.265  -1.547  1.00 38.65 ? 178 ASP A CA  1 
ATOM   1142 C C   . ASP A 1 173 ? -10.719 -4.885  -1.862  1.00 39.76 ? 178 ASP A C   1 
ATOM   1143 O O   . ASP A 1 173 ? -10.555 -5.609  -2.836  1.00 43.10 ? 178 ASP A O   1 
ATOM   1144 C CB  . ASP A 1 173 ? -12.767 -5.185  -0.554  1.00 36.49 ? 178 ASP A CB  1 
ATOM   1145 C CG  . ASP A 1 173 ? -13.948 -4.583  0.124   1.00 47.30 ? 178 ASP A CG  1 
ATOM   1146 O OD1 . ASP A 1 173 ? -14.117 -3.337  0.208   1.00 47.16 ? 178 ASP A OD1 1 
ATOM   1147 O OD2 . ASP A 1 173 ? -14.719 -5.416  0.626   1.00 42.90 ? 178 ASP A OD2 1 
ATOM   1148 N N   . ILE A 1 174 ? -9.755  -4.610  -0.989  1.00 42.91 ? 179 ILE A N   1 
ATOM   1149 C CA  . ILE A 1 174 ? -8.491  -5.297  -1.012  1.00 39.97 ? 179 ILE A CA  1 
ATOM   1150 C C   . ILE A 1 174 ? -8.699  -6.771  -0.628  1.00 36.06 ? 179 ILE A C   1 
ATOM   1151 O O   . ILE A 1 174 ? -9.455  -7.108  0.291   1.00 39.13 ? 179 ILE A O   1 
ATOM   1152 C CB  . ILE A 1 174 ? -7.472  -4.526  -0.121  1.00 39.50 ? 179 ILE A CB  1 
ATOM   1153 C CG1 . ILE A 1 174 ? -7.027  -3.243  -0.859  1.00 41.92 ? 179 ILE A CG1 1 
ATOM   1154 C CG2 . ILE A 1 174 ? -6.250  -5.412  0.201   1.00 42.51 ? 179 ILE A CG2 1 
ATOM   1155 C CD1 . ILE A 1 174 ? -6.477  -2.097  0.067   1.00 40.85 ? 179 ILE A CD1 1 
ATOM   1156 N N   . ARG A 1 175 ? -8.078  -7.679  -1.377  1.00 42.87 ? 180 ARG A N   1 
ATOM   1157 C CA  . ARG A 1 175 ? -8.331  -9.091  -1.213  1.00 39.28 ? 180 ARG A CA  1 
ATOM   1158 C C   . ARG A 1 175 ? -7.479  -9.693  -0.080  1.00 42.72 ? 180 ARG A C   1 
ATOM   1159 O O   . ARG A 1 175 ? -7.876  -10.674 0.562   1.00 44.55 ? 180 ARG A O   1 
ATOM   1160 C CB  . ARG A 1 175 ? -7.990  -9.813  -2.516  1.00 44.78 ? 180 ARG A CB  1 
ATOM   1161 C CG  . ARG A 1 175 ? -9.090  -9.955  -3.492  1.00 39.03 ? 180 ARG A CG  1 
ATOM   1162 C CD  . ARG A 1 175 ? -9.696  -8.669  -3.950  1.00 37.87 ? 180 ARG A CD  1 
ATOM   1163 N NE  . ARG A 1 175 ? -10.536 -8.963  -5.120  1.00 38.29 ? 180 ARG A NE  1 
ATOM   1164 C CZ  . ARG A 1 175 ? -11.380 -8.115  -5.698  1.00 45.05 ? 180 ARG A CZ  1 
ATOM   1165 N NH1 . ARG A 1 175 ? -11.546 -6.929  -5.221  1.00 37.19 ? 180 ARG A NH1 1 
ATOM   1166 N NH2 . ARG A 1 175 ? -12.068 -8.475  -6.766  1.00 38.89 ? 180 ARG A NH2 1 
ATOM   1167 N N   . TRP A 1 176 ? -6.262  -9.184  0.090   1.00 43.50 ? 181 TRP A N   1 
ATOM   1168 C CA  . TRP A 1 176 ? -5.287  -9.837  0.992   1.00 42.26 ? 181 TRP A CA  1 
ATOM   1169 C C   . TRP A 1 176 ? -4.083  -8.948  1.277   1.00 43.06 ? 181 TRP A C   1 
ATOM   1170 O O   . TRP A 1 176 ? -3.999  -7.802  0.826   1.00 44.30 ? 181 TRP A O   1 
ATOM   1171 C CB  . TRP A 1 176 ? -4.855  -11.175 0.390   1.00 40.79 ? 181 TRP A CB  1 
ATOM   1172 C CG  . TRP A 1 176 ? -4.272  -12.149 1.362   1.00 40.96 ? 181 TRP A CG  1 
ATOM   1173 C CD1 . TRP A 1 176 ? -2.990  -12.602 1.396   1.00 43.65 ? 181 TRP A CD1 1 
ATOM   1174 C CD2 . TRP A 1 176 ? -4.947  -12.766 2.457   1.00 40.84 ? 181 TRP A CD2 1 
ATOM   1175 N NE1 . TRP A 1 176 ? -2.825  -13.491 2.429   1.00 44.10 ? 181 TRP A NE1 1 
ATOM   1176 C CE2 . TRP A 1 176 ? -4.018  -13.621 3.091   1.00 38.92 ? 181 TRP A CE2 1 
ATOM   1177 C CE3 . TRP A 1 176 ? -6.269  -12.712 2.948   1.00 41.67 ? 181 TRP A CE3 1 
ATOM   1178 C CZ2 . TRP A 1 176 ? -4.344  -14.351 4.225   1.00 44.93 ? 181 TRP A CZ2 1 
ATOM   1179 C CZ3 . TRP A 1 176 ? -6.594  -13.467 4.052   1.00 46.22 ? 181 TRP A CZ3 1 
ATOM   1180 C CH2 . TRP A 1 176 ? -5.642  -14.275 4.680   1.00 42.28 ? 181 TRP A CH2 1 
ATOM   1181 N N   . ASN A 1 177 ? -3.195  -9.445  2.128   1.00 39.39 ? 182 ASN A N   1 
ATOM   1182 C CA  . ASN A 1 177 ? -1.947  -8.766  2.411   1.00 43.24 ? 182 ASN A CA  1 
ATOM   1183 C C   . ASN A 1 177 ? -1.172  -8.550  1.111   1.00 40.37 ? 182 ASN A C   1 
ATOM   1184 O O   . ASN A 1 177 ? -1.248  -9.374  0.201   1.00 39.59 ? 182 ASN A O   1 
ATOM   1185 C CB  . ASN A 1 177 ? -1.123  -9.614  3.375   1.00 42.46 ? 182 ASN A CB  1 
ATOM   1186 C CG  . ASN A 1 177 ? -1.853  -9.902  4.676   1.00 42.86 ? 182 ASN A CG  1 
ATOM   1187 O OD1 . ASN A 1 177 ? -2.180  -8.974  5.427   1.00 38.61 ? 182 ASN A OD1 1 
ATOM   1188 N ND2 . ASN A 1 177 ? -2.145  -11.181 4.940   1.00 41.31 ? 182 ASN A ND2 1 
ATOM   1189 N N   . PHE A 1 178 ? -0.447  -7.440  1.046   1.00 40.79 ? 183 PHE A N   1 
ATOM   1190 C CA  . PHE A 1 178 ? 0.535   -7.126  -0.020  1.00 43.11 ? 183 PHE A CA  1 
ATOM   1191 C C   . PHE A 1 178 ? -0.087  -6.901  -1.391  1.00 45.70 ? 183 PHE A C   1 
ATOM   1192 O O   . PHE A 1 178 ? 0.549   -7.159  -2.409  1.00 41.58 ? 183 PHE A O   1 
ATOM   1193 C CB  . PHE A 1 178 ? 1.676   -8.156  -0.041  1.00 41.65 ? 183 PHE A CB  1 
ATOM   1194 C CG  . PHE A 1 178 ? 2.534   -8.108  1.185   1.00 41.43 ? 183 PHE A CG  1 
ATOM   1195 C CD1 . PHE A 1 178 ? 3.619   -7.274  1.257   1.00 43.55 ? 183 PHE A CD1 1 
ATOM   1196 C CD2 . PHE A 1 178 ? 2.234   -8.882  2.288   1.00 48.23 ? 183 PHE A CD2 1 
ATOM   1197 C CE1 . PHE A 1 178 ? 4.414   -7.220  2.427   1.00 40.62 ? 183 PHE A CE1 1 
ATOM   1198 C CE2 . PHE A 1 178 ? 3.004   -8.835  3.441   1.00 40.22 ? 183 PHE A CE2 1 
ATOM   1199 C CZ  . PHE A 1 178 ? 4.101   -7.994  3.503   1.00 41.85 ? 183 PHE A CZ  1 
ATOM   1200 N N   . GLU A 1 179 ? -1.322  -6.365  -1.399  1.00 45.12 ? 184 GLU A N   1 
ATOM   1201 C CA  . GLU A 1 179 ? -1.923  -5.831  -2.616  1.00 41.25 ? 184 GLU A CA  1 
ATOM   1202 C C   . GLU A 1 179 ? -1.282  -4.463  -2.841  1.00 43.50 ? 184 GLU A C   1 
ATOM   1203 O O   . GLU A 1 179 ? -0.720  -3.863  -1.893  1.00 42.37 ? 184 GLU A O   1 
ATOM   1204 C CB  . GLU A 1 179 ? -3.425  -5.764  -2.454  1.00 46.79 ? 184 GLU A CB  1 
ATOM   1205 C CG  . GLU A 1 179 ? -4.186  -5.333  -3.642  1.00 47.28 ? 184 GLU A CG  1 
ATOM   1206 C CD  . GLU A 1 179 ? -5.670  -5.682  -3.543  1.00 48.10 ? 184 GLU A CD  1 
ATOM   1207 O OE1 . GLU A 1 179 ? -6.008  -6.839  -3.164  1.00 42.28 ? 184 GLU A OE1 1 
ATOM   1208 O OE2 . GLU A 1 179 ? -6.482  -4.806  -3.906  1.00 46.11 ? 184 GLU A OE2 1 
ATOM   1209 N N   . LYS A 1 180 ? -1.302  -3.986  -4.077  1.00 44.83 ? 185 LYS A N   1 
ATOM   1210 C CA  . LYS A 1 180 ? -0.497  -2.796  -4.459  1.00 45.60 ? 185 LYS A CA  1 
ATOM   1211 C C   . LYS A 1 180 ? -1.196  -1.831  -5.422  1.00 42.37 ? 185 LYS A C   1 
ATOM   1212 O O   . LYS A 1 180 ? -1.923  -2.253  -6.312  1.00 43.28 ? 185 LYS A O   1 
ATOM   1213 C CB  . LYS A 1 180 ? 0.821   -3.247  -5.076  1.00 43.26 ? 185 LYS A CB  1 
ATOM   1214 C CG  . LYS A 1 180 ? 1.689   -4.051  -4.146  1.00 40.54 ? 185 LYS A CG  1 
ATOM   1215 C CD  . LYS A 1 180 ? 2.917   -4.636  -4.839  1.00 41.82 ? 185 LYS A CD  1 
ATOM   1216 C CE  . LYS A 1 180 ? 3.658   -5.618  -3.910  1.00 40.27 ? 185 LYS A CE  1 
ATOM   1217 N NZ  . LYS A 1 180 ? 2.951   -6.927  -3.712  1.00 38.02 ? 185 LYS A NZ  1 
ATOM   1218 N N   . PHE A 1 181 ? -0.972  -0.535  -5.200  1.00 42.99 ? 186 PHE A N   1 
ATOM   1219 C CA  . PHE A 1 181 ? -1.491  0.514   -6.052  1.00 42.35 ? 186 PHE A CA  1 
ATOM   1220 C C   . PHE A 1 181 ? -0.364  1.450   -6.458  1.00 42.38 ? 186 PHE A C   1 
ATOM   1221 O O   . PHE A 1 181 ? 0.464   1.824   -5.629  1.00 42.10 ? 186 PHE A O   1 
ATOM   1222 C CB  . PHE A 1 181 ? -2.522  1.376   -5.361  1.00 42.45 ? 186 PHE A CB  1 
ATOM   1223 C CG  . PHE A 1 181 ? -3.724  0.651   -4.871  1.00 41.38 ? 186 PHE A CG  1 
ATOM   1224 C CD1 . PHE A 1 181 ? -4.923  0.739   -5.559  1.00 44.43 ? 186 PHE A CD1 1 
ATOM   1225 C CD2 . PHE A 1 181 ? -3.686  -0.059  -3.669  1.00 42.76 ? 186 PHE A CD2 1 
ATOM   1226 C CE1 . PHE A 1 181 ? -6.085  0.092   -5.060  1.00 51.79 ? 186 PHE A CE1 1 
ATOM   1227 C CE2 . PHE A 1 181 ? -4.840  -0.720  -3.191  1.00 45.21 ? 186 PHE A CE2 1 
ATOM   1228 C CZ  . PHE A 1 181 ? -6.031  -0.630  -3.903  1.00 44.49 ? 186 PHE A CZ  1 
ATOM   1229 N N   . LEU A 1 182 ? -0.366  1.843   -7.732  1.00 44.52 ? 187 LEU A N   1 
ATOM   1230 C CA  . LEU A 1 182 ? 0.521   2.889   -8.218  1.00 42.39 ? 187 LEU A CA  1 
ATOM   1231 C C   . LEU A 1 182 ? -0.258  4.183   -8.453  1.00 43.37 ? 187 LEU A C   1 
ATOM   1232 O O   . LEU A 1 182 ? -1.289  4.191   -9.149  1.00 41.40 ? 187 LEU A O   1 
ATOM   1233 C CB  . LEU A 1 182 ? 1.224   2.450   -9.500  1.00 42.91 ? 187 LEU A CB  1 
ATOM   1234 C CG  . LEU A 1 182 ? 2.221   3.421   -10.149 1.00 43.45 ? 187 LEU A CG  1 
ATOM   1235 C CD1 . LEU A 1 182 ? 3.511   3.455   -9.387  1.00 46.92 ? 187 LEU A CD1 1 
ATOM   1236 C CD2 . LEU A 1 182 ? 2.495   2.999   -11.585 1.00 39.31 ? 187 LEU A CD2 1 
ATOM   1237 N N   . VAL A 1 183 ? 0.262   5.271   -7.880  1.00 47.38 ? 188 VAL A N   1 
ATOM   1238 C CA  . VAL A 1 183 ? -0.285  6.620   -8.059  1.00 43.62 ? 188 VAL A CA  1 
ATOM   1239 C C   . VAL A 1 183 ? 0.717   7.429   -8.888  1.00 45.87 ? 188 VAL A C   1 
ATOM   1240 O O   . VAL A 1 183 ? 1.930   7.392   -8.627  1.00 43.87 ? 188 VAL A O   1 
ATOM   1241 C CB  . VAL A 1 183 ? -0.581  7.260   -6.686  1.00 47.66 ? 188 VAL A CB  1 
ATOM   1242 C CG1 . VAL A 1 183 ? -1.117  8.694   -6.841  1.00 44.48 ? 188 VAL A CG1 1 
ATOM   1243 C CG2 . VAL A 1 183 ? -1.569  6.358   -5.865  1.00 39.64 ? 188 VAL A CG2 1 
ATOM   1244 N N   . GLY A 1 184 ? 0.218   8.122   -9.912  1.00 45.76 ? 189 GLY A N   1 
ATOM   1245 C CA  . GLY A 1 184 ? 1.079   8.924   -10.796 1.00 45.98 ? 189 GLY A CA  1 
ATOM   1246 C C   . GLY A 1 184 ? 1.617   10.196  -10.140 1.00 47.80 ? 189 GLY A C   1 
ATOM   1247 O O   . GLY A 1 184 ? 1.282   10.497  -8.976  1.00 45.97 ? 189 GLY A O   1 
ATOM   1248 N N   . PRO A 1 185 ? 2.472   10.953  -10.876 1.00 45.73 ? 190 PRO A N   1 
ATOM   1249 C CA  . PRO A 1 185 ? 3.079   12.177  -10.333 1.00 46.09 ? 190 PRO A CA  1 
ATOM   1250 C C   . PRO A 1 185 ? 2.097   13.345  -10.180 1.00 46.06 ? 190 PRO A C   1 
ATOM   1251 O O   . PRO A 1 185 ? 2.446   14.340  -9.569  1.00 44.63 ? 190 PRO A O   1 
ATOM   1252 C CB  . PRO A 1 185 ? 4.200   12.493  -11.327 1.00 44.62 ? 190 PRO A CB  1 
ATOM   1253 C CG  . PRO A 1 185 ? 3.758   11.895  -12.596 1.00 47.37 ? 190 PRO A CG  1 
ATOM   1254 C CD  . PRO A 1 185 ? 2.918   10.690  -12.253 1.00 46.35 ? 190 PRO A CD  1 
ATOM   1255 N N   . ASP A 1 186 ? 0.870   13.173  -10.672 1.00 48.75 ? 191 ASP A N   1 
ATOM   1256 C CA  . ASP A 1 186 ? -0.235  14.113  -10.454 1.00 47.93 ? 191 ASP A CA  1 
ATOM   1257 C C   . ASP A 1 186 ? -1.224  13.728  -9.342  1.00 48.96 ? 191 ASP A C   1 
ATOM   1258 O O   . ASP A 1 186 ? -2.258  14.385  -9.170  1.00 46.84 ? 191 ASP A O   1 
ATOM   1259 C CB  . ASP A 1 186 ? -1.003  14.293  -11.765 1.00 49.17 ? 191 ASP A CB  1 
ATOM   1260 C CG  . ASP A 1 186 ? -1.629  12.997  -12.288 1.00 49.59 ? 191 ASP A CG  1 
ATOM   1261 O OD1 . ASP A 1 186 ? -1.498  11.897  -11.671 1.00 42.15 ? 191 ASP A OD1 1 
ATOM   1262 O OD2 . ASP A 1 186 ? -2.273  13.091  -13.355 1.00 46.54 ? 191 ASP A OD2 1 
ATOM   1263 N N   . GLY A 1 187 ? -0.929  12.647  -8.613  1.00 49.71 ? 192 GLY A N   1 
ATOM   1264 C CA  . GLY A 1 187 ? -1.783  12.190  -7.517  1.00 47.06 ? 192 GLY A CA  1 
ATOM   1265 C C   . GLY A 1 187 ? -3.000  11.369  -7.930  1.00 45.60 ? 192 GLY A C   1 
ATOM   1266 O O   . GLY A 1 187 ? -3.831  11.019  -7.090  1.00 46.36 ? 192 GLY A O   1 
ATOM   1267 N N   . ILE A 1 188 ? -3.118  11.046  -9.212  1.00 45.21 ? 193 ILE A N   1 
ATOM   1268 C CA  . ILE A 1 188 ? -4.224  10.208  -9.664  1.00 48.58 ? 193 ILE A CA  1 
ATOM   1269 C C   . ILE A 1 188 ? -3.758  8.738   -9.743  1.00 45.10 ? 193 ILE A C   1 
ATOM   1270 O O   . ILE A 1 188 ? -2.728  8.436   -10.335 1.00 45.45 ? 193 ILE A O   1 
ATOM   1271 C CB  . ILE A 1 188 ? -4.819  10.695  -11.010 1.00 49.65 ? 193 ILE A CB  1 
ATOM   1272 C CG1 . ILE A 1 188 ? -5.426  12.092  -10.820 1.00 53.70 ? 193 ILE A CG1 1 
ATOM   1273 C CG2 . ILE A 1 188 ? -5.901  9.712   -11.516 1.00 45.60 ? 193 ILE A CG2 1 
ATOM   1274 C CD1 . ILE A 1 188 ? -5.928  12.726  -12.104 1.00 53.89 ? 193 ILE A CD1 1 
ATOM   1275 N N   . PRO A 1 189 ? -4.502  7.826   -9.110  1.00 44.19 ? 194 PRO A N   1 
ATOM   1276 C CA  . PRO A 1 189 ? -4.120  6.428   -9.192  1.00 45.47 ? 194 PRO A CA  1 
ATOM   1277 C C   . PRO A 1 189 ? -4.150  5.900   -10.623 1.00 49.32 ? 194 PRO A C   1 
ATOM   1278 O O   . PRO A 1 189 ? -5.102  6.206   -11.381 1.00 51.30 ? 194 PRO A O   1 
ATOM   1279 C CB  . PRO A 1 189 ? -5.181  5.736   -8.360  1.00 44.06 ? 194 PRO A CB  1 
ATOM   1280 C CG  . PRO A 1 189 ? -5.656  6.725   -7.442  1.00 44.81 ? 194 PRO A CG  1 
ATOM   1281 C CD  . PRO A 1 189 ? -5.664  7.997   -8.237  1.00 47.21 ? 194 PRO A CD  1 
ATOM   1282 N N   . VAL A 1 190 ? -3.125  5.125   -10.980 1.00 49.28 ? 195 VAL A N   1 
ATOM   1283 C CA  . VAL A 1 190 ? -3.002  4.587   -12.332 1.00 48.62 ? 195 VAL A CA  1 
ATOM   1284 C C   . VAL A 1 190 ? -3.223  3.075   -12.461 1.00 45.44 ? 195 VAL A C   1 
ATOM   1285 O O   . VAL A 1 190 ? -3.788  2.632   -13.459 1.00 44.23 ? 195 VAL A O   1 
ATOM   1286 C CB  . VAL A 1 190 ? -1.647  5.010   -13.043 1.00 52.70 ? 195 VAL A CB  1 
ATOM   1287 C CG1 . VAL A 1 190 ? -1.478  6.510   -12.986 1.00 54.30 ? 195 VAL A CG1 1 
ATOM   1288 C CG2 . VAL A 1 190 ? -0.419  4.312   -12.461 1.00 54.02 ? 195 VAL A CG2 1 
ATOM   1289 N N   . MET A 1 191 ? -2.790  2.294   -11.479 1.00 42.85 ? 196 MET A N   1 
ATOM   1290 C CA  . MET A 1 191 ? -2.662  0.837   -11.653 1.00 48.49 ? 196 MET A CA  1 
ATOM   1291 C C   . MET A 1 191 ? -2.820  0.137   -10.313 1.00 42.36 ? 196 MET A C   1 
ATOM   1292 O O   . MET A 1 191 ? -2.498  0.710   -9.294  1.00 41.70 ? 196 MET A O   1 
ATOM   1293 C CB  . MET A 1 191 ? -1.251  0.574   -12.136 1.00 50.57 ? 196 MET A CB  1 
ATOM   1294 C CG  . MET A 1 191 ? -1.077  -0.305  -13.322 1.00 65.66 ? 196 MET A CG  1 
ATOM   1295 S SD  . MET A 1 191 ? 0.660   -0.131  -13.827 1.00 62.17 ? 196 MET A SD  1 
ATOM   1296 C CE  . MET A 1 191 ? 0.748   -1.280  -15.221 1.00 71.61 ? 196 MET A CE  1 
ATOM   1297 N N   . ARG A 1 192 ? -3.247  -1.119  -10.340 1.00 40.41 ? 197 ARG A N   1 
ATOM   1298 C CA  . ARG A 1 192 ? -3.412  -1.921  -9.155  1.00 42.09 ? 197 ARG A CA  1 
ATOM   1299 C C   . ARG A 1 192 ? -3.045  -3.343  -9.475  1.00 42.37 ? 197 ARG A C   1 
ATOM   1300 O O   . ARG A 1 192 ? -3.523  -3.883  -10.455 1.00 41.69 ? 197 ARG A O   1 
ATOM   1301 C CB  . ARG A 1 192 ? -4.875  -1.854  -8.708  1.00 43.65 ? 197 ARG A CB  1 
ATOM   1302 C CG  . ARG A 1 192 ? -5.275  -2.580  -7.444  1.00 43.44 ? 197 ARG A CG  1 
ATOM   1303 C CD  . ARG A 1 192 ? -6.773  -2.351  -7.228  1.00 46.49 ? 197 ARG A CD  1 
ATOM   1304 N NE  . ARG A 1 192 ? -7.282  -3.000  -6.038  1.00 44.78 ? 197 ARG A NE  1 
ATOM   1305 C CZ  . ARG A 1 192 ? -8.504  -2.818  -5.498  1.00 45.47 ? 197 ARG A CZ  1 
ATOM   1306 N NH1 . ARG A 1 192 ? -9.393  -1.973  -6.012  1.00 43.07 ? 197 ARG A NH1 1 
ATOM   1307 N NH2 . ARG A 1 192 ? -8.837  -3.506  -4.416  1.00 45.48 ? 197 ARG A NH2 1 
ATOM   1308 N N   . TRP A 1 193 ? -2.243  -3.952  -8.610  1.00 40.70 ? 198 TRP A N   1 
ATOM   1309 C CA  . TRP A 1 193 ? -1.845  -5.342  -8.728  1.00 41.96 ? 198 TRP A CA  1 
ATOM   1310 C C   . TRP A 1 193 ? -2.483  -6.208  -7.642  1.00 39.74 ? 198 TRP A C   1 
ATOM   1311 O O   . TRP A 1 193 ? -2.601  -5.824  -6.470  1.00 43.11 ? 198 TRP A O   1 
ATOM   1312 C CB  . TRP A 1 193 ? -0.318  -5.485  -8.606  1.00 42.47 ? 198 TRP A CB  1 
ATOM   1313 C CG  . TRP A 1 193 ? 0.505   -4.810  -9.679  1.00 43.13 ? 198 TRP A CG  1 
ATOM   1314 C CD1 . TRP A 1 193 ? 0.968   -5.376  -10.806 1.00 39.16 ? 198 TRP A CD1 1 
ATOM   1315 C CD2 . TRP A 1 193 ? 0.979   -3.444  -9.692  1.00 37.23 ? 198 TRP A CD2 1 
ATOM   1316 N NE1 . TRP A 1 193 ? 1.664   -4.465  -11.551 1.00 40.82 ? 198 TRP A NE1 1 
ATOM   1317 C CE2 . TRP A 1 193 ? 1.707   -3.272  -10.881 1.00 45.01 ? 198 TRP A CE2 1 
ATOM   1318 C CE3 . TRP A 1 193 ? 0.834   -2.355  -8.828  1.00 40.11 ? 198 TRP A CE3 1 
ATOM   1319 C CZ2 . TRP A 1 193 ? 2.314   -2.044  -11.237 1.00 45.50 ? 198 TRP A CZ2 1 
ATOM   1320 C CZ3 . TRP A 1 193 ? 1.438   -1.138  -9.168  1.00 39.83 ? 198 TRP A CZ3 1 
ATOM   1321 C CH2 . TRP A 1 193 ? 2.176   -0.998  -10.365 1.00 41.73 ? 198 TRP A CH2 1 
ATOM   1322 N N   . SER A 1 194 ? -2.868  -7.411  -8.047  1.00 40.88 ? 199 SER A N   1 
ATOM   1323 C CA  . SER A 1 194 ? -3.160  -8.475  -7.108  1.00 40.31 ? 199 SER A CA  1 
ATOM   1324 C C   . SER A 1 194 ? -1.949  -8.768  -6.208  1.00 40.95 ? 199 SER A C   1 
ATOM   1325 O O   . SER A 1 194 ? -0.799  -8.546  -6.604  1.00 43.16 ? 199 SER A O   1 
ATOM   1326 C CB  . SER A 1 194 ? -3.540  -9.721  -7.910  1.00 43.88 ? 199 SER A CB  1 
ATOM   1327 O OG  . SER A 1 194 ? -3.571  -10.846 -7.061  1.00 42.23 ? 199 SER A OG  1 
ATOM   1328 N N   . HIS A 1 195 ? -2.231  -9.235  -4.983  1.00 40.95 ? 200 HIS A N   1 
ATOM   1329 C CA  . HIS A 1 195 ? -1.251  -9.785  -4.067  1.00 39.02 ? 200 HIS A CA  1 
ATOM   1330 C C   . HIS A 1 195 ? -0.565  -11.044 -4.636  1.00 38.42 ? 200 HIS A C   1 
ATOM   1331 O O   . HIS A 1 195 ? 0.429   -11.509 -4.078  1.00 40.09 ? 200 HIS A O   1 
ATOM   1332 C CB  . HIS A 1 195 ? -1.912  -10.109 -2.698  1.00 40.01 ? 200 HIS A CB  1 
ATOM   1333 C CG  . HIS A 1 195 ? -2.885  -11.255 -2.747  1.00 41.69 ? 200 HIS A CG  1 
ATOM   1334 N ND1 . HIS A 1 195 ? -4.168  -11.127 -3.243  1.00 44.11 ? 200 HIS A ND1 1 
ATOM   1335 C CD2 . HIS A 1 195 ? -2.758  -12.548 -2.360  1.00 44.93 ? 200 HIS A CD2 1 
ATOM   1336 C CE1 . HIS A 1 195 ? -4.771  -12.299 -3.191  1.00 42.70 ? 200 HIS A CE1 1 
ATOM   1337 N NE2 . HIS A 1 195 ? -3.939  -13.179 -2.653  1.00 42.69 ? 200 HIS A NE2 1 
ATOM   1338 N N   . ARG A 1 196 ? -1.146  -11.622 -5.674  1.00 39.19 ? 201 ARG A N   1 
ATOM   1339 C CA  . ARG A 1 196 ? -0.630  -12.819 -6.309  1.00 39.32 ? 201 ARG A CA  1 
ATOM   1340 C C   . ARG A 1 196 ? 0.522   -12.491 -7.285  1.00 38.28 ? 201 ARG A C   1 
ATOM   1341 O O   . ARG A 1 196 ? 1.182   -13.398 -7.728  1.00 39.07 ? 201 ARG A O   1 
ATOM   1342 C CB  . ARG A 1 196 ? -1.735  -13.553 -7.058  1.00 41.92 ? 201 ARG A CB  1 
ATOM   1343 C CG  . ARG A 1 196 ? -2.796  -14.163 -6.111  1.00 44.86 ? 201 ARG A CG  1 
ATOM   1344 C CD  . ARG A 1 196 ? -3.950  -14.832 -6.866  1.00 46.22 ? 201 ARG A CD  1 
ATOM   1345 N NE  . ARG A 1 196 ? -3.506  -15.911 -7.768  1.00 51.53 ? 201 ARG A NE  1 
ATOM   1346 C CZ  . ARG A 1 196 ? -3.535  -17.213 -7.451  1.00 66.35 ? 201 ARG A CZ  1 
ATOM   1347 N NH1 . ARG A 1 196 ? -4.003  -17.617 -6.263  1.00 65.14 ? 201 ARG A NH1 1 
ATOM   1348 N NH2 . ARG A 1 196 ? -3.089  -18.131 -8.320  1.00 55.45 ? 201 ARG A NH2 1 
ATOM   1349 N N   . ALA A 1 197 ? 0.711   -11.215 -7.623  1.00 38.03 ? 202 ALA A N   1 
ATOM   1350 C CA  . ALA A 1 197 ? 1.749   -10.776 -8.597  1.00 39.74 ? 202 ALA A CA  1 
ATOM   1351 C C   . ALA A 1 197 ? 3.072   -10.632 -7.863  1.00 38.15 ? 202 ALA A C   1 
ATOM   1352 O O   . ALA A 1 197 ? 3.144   -9.996  -6.807  1.00 38.01 ? 202 ALA A O   1 
ATOM   1353 C CB  . ALA A 1 197 ? 1.354   -9.453  -9.232  1.00 37.34 ? 202 ALA A CB  1 
ATOM   1354 N N   . THR A 1 198 ? 4.114   -11.273 -8.390  1.00 39.65 ? 203 THR A N   1 
ATOM   1355 C CA  . THR A 1 198 ? 5.454   -11.166 -7.783  1.00 40.59 ? 203 THR A CA  1 
ATOM   1356 C C   . THR A 1 198 ? 5.955   -9.734  -7.851  1.00 36.43 ? 203 THR A C   1 
ATOM   1357 O O   . THR A 1 198 ? 5.587   -9.024  -8.755  1.00 39.59 ? 203 THR A O   1 
ATOM   1358 C CB  . THR A 1 198 ? 6.477   -12.001 -8.524  1.00 34.65 ? 203 THR A CB  1 
ATOM   1359 O OG1 . THR A 1 198 ? 6.515   -11.521 -9.852  1.00 33.08 ? 203 THR A OG1 1 
ATOM   1360 C CG2 . THR A 1 198 ? 6.096   -13.431 -8.481  1.00 39.84 ? 203 THR A CG2 1 
ATOM   1361 N N   . VAL A 1 199 ? 6.771   -9.322  -6.880  1.00 38.54 ? 204 VAL A N   1 
ATOM   1362 C CA  . VAL A 1 199 ? 7.419   -8.006  -6.909  1.00 38.79 ? 204 VAL A CA  1 
ATOM   1363 C C   . VAL A 1 199 ? 8.263   -7.792  -8.179  1.00 35.32 ? 204 VAL A C   1 
ATOM   1364 O O   . VAL A 1 199 ? 8.404   -6.660  -8.646  1.00 37.78 ? 204 VAL A O   1 
ATOM   1365 C CB  . VAL A 1 199 ? 8.337   -7.775  -5.665  1.00 41.21 ? 204 VAL A CB  1 
ATOM   1366 C CG1 . VAL A 1 199 ? 9.048   -6.419  -5.752  1.00 43.51 ? 204 VAL A CG1 1 
ATOM   1367 C CG2 . VAL A 1 199 ? 7.517   -7.895  -4.359  1.00 35.88 ? 204 VAL A CG2 1 
ATOM   1368 N N   . SER A 1 200 ? 8.829   -8.867  -8.724  1.00 35.31 ? 205 SER A N   1 
ATOM   1369 C CA  . SER A 1 200 ? 9.548   -8.782  -9.984  1.00 37.17 ? 205 SER A CA  1 
ATOM   1370 C C   . SER A 1 200 ? 8.628   -8.379  -11.117 1.00 31.48 ? 205 SER A C   1 
ATOM   1371 O O   . SER A 1 200 ? 9.026   -7.620  -11.969 1.00 29.07 ? 205 SER A O   1 
ATOM   1372 C CB  . SER A 1 200 ? 10.232  -10.098 -10.345 1.00 36.98 ? 205 SER A CB  1 
ATOM   1373 O OG  . SER A 1 200 ? 11.109  -10.497 -9.327  1.00 40.39 ? 205 SER A OG  1 
ATOM   1374 N N   . SER A 1 201 ? 7.402   -8.890  -11.144 1.00 33.58 ? 206 SER A N   1 
ATOM   1375 C CA  . SER A 1 201 ? 6.501   -8.534  -12.259 1.00 36.40 ? 206 SER A CA  1 
ATOM   1376 C C   . SER A 1 201 ? 5.992   -7.090  -12.058 1.00 34.89 ? 206 SER A C   1 
ATOM   1377 O O   . SER A 1 201 ? 5.827   -6.336  -13.041 1.00 39.94 ? 206 SER A O   1 
ATOM   1378 C CB  . SER A 1 201 ? 5.332   -9.537  -12.391 1.00 33.87 ? 206 SER A CB  1 
ATOM   1379 O OG  . SER A 1 201 ? 4.456   -9.463  -11.276 1.00 40.92 ? 206 SER A OG  1 
ATOM   1380 N N   . VAL A 1 202 ? 5.790   -6.709  -10.798 1.00 37.51 ? 207 VAL A N   1 
ATOM   1381 C CA  . VAL A 1 202 ? 5.422   -5.331  -10.451 1.00 36.89 ? 207 VAL A CA  1 
ATOM   1382 C C   . VAL A 1 202 ? 6.521   -4.380  -10.936 1.00 41.10 ? 207 VAL A C   1 
ATOM   1383 O O   . VAL A 1 202 ? 6.226   -3.402  -11.621 1.00 41.12 ? 207 VAL A O   1 
ATOM   1384 C CB  . VAL A 1 202 ? 5.143   -5.169  -8.967  1.00 41.23 ? 207 VAL A CB  1 
ATOM   1385 C CG1 . VAL A 1 202 ? 5.030   -3.671  -8.580  1.00 34.10 ? 207 VAL A CG1 1 
ATOM   1386 C CG2 . VAL A 1 202 ? 3.862   -5.933  -8.565  1.00 42.45 ? 207 VAL A CG2 1 
ATOM   1387 N N   . LYS A 1 203 ? 7.779   -4.705  -10.646 1.00 41.30 ? 208 LYS A N   1 
ATOM   1388 C CA  . LYS A 1 203 ? 8.905   -3.907  -11.124 1.00 43.61 ? 208 LYS A CA  1 
ATOM   1389 C C   . LYS A 1 203 ? 8.894   -3.787  -12.648 1.00 40.85 ? 208 LYS A C   1 
ATOM   1390 O O   . LYS A 1 203 ? 8.971   -2.674  -13.204 1.00 40.06 ? 208 LYS A O   1 
ATOM   1391 C CB  . LYS A 1 203 ? 10.218  -4.502  -10.613 1.00 44.24 ? 208 LYS A CB  1 
ATOM   1392 C CG  . LYS A 1 203 ? 11.462  -3.717  -11.004 1.00 49.90 ? 208 LYS A CG  1 
ATOM   1393 C CD  . LYS A 1 203 ? 12.753  -4.501  -10.684 1.00 47.90 ? 208 LYS A CD  1 
ATOM   1394 C CE  . LYS A 1 203 ? 13.017  -4.591  -9.181  1.00 55.25 ? 208 LYS A CE  1 
ATOM   1395 N N   . THR A 1 204 ? 8.765   -4.928  -13.334 1.00 39.80 ? 209 THR A N   1 
ATOM   1396 C CA  . THR A 1 204 ? 8.723   -4.932  -14.776 1.00 36.67 ? 209 THR A CA  1 
ATOM   1397 C C   . THR A 1 204 ? 7.616   -4.055  -15.328 1.00 36.45 ? 209 THR A C   1 
ATOM   1398 O O   . THR A 1 204 ? 7.823   -3.313  -16.307 1.00 32.81 ? 209 THR A O   1 
ATOM   1399 C CB  . THR A 1 204 ? 8.618   -6.364  -15.366 1.00 40.30 ? 209 THR A CB  1 
ATOM   1400 O OG1 . THR A 1 204 ? 9.748   -7.137  -14.941 1.00 45.95 ? 209 THR A OG1 1 
ATOM   1401 C CG2 . THR A 1 204 ? 8.594   -6.318  -16.893 1.00 38.71 ? 209 THR A CG2 1 
ATOM   1402 N N   . ASP A 1 205 ? 6.446   -4.133  -14.724 1.00 39.63 ? 210 ASP A N   1 
ATOM   1403 C CA  . ASP A 1 205 ? 5.324   -3.261  -15.110 1.00 42.08 ? 210 ASP A CA  1 
ATOM   1404 C C   . ASP A 1 205 ? 5.612   -1.758  -14.861 1.00 40.55 ? 210 ASP A C   1 
ATOM   1405 O O   . ASP A 1 205 ? 5.329   -0.901  -15.716 1.00 36.05 ? 210 ASP A O   1 
ATOM   1406 C CB  . ASP A 1 205 ? 4.061   -3.674  -14.367 1.00 38.78 ? 210 ASP A CB  1 
ATOM   1407 C CG  . ASP A 1 205 ? 3.519   -5.017  -14.796 1.00 38.81 ? 210 ASP A CG  1 
ATOM   1408 O OD1 . ASP A 1 205 ? 4.009   -5.601  -15.766 1.00 38.14 ? 210 ASP A OD1 1 
ATOM   1409 O OD2 . ASP A 1 205 ? 2.575   -5.490  -14.139 1.00 37.46 ? 210 ASP A OD2 1 
ATOM   1410 N N   . ILE A 1 206 ? 6.196   -1.460  -13.704 1.00 38.60 ? 211 ILE A N   1 
ATOM   1411 C CA  . ILE A 1 206 ? 6.545   -0.082  -13.374 1.00 42.36 ? 211 ILE A CA  1 
ATOM   1412 C C   . ILE A 1 206 ? 7.616   0.487   -14.294 1.00 39.59 ? 211 ILE A C   1 
ATOM   1413 O O   . ILE A 1 206 ? 7.481   1.611   -14.751 1.00 42.79 ? 211 ILE A O   1 
ATOM   1414 C CB  . ILE A 1 206 ? 6.974   0.071   -11.897 1.00 42.53 ? 211 ILE A CB  1 
ATOM   1415 C CG1 . ILE A 1 206 ? 5.749   -0.067  -10.999 1.00 39.36 ? 211 ILE A CG1 1 
ATOM   1416 C CG2 . ILE A 1 206 ? 7.636   1.438   -11.667 1.00 41.88 ? 211 ILE A CG2 1 
ATOM   1417 C CD1 . ILE A 1 206 ? 6.085   -0.175  -9.502  1.00 40.82 ? 211 ILE A CD1 1 
ATOM   1418 N N   . LEU A 1 207 ? 8.647   -0.296  -14.594 1.00 39.93 ? 212 LEU A N   1 
ATOM   1419 C CA  . LEU A 1 207 ? 9.661   0.090   -15.552 1.00 39.49 ? 212 LEU A CA  1 
ATOM   1420 C C   . LEU A 1 207 ? 9.083   0.408   -16.934 1.00 43.79 ? 212 LEU A C   1 
ATOM   1421 O O   . LEU A 1 207 ? 9.536   1.351   -17.601 1.00 38.53 ? 212 LEU A O   1 
ATOM   1422 C CB  . LEU A 1 207 ? 10.747  -0.997  -15.658 1.00 39.74 ? 212 LEU A CB  1 
ATOM   1423 C CG  . LEU A 1 207 ? 11.704  -0.991  -14.459 1.00 38.22 ? 212 LEU A CG  1 
ATOM   1424 C CD1 . LEU A 1 207 ? 12.589  -2.223  -14.447 1.00 34.81 ? 212 LEU A CD1 1 
ATOM   1425 C CD2 . LEU A 1 207 ? 12.565  0.280   -14.496 1.00 43.45 ? 212 LEU A CD2 1 
ATOM   1426 N N   . ALA A 1 208 ? 8.088   -0.359  -17.376 1.00 44.84 ? 213 ALA A N   1 
ATOM   1427 C CA  . ALA A 1 208 ? 7.473   -0.090  -18.683 1.00 45.42 ? 213 ALA A CA  1 
ATOM   1428 C C   . ALA A 1 208 ? 6.612   1.180   -18.610 1.00 45.70 ? 213 ALA A C   1 
ATOM   1429 O O   . ALA A 1 208 ? 6.509   1.892   -19.577 1.00 43.87 ? 213 ALA A O   1 
ATOM   1430 C CB  . ALA A 1 208 ? 6.645   -1.300  -19.170 1.00 43.71 ? 213 ALA A CB  1 
ATOM   1431 N N   . TYR A 1 209 ? 6.007   1.458   -17.454 1.00 45.06 ? 214 TYR A N   1 
ATOM   1432 C CA  . TYR A 1 209 ? 5.170   2.670   -17.263 1.00 46.64 ? 214 TYR A CA  1 
ATOM   1433 C C   . TYR A 1 209 ? 6.017   3.949   -17.226 1.00 47.93 ? 214 TYR A C   1 
ATOM   1434 O O   . TYR A 1 209 ? 5.611   5.001   -17.754 1.00 45.43 ? 214 TYR A O   1 
ATOM   1435 C CB  . TYR A 1 209 ? 4.286   2.515   -16.012 1.00 48.18 ? 214 TYR A CB  1 
ATOM   1436 C CG  . TYR A 1 209 ? 4.010   3.768   -15.175 1.00 48.72 ? 214 TYR A CG  1 
ATOM   1437 C CD1 . TYR A 1 209 ? 2.848   4.527   -15.362 1.00 46.31 ? 214 TYR A CD1 1 
ATOM   1438 C CD2 . TYR A 1 209 ? 4.895   4.163   -14.171 1.00 44.75 ? 214 TYR A CD2 1 
ATOM   1439 C CE1 . TYR A 1 209 ? 2.594   5.675   -14.587 1.00 49.88 ? 214 TYR A CE1 1 
ATOM   1440 C CE2 . TYR A 1 209 ? 4.655   5.313   -13.385 1.00 48.92 ? 214 TYR A CE2 1 
ATOM   1441 C CZ  . TYR A 1 209 ? 3.505   6.066   -13.596 1.00 48.08 ? 214 TYR A CZ  1 
ATOM   1442 O OH  . TYR A 1 209 ? 3.271   7.188   -12.811 1.00 48.03 ? 214 TYR A OH  1 
ATOM   1443 N N   . LEU A 1 210 ? 7.208   3.830   -16.638 1.00 47.96 ? 215 LEU A N   1 
ATOM   1444 C CA  . LEU A 1 210 ? 8.128   4.947   -16.489 1.00 49.04 ? 215 LEU A CA  1 
ATOM   1445 C C   . LEU A 1 210 ? 8.740   5.410   -17.816 1.00 51.99 ? 215 LEU A C   1 
ATOM   1446 O O   . LEU A 1 210 ? 9.300   6.507   -17.887 1.00 52.45 ? 215 LEU A O   1 
ATOM   1447 C CB  . LEU A 1 210 ? 9.245   4.582   -15.508 1.00 47.88 ? 215 LEU A CB  1 
ATOM   1448 C CG  . LEU A 1 210 ? 8.863   4.466   -14.034 1.00 45.57 ? 215 LEU A CG  1 
ATOM   1449 C CD1 . LEU A 1 210 ? 10.059  3.997   -13.223 1.00 41.96 ? 215 LEU A CD1 1 
ATOM   1450 C CD2 . LEU A 1 210 ? 8.308   5.774   -13.505 1.00 47.30 ? 215 LEU A CD2 1 
ATOM   1451 N N   . LYS A 1 211 ? 8.631   4.586   -18.858 1.00 55.60 ? 216 LYS A N   1 
ATOM   1452 C CA  . LYS A 1 211 ? 9.126   4.941   -20.191 1.00 59.17 ? 216 LYS A CA  1 
ATOM   1453 C C   . LYS A 1 211 ? 8.348   6.087   -20.851 1.00 61.16 ? 216 LYS A C   1 
ATOM   1454 O O   . LYS A 1 211 ? 8.860   6.715   -21.775 1.00 60.39 ? 216 LYS A O   1 
ATOM   1455 C CB  . LYS A 1 211 ? 9.129   3.718   -21.114 1.00 58.53 ? 216 LYS A CB  1 
ATOM   1456 C CG  . LYS A 1 211 ? 10.048  2.589   -20.647 1.00 60.17 ? 216 LYS A CG  1 
ATOM   1457 C CD  . LYS A 1 211 ? 10.620  1.788   -21.817 1.00 61.32 ? 216 LYS A CD  1 
ATOM   1458 N N   . GLN A 1 212 ? 7.134   6.369   -20.378 1.00 63.65 ? 217 GLN A N   1 
ATOM   1459 C CA  . GLN A 1 212 ? 6.342   7.521   -20.856 1.00 65.85 ? 217 GLN A CA  1 
ATOM   1460 C C   . GLN A 1 212 ? 6.938   8.884   -20.484 1.00 66.73 ? 217 GLN A C   1 
ATOM   1461 O O   . GLN A 1 212 ? 6.703   9.874   -21.172 1.00 70.75 ? 217 GLN A O   1 
ATOM   1462 C CB  . GLN A 1 212 ? 4.943   7.521   -20.241 1.00 67.62 ? 217 GLN A CB  1 
ATOM   1463 C CG  . GLN A 1 212 ? 4.136   6.263   -20.373 1.00 72.39 ? 217 GLN A CG  1 
ATOM   1464 C CD  . GLN A 1 212 ? 3.015   6.251   -19.360 1.00 72.32 ? 217 GLN A CD  1 
ATOM   1465 O OE1 . GLN A 1 212 ? 2.181   7.163   -19.331 1.00 75.72 ? 217 GLN A OE1 1 
ATOM   1466 N NE2 . GLN A 1 212 ? 3.002   5.237   -18.504 1.00 72.61 ? 217 GLN A NE2 1 
ATOM   1467 N N   . PHE A 1 213 ? 7.683   8.942   -19.385 1.00 67.24 ? 218 PHE A N   1 
ATOM   1468 C CA  . PHE A 1 213 ? 8.030   10.217  -18.750 1.00 67.28 ? 218 PHE A CA  1 
ATOM   1469 C C   . PHE A 1 213 ? 9.379   10.778  -19.207 1.00 68.31 ? 218 PHE A C   1 
ATOM   1470 O O   . PHE A 1 213 ? 10.425  10.163  -19.010 1.00 68.80 ? 218 PHE A O   1 
ATOM   1471 C CB  . PHE A 1 213 ? 7.986   10.043  -17.222 1.00 67.28 ? 218 PHE A CB  1 
ATOM   1472 C CG  . PHE A 1 213 ? 6.642   9.599   -16.706 1.00 67.02 ? 218 PHE A CG  1 
ATOM   1473 C CD1 . PHE A 1 213 ? 6.316   8.249   -16.646 1.00 67.75 ? 218 PHE A CD1 1 
ATOM   1474 C CD2 . PHE A 1 213 ? 5.696   10.526  -16.299 1.00 67.51 ? 218 PHE A CD2 1 
ATOM   1475 C CE1 . PHE A 1 213 ? 5.076   7.830   -16.175 1.00 62.73 ? 218 PHE A CE1 1 
ATOM   1476 C CE2 . PHE A 1 213 ? 4.452   10.115  -15.826 1.00 66.28 ? 218 PHE A CE2 1 
ATOM   1477 C CZ  . PHE A 1 213 ? 4.142   8.763   -15.767 1.00 63.49 ? 218 PHE A CZ  1 
HETATM 1478 C C1  . EDO B 2 .   ? -7.368  -15.089 -0.529  1.00 60.99 ? 221 EDO A C1  1 
HETATM 1479 O O1  . EDO B 2 .   ? -7.815  -13.896 -1.194  1.00 58.57 ? 221 EDO A O1  1 
HETATM 1480 C C2  . EDO B 2 .   ? -5.856  -15.275 -0.644  1.00 62.44 ? 221 EDO A C2  1 
HETATM 1481 O O2  . EDO B 2 .   ? -5.353  -16.039 0.471   1.00 64.69 ? 221 EDO A O2  1 
HETATM 1482 O O   . HOH C 3 .   ? -2.030  -6.289  5.008   1.00 21.80 ? 222 HOH A O   1 
HETATM 1483 O O   . HOH C 3 .   ? -3.292  -11.948 15.349  1.00 32.81 ? 223 HOH A O   1 
HETATM 1484 O O   . HOH C 3 .   ? -13.582 -5.514  10.640  1.00 44.79 ? 224 HOH A O   1 
HETATM 1485 O O   . HOH C 3 .   ? -3.492  -9.012  8.081   1.00 25.30 ? 225 HOH A O   1 
HETATM 1486 O O   . HOH C 3 .   ? 4.620   -5.743  8.555   1.00 38.51 ? 226 HOH A O   1 
HETATM 1487 O O   . HOH C 3 .   ? 2.484   -7.763  13.895  1.00 33.09 ? 227 HOH A O   1 
HETATM 1488 O O   . HOH C 3 .   ? -12.526 -3.879  -8.106  1.00 38.87 ? 228 HOH A O   1 
HETATM 1489 O O   . HOH C 3 .   ? 1.835   -7.689  -6.100  1.00 28.97 ? 229 HOH A O   1 
HETATM 1490 O O   . HOH C 3 .   ? -5.201  -8.808  -4.389  1.00 26.43 ? 230 HOH A O   1 
HETATM 1491 O O   . HOH C 3 .   ? -6.093  -3.469  10.818  1.00 30.49 ? 231 HOH A O   1 
HETATM 1492 O O   . HOH C 3 .   ? -9.170  -12.649 7.054   1.00 26.41 ? 232 HOH A O   1 
HETATM 1493 O O   . HOH C 3 .   ? 6.170   -7.054  13.101  1.00 37.45 ? 233 HOH A O   1 
HETATM 1494 O O   . HOH C 3 .   ? 12.632  -3.378  11.126  1.00 40.61 ? 234 HOH A O   1 
HETATM 1495 O O   . HOH C 3 .   ? -13.260 -1.767  8.998   1.00 34.84 ? 235 HOH A O   1 
HETATM 1496 O O   . HOH C 3 .   ? 0.509   -14.290 -3.512  1.00 36.03 ? 236 HOH A O   1 
HETATM 1497 O O   . HOH C 3 .   ? -13.891 -0.930  -1.059  1.00 42.86 ? 237 HOH A O   1 
HETATM 1498 O O   . HOH C 3 .   ? 7.563   -11.466 -4.951  1.00 34.48 ? 238 HOH A O   1 
HETATM 1499 O O   . HOH C 3 .   ? -15.366 -2.442  2.486   1.00 34.90 ? 239 HOH A O   1 
HETATM 1500 O O   . HOH C 3 .   ? -8.204  7.723   7.551   1.00 44.59 ? 240 HOH A O   1 
HETATM 1501 O O   . HOH C 3 .   ? 4.848   -7.623  15.428  1.00 33.43 ? 241 HOH A O   1 
HETATM 1502 O O   . HOH C 3 .   ? 2.668   -10.090 -4.035  1.00 34.89 ? 242 HOH A O   1 
HETATM 1503 O O   . HOH C 3 .   ? -0.945  -15.199 -1.142  1.00 39.99 ? 243 HOH A O   1 
HETATM 1504 O O   . HOH C 3 .   ? -11.684 -6.438  9.754   1.00 38.55 ? 244 HOH A O   1 
HETATM 1505 O O   . HOH C 3 .   ? -8.768  2.099   10.501  1.00 42.41 ? 245 HOH A O   1 
HETATM 1506 O O   . HOH C 3 .   ? -12.558 -6.921  -9.353  1.00 43.48 ? 246 HOH A O   1 
HETATM 1507 O O   . HOH C 3 .   ? 7.152   -0.123  14.896  1.00 39.19 ? 247 HOH A O   1 
HETATM 1508 O O   . HOH C 3 .   ? -2.139  1.121   7.728   1.00 32.05 ? 248 HOH A O   1 
HETATM 1509 O O   . HOH C 3 .   ? -5.928  -2.949  13.415  1.00 46.53 ? 249 HOH A O   1 
HETATM 1510 O O   . HOH C 3 .   ? -3.511  -8.083  17.827  1.00 36.52 ? 250 HOH A O   1 
HETATM 1511 O O   . HOH C 3 .   ? -2.004  4.877   8.681   1.00 38.61 ? 251 HOH A O   1 
HETATM 1512 O O   . HOH C 3 .   ? -1.661  -5.983  19.726  1.00 39.23 ? 252 HOH A O   1 
HETATM 1513 O O   . HOH C 3 .   ? -8.468  -11.425 9.795   1.00 35.56 ? 253 HOH A O   1 
HETATM 1514 O O   . HOH C 3 .   ? -8.355  -12.549 -6.057  1.00 36.52 ? 254 HOH A O   1 
HETATM 1515 O O   . HOH C 3 .   ? -3.711  -16.298 9.836   1.00 33.88 ? 255 HOH A O   1 
HETATM 1516 O O   . HOH C 3 .   ? -14.806 -3.961  9.160   1.00 39.02 ? 256 HOH A O   1 
HETATM 1517 O O   . HOH C 3 .   ? -12.729 0.584   -8.402  1.00 44.80 ? 257 HOH A O   1 
HETATM 1518 O O   . HOH C 3 .   ? -14.534 1.479   0.122   1.00 36.41 ? 258 HOH A O   1 
HETATM 1519 O O   . HOH C 3 .   ? -2.796  2.410   14.625  1.00 38.39 ? 259 HOH A O   1 
HETATM 1520 O O   . HOH C 3 .   ? 9.910   -11.545 -7.401  1.00 37.98 ? 260 HOH A O   1 
HETATM 1521 O O   . HOH C 3 .   ? -0.144  -13.185 -10.843 0.50 32.40 ? 261 HOH A O   1 
HETATM 1522 O O   . HOH C 3 .   ? -8.819  -14.194 10.638  1.00 37.06 ? 262 HOH A O   1 
HETATM 1523 O O   . HOH C 3 .   ? 3.030   -17.734 7.442   1.00 41.25 ? 263 HOH A O   1 
HETATM 1524 O O   . HOH C 3 .   ? -10.355 -11.791 0.424   1.00 34.36 ? 264 HOH A O   1 
HETATM 1525 O O   . HOH C 3 .   ? -2.737  -1.662  -1.128  1.00 41.76 ? 265 HOH A O   1 
HETATM 1526 O O   . HOH C 3 .   ? -9.218  -5.193  12.202  1.00 56.81 ? 266 HOH A O   1 
HETATM 1527 O O   . HOH C 3 .   ? 12.799  -6.073  -6.417  1.00 42.82 ? 267 HOH A O   1 
HETATM 1528 O O   . HOH C 3 .   ? 17.790  -4.716  6.203   1.00 52.96 ? 268 HOH A O   1 
HETATM 1529 O O   . HOH C 3 .   ? -2.417  6.963   10.128  1.00 36.56 ? 269 HOH A O   1 
HETATM 1530 O O   . HOH C 3 .   ? -16.949 -8.320  10.274  1.00 50.06 ? 270 HOH A O   1 
HETATM 1531 O O   . HOH C 3 .   ? -6.137  -5.248  14.917  1.00 54.55 ? 271 HOH A O   1 
HETATM 1532 O O   . HOH C 3 .   ? -4.789  -9.769  16.319  1.00 33.19 ? 272 HOH A O   1 
HETATM 1533 O O   . HOH C 3 .   ? -0.053  -15.856 1.618   1.00 45.59 ? 273 HOH A O   1 
HETATM 1534 O O   . HOH C 3 .   ? -6.542  8.227   4.995   1.00 46.36 ? 274 HOH A O   1 
HETATM 1535 O O   . HOH C 3 .   ? 6.251   -12.855 -2.699  1.00 42.73 ? 275 HOH A O   1 
HETATM 1536 O O   . HOH C 3 .   ? 5.878   -5.054  23.446  1.00 41.32 ? 276 HOH A O   1 
HETATM 1537 O O   . HOH C 3 .   ? -22.882 -3.672  7.042   1.00 56.64 ? 277 HOH A O   1 
HETATM 1538 O O   . HOH C 3 .   ? 8.856   5.911   1.574   1.00 42.53 ? 278 HOH A O   1 
HETATM 1539 O O   . HOH C 3 .   ? 2.248   1.008   19.994  1.00 40.53 ? 279 HOH A O   1 
HETATM 1540 O O   . HOH C 3 .   ? -4.678  4.041   11.471  1.00 46.83 ? 280 HOH A O   1 
HETATM 1541 O O   . HOH C 3 .   ? -17.232 -3.162  10.596  1.00 48.74 ? 281 HOH A O   1 
HETATM 1542 O O   . HOH C 3 .   ? -10.355 12.974  -2.876  1.00 59.59 ? 282 HOH A O   1 
HETATM 1543 O O   . HOH C 3 .   ? 16.837  -10.483 6.703   1.00 53.62 ? 283 HOH A O   1 
HETATM 1544 O O   . HOH C 3 .   ? 12.462  -12.945 2.748   1.00 51.41 ? 284 HOH A O   1 
HETATM 1545 O O   . HOH C 3 .   ? 12.337  -12.366 -1.266  1.00 46.26 ? 285 HOH A O   1 
HETATM 1546 O O   . HOH C 3 .   ? -12.656 -9.627  12.020  1.00 55.32 ? 286 HOH A O   1 
HETATM 1547 O O   . HOH C 3 .   ? 9.500   2.811   8.465   1.00 50.95 ? 287 HOH A O   1 
HETATM 1548 O O   . HOH C 3 .   ? 14.875  -11.833 -1.216  1.00 41.69 ? 288 HOH A O   1 
HETATM 1549 O O   . HOH C 3 .   ? 0.698   -17.111 8.810   1.00 44.04 ? 289 HOH A O   1 
HETATM 1550 O O   . HOH C 3 .   ? 7.166   -15.939 4.872   1.00 42.18 ? 290 HOH A O   1 
HETATM 1551 O O   . HOH C 3 .   ? -3.213  -17.765 5.690   1.00 61.44 ? 291 HOH A O   1 
HETATM 1552 O O   . HOH C 3 .   ? 11.265  -13.945 5.073   1.00 45.96 ? 292 HOH A O   1 
HETATM 1553 O O   . HOH C 3 .   ? -0.366  -16.508 4.225   1.00 47.11 ? 293 HOH A O   1 
HETATM 1554 O O   . HOH C 3 .   ? -9.801  -9.703  11.432  1.00 40.77 ? 294 HOH A O   1 
HETATM 1555 O O   . HOH C 3 .   ? 6.301   -18.311 5.411   1.00 51.58 ? 295 HOH A O   1 
HETATM 1556 O O   . HOH C 3 .   ? 3.034   -3.983  25.628  1.00 56.83 ? 296 HOH A O   1 
HETATM 1557 O O   . HOH C 3 .   ? 3.882   4.480   16.108  1.00 57.23 ? 297 HOH A O   1 
HETATM 1558 O O   . HOH C 3 .   ? -18.269 26.473  -7.473  1.00 51.28 ? 298 HOH A O   1 
HETATM 1559 O O   . HOH C 3 .   ? 3.597   16.371  5.411   1.00 58.02 ? 299 HOH A O   1 
HETATM 1560 O O   . HOH C 3 .   ? 10.836  -14.286 -4.584  1.00 41.06 ? 300 HOH A O   1 
HETATM 1561 O O   . HOH C 3 .   ? 16.816  -6.052  -0.476  1.00 46.04 ? 301 HOH A O   1 
HETATM 1562 O O   . HOH C 3 .   ? 12.257  -7.917  -7.668  1.00 50.56 ? 302 HOH A O   1 
HETATM 1563 O O   . HOH C 3 .   ? -5.351  -17.595 8.848   1.00 53.54 ? 303 HOH A O   1 
HETATM 1564 O O   . HOH C 3 .   ? -0.907  -0.030  18.046  1.00 52.29 ? 304 HOH A O   1 
HETATM 1565 O O   . HOH C 3 .   ? -4.404  -4.871  16.976  1.00 52.58 ? 305 HOH A O   1 
HETATM 1566 O O   . HOH C 3 .   ? 2.147   -3.880  23.199  1.00 44.45 ? 306 HOH A O   1 
HETATM 1567 O O   . HOH C 3 .   ? 13.711  -16.096 12.966  1.00 60.35 ? 307 HOH A O   1 
HETATM 1568 O O   . HOH C 3 .   ? -6.923  4.194   10.620  1.00 58.25 ? 308 HOH A O   1 
HETATM 1569 O O   . HOH C 3 .   ? -14.301 -1.889  -9.080  1.00 38.23 ? 309 HOH A O   1 
HETATM 1570 O O   . HOH C 3 .   ? -13.678 -8.489  -12.691 1.00 61.80 ? 310 HOH A O   1 
HETATM 1571 O O   . HOH C 3 .   ? -16.335 -0.095  2.974   1.00 49.54 ? 311 HOH A O   1 
HETATM 1572 O O   . HOH C 3 .   ? -3.278  6.337   12.790  1.00 50.38 ? 312 HOH A O   1 
HETATM 1573 O O   . HOH C 3 .   ? -8.210  -13.384 -3.587  1.00 57.74 ? 313 HOH A O   1 
HETATM 1574 O O   . HOH C 3 .   ? -13.129 -14.399 8.785   1.00 66.04 ? 314 HOH A O   1 
HETATM 1575 O O   . HOH C 3 .   ? -6.563  11.054  5.132   1.00 53.57 ? 315 HOH A O   1 
HETATM 1576 O O   . HOH C 3 .   ? -11.288 5.848   9.386   1.00 65.54 ? 316 HOH A O   1 
HETATM 1577 O O   . HOH C 3 .   ? -7.812  6.607   9.595   1.00 57.58 ? 317 HOH A O   1 
HETATM 1578 O O   . HOH C 3 .   ? 16.623  -6.015  2.303   1.00 59.53 ? 318 HOH A O   1 
HETATM 1579 O O   . HOH C 3 .   ? -8.363  -8.039  12.541  1.00 51.58 ? 319 HOH A O   1 
HETATM 1580 O O   . HOH C 3 .   ? -6.017  -11.950 -7.653  1.00 49.78 ? 320 HOH A O   1 
# 
loop_
_pdbx_poly_seq_scheme.asym_id 
_pdbx_poly_seq_scheme.entity_id 
_pdbx_poly_seq_scheme.seq_id 
_pdbx_poly_seq_scheme.mon_id 
_pdbx_poly_seq_scheme.ndb_seq_num 
_pdbx_poly_seq_scheme.pdb_seq_num 
_pdbx_poly_seq_scheme.auth_seq_num 
_pdbx_poly_seq_scheme.pdb_mon_id 
_pdbx_poly_seq_scheme.auth_mon_id 
_pdbx_poly_seq_scheme.pdb_strand_id 
_pdbx_poly_seq_scheme.pdb_ins_code 
_pdbx_poly_seq_scheme.hetero 
A 1 1   MET 1   6   ?   ?   ?   A . n 
A 1 2   HIS 2   7   ?   ?   ?   A . n 
A 1 3   HIS 3   8   ?   ?   ?   A . n 
A 1 4   HIS 4   9   ?   ?   ?   A . n 
A 1 5   HIS 5   10  ?   ?   ?   A . n 
A 1 6   HIS 6   11  ?   ?   ?   A . n 
A 1 7   HIS 7   12  ?   ?   ?   A . n 
A 1 8   SER 8   13  ?   ?   ?   A . n 
A 1 9   SER 9   14  ?   ?   ?   A . n 
A 1 10  GLY 10  15  ?   ?   ?   A . n 
A 1 11  VAL 11  16  ?   ?   ?   A . n 
A 1 12  ASP 12  17  ?   ?   ?   A . n 
A 1 13  LEU 13  18  ?   ?   ?   A . n 
A 1 14  GLY 14  19  ?   ?   ?   A . n 
A 1 15  THR 15  20  ?   ?   ?   A . n 
A 1 16  GLU 16  21  ?   ?   ?   A . n 
A 1 17  ASN 17  22  ?   ?   ?   A . n 
A 1 18  LEU 18  23  ?   ?   ?   A . n 
A 1 19  TYR 19  24  ?   ?   ?   A . n 
A 1 20  PHE 20  25  ?   ?   ?   A . n 
A 1 21  GLN 21  26  ?   ?   ?   A . n 
A 1 22  SER 22  27  ?   ?   ?   A . n 
A 1 23  MET 23  28  ?   ?   ?   A . n 
A 1 24  LYS 24  29  ?   ?   ?   A . n 
A 1 25  MET 25  30  ?   ?   ?   A . n 
A 1 26  ASP 26  31  31  ASP ASP A . n 
A 1 27  CYS 27  32  32  CYS CYS A . n 
A 1 28  HIS 28  33  33  HIS HIS A . n 
A 1 29  LYS 29  34  34  LYS LYS A . n 
A 1 30  ASP 30  35  35  ASP ASP A . n 
A 1 31  GLU 31  36  36  GLU GLU A . n 
A 1 32  LYS 32  37  37  LYS LYS A . n 
A 1 33  GLY 33  38  38  GLY GLY A . n 
A 1 34  THR 34  39  39  THR THR A . n 
A 1 35  ILE 35  40  40  ILE ILE A . n 
A 1 36  TYR 36  41  41  TYR TYR A . n 
A 1 37  ASP 37  42  42  ASP ASP A . n 
A 1 38  TYR 38  43  43  TYR TYR A . n 
A 1 39  GLU 39  44  44  GLU GLU A . n 
A 1 40  ALA 40  45  45  ALA ALA A . n 
A 1 41  ILE 41  46  46  ILE ILE A . n 
A 1 42  ALA 42  47  47  ALA ALA A . n 
A 1 43  LEU 43  48  48  LEU LEU A . n 
A 1 44  ASN 44  49  49  ASN ASN A . n 
A 1 45  LYS 45  50  50  LYS LYS A . n 
A 1 46  ASN 46  51  51  ASN ASN A . n 
A 1 47  GLU 47  52  52  GLU GLU A . n 
A 1 48  TYR 48  53  53  TYR TYR A . n 
A 1 49  VAL 49  54  54  VAL VAL A . n 
A 1 50  SER 50  55  55  SER SER A . n 
A 1 51  PHE 51  56  56  PHE PHE A . n 
A 1 52  LYS 52  57  57  LYS LYS A . n 
A 1 53  GLN 53  58  58  GLN GLN A . n 
A 1 54  TYR 54  59  59  TYR TYR A . n 
A 1 55  VAL 55  60  60  VAL VAL A . n 
A 1 56  GLY 56  61  61  GLY GLY A . n 
A 1 57  LYS 57  62  62  LYS LYS A . n 
A 1 58  HIS 58  63  63  HIS HIS A . n 
A 1 59  ILE 59  64  64  ILE ILE A . n 
A 1 60  LEU 60  65  65  LEU LEU A . n 
A 1 61  PHE 61  66  66  PHE PHE A . n 
A 1 62  VAL 62  67  67  VAL VAL A . n 
A 1 63  ASN 63  68  68  ASN ASN A . n 
A 1 64  VAL 64  69  69  VAL VAL A . n 
A 1 65  ALA 65  70  70  ALA ALA A . n 
A 1 66  THR 66  71  71  THR THR A . n 
A 1 67  TYR 67  72  72  TYR TYR A . n 
A 1 68  CYS 68  73  73  CYS CYS A . n 
A 1 69  GLY 69  74  74  GLY GLY A . n 
A 1 70  LEU 70  75  75  LEU LEU A . n 
A 1 71  THR 71  76  76  THR THR A . n 
A 1 72  ALA 72  77  77  ALA ALA A . n 
A 1 73  GLN 73  78  78  GLN GLN A . n 
A 1 74  TYR 74  79  79  TYR TYR A . n 
A 1 75  PRO 75  80  80  PRO PRO A . n 
A 1 76  GLU 76  81  81  GLU GLU A . n 
A 1 77  LEU 77  82  82  LEU LEU A . n 
A 1 78  ASN 78  83  83  ASN ASN A . n 
A 1 79  ALA 79  84  84  ALA ALA A . n 
A 1 80  LEU 80  85  85  LEU LEU A . n 
A 1 81  GLN 81  86  86  GLN GLN A . n 
A 1 82  GLU 82  87  87  GLU GLU A . n 
A 1 83  GLU 83  88  88  GLU GLU A . n 
A 1 84  LEU 84  89  89  LEU LEU A . n 
A 1 85  LYS 85  90  90  LYS LYS A . n 
A 1 86  PRO 86  91  91  PRO PRO A . n 
A 1 87  TYR 87  92  92  TYR TYR A . n 
A 1 88  GLY 88  93  93  GLY GLY A . n 
A 1 89  LEU 89  94  94  LEU LEU A . n 
A 1 90  VAL 90  95  95  VAL VAL A . n 
A 1 91  VAL 91  96  96  VAL VAL A . n 
A 1 92  LEU 92  97  97  LEU LEU A . n 
A 1 93  GLY 93  98  98  GLY GLY A . n 
A 1 94  PHE 94  99  99  PHE PHE A . n 
A 1 95  PRO 95  100 100 PRO PRO A . n 
A 1 96  CYS 96  101 101 CYS CYS A . n 
A 1 97  ASN 97  102 102 ASN ASN A . n 
A 1 98  GLN 98  103 103 GLN GLN A . n 
A 1 99  PHE 99  104 104 PHE PHE A . n 
A 1 100 GLY 100 105 105 GLY GLY A . n 
A 1 101 LYS 101 106 106 LYS LYS A . n 
A 1 102 GLN 102 107 107 GLN GLN A . n 
A 1 103 GLU 103 108 108 GLU GLU A . n 
A 1 104 PRO 104 109 109 PRO PRO A . n 
A 1 105 GLY 105 110 110 GLY GLY A . n 
A 1 106 ASP 106 111 111 ASP ASP A . n 
A 1 107 ASN 107 112 112 ASN ASN A . n 
A 1 108 LYS 108 113 113 LYS LYS A . n 
A 1 109 GLU 109 114 114 GLU GLU A . n 
A 1 110 ILE 110 115 115 ILE ILE A . n 
A 1 111 LEU 111 116 116 LEU LEU A . n 
A 1 112 PRO 112 117 117 PRO PRO A . n 
A 1 113 GLY 113 118 118 GLY GLY A . n 
A 1 114 LEU 114 119 119 LEU LEU A . n 
A 1 115 LYS 115 120 120 LYS LYS A . n 
A 1 116 TYR 116 121 121 TYR TYR A . n 
A 1 117 VAL 117 122 122 VAL VAL A . n 
A 1 118 ARG 118 123 123 ARG ARG A . n 
A 1 119 PRO 119 124 124 PRO PRO A . n 
A 1 120 GLY 120 125 125 GLY GLY A . n 
A 1 121 GLY 121 126 126 GLY GLY A . n 
A 1 122 GLY 122 127 127 GLY GLY A . n 
A 1 123 PHE 123 128 128 PHE PHE A . n 
A 1 124 VAL 124 129 129 VAL VAL A . n 
A 1 125 PRO 125 130 130 PRO PRO A . n 
A 1 126 SER 126 131 131 SER SER A . n 
A 1 127 PHE 127 132 132 PHE PHE A . n 
A 1 128 GLN 128 133 133 GLN GLN A . n 
A 1 129 LEU 129 134 134 LEU LEU A . n 
A 1 130 PHE 130 135 135 PHE PHE A . n 
A 1 131 GLU 131 136 136 GLU GLU A . n 
A 1 132 LYS 132 137 137 LYS LYS A . n 
A 1 133 GLY 133 138 138 GLY GLY A . n 
A 1 134 ASP 134 139 139 ASP ASP A . n 
A 1 135 VAL 135 140 140 VAL VAL A . n 
A 1 136 ASN 136 141 141 ASN ASN A . n 
A 1 137 GLY 137 142 142 GLY GLY A . n 
A 1 138 GLU 138 143 143 GLU GLU A . n 
A 1 139 LYS 139 144 144 LYS LYS A . n 
A 1 140 GLU 140 145 145 GLU GLU A . n 
A 1 141 GLN 141 146 146 GLN GLN A . n 
A 1 142 LYS 142 147 147 LYS LYS A . n 
A 1 143 VAL 143 148 148 VAL VAL A . n 
A 1 144 PHE 144 149 149 PHE PHE A . n 
A 1 145 SER 145 150 150 SER SER A . n 
A 1 146 PHE 146 151 151 PHE PHE A . n 
A 1 147 LEU 147 152 152 LEU LEU A . n 
A 1 148 LYS 148 153 153 LYS LYS A . n 
A 1 149 HIS 149 154 154 HIS HIS A . n 
A 1 150 SER 150 155 155 SER SER A . n 
A 1 151 CYS 151 156 156 CYS CYS A . n 
A 1 152 PRO 152 157 157 PRO PRO A . n 
A 1 153 HIS 153 158 158 HIS HIS A . n 
A 1 154 PRO 154 159 159 PRO PRO A . n 
A 1 155 SER 155 160 160 SER SER A . n 
A 1 156 GLU 156 161 161 GLU GLU A . n 
A 1 157 ILE 157 162 162 ILE ILE A . n 
A 1 158 LEU 158 163 163 LEU LEU A . n 
A 1 159 GLY 159 164 164 GLY GLY A . n 
A 1 160 THR 160 165 165 THR THR A . n 
A 1 161 PHE 161 166 166 PHE PHE A . n 
A 1 162 LYS 162 167 167 LYS LYS A . n 
A 1 163 SER 163 168 168 SER SER A . n 
A 1 164 ILE 164 169 169 ILE ILE A . n 
A 1 165 SER 165 170 170 SER SER A . n 
A 1 166 TRP 166 171 171 TRP TRP A . n 
A 1 167 ASP 167 172 172 ASP ASP A . n 
A 1 168 PRO 168 173 173 PRO PRO A . n 
A 1 169 VAL 169 174 174 VAL VAL A . n 
A 1 170 LYS 170 175 175 LYS LYS A . n 
A 1 171 VAL 171 176 176 VAL VAL A . n 
A 1 172 HIS 172 177 177 HIS HIS A . n 
A 1 173 ASP 173 178 178 ASP ASP A . n 
A 1 174 ILE 174 179 179 ILE ILE A . n 
A 1 175 ARG 175 180 180 ARG ARG A . n 
A 1 176 TRP 176 181 181 TRP TRP A . n 
A 1 177 ASN 177 182 182 ASN ASN A . n 
A 1 178 PHE 178 183 183 PHE PHE A . n 
A 1 179 GLU 179 184 184 GLU GLU A . n 
A 1 180 LYS 180 185 185 LYS LYS A . n 
A 1 181 PHE 181 186 186 PHE PHE A . n 
A 1 182 LEU 182 187 187 LEU LEU A . n 
A 1 183 VAL 183 188 188 VAL VAL A . n 
A 1 184 GLY 184 189 189 GLY GLY A . n 
A 1 185 PRO 185 190 190 PRO PRO A . n 
A 1 186 ASP 186 191 191 ASP ASP A . n 
A 1 187 GLY 187 192 192 GLY GLY A . n 
A 1 188 ILE 188 193 193 ILE ILE A . n 
A 1 189 PRO 189 194 194 PRO PRO A . n 
A 1 190 VAL 190 195 195 VAL VAL A . n 
A 1 191 MET 191 196 196 MET MET A . n 
A 1 192 ARG 192 197 197 ARG ARG A . n 
A 1 193 TRP 193 198 198 TRP TRP A . n 
A 1 194 SER 194 199 199 SER SER A . n 
A 1 195 HIS 195 200 200 HIS HIS A . n 
A 1 196 ARG 196 201 201 ARG ARG A . n 
A 1 197 ALA 197 202 202 ALA ALA A . n 
A 1 198 THR 198 203 203 THR THR A . n 
A 1 199 VAL 199 204 204 VAL VAL A . n 
A 1 200 SER 200 205 205 SER SER A . n 
A 1 201 SER 201 206 206 SER SER A . n 
A 1 202 VAL 202 207 207 VAL VAL A . n 
A 1 203 LYS 203 208 208 LYS LYS A . n 
A 1 204 THR 204 209 209 THR THR A . n 
A 1 205 ASP 205 210 210 ASP ASP A . n 
A 1 206 ILE 206 211 211 ILE ILE A . n 
A 1 207 LEU 207 212 212 LEU LEU A . n 
A 1 208 ALA 208 213 213 ALA ALA A . n 
A 1 209 TYR 209 214 214 TYR TYR A . n 
A 1 210 LEU 210 215 215 LEU LEU A . n 
A 1 211 LYS 211 216 216 LYS LYS A . n 
A 1 212 GLN 212 217 217 GLN GLN A . n 
A 1 213 PHE 213 218 218 PHE PHE A . n 
A 1 214 LYS 214 219 ?   ?   ?   A . n 
A 1 215 THR 215 220 ?   ?   ?   A . n 
# 
_pdbx_SG_project.id                    1 
_pdbx_SG_project.project_name          ? 
_pdbx_SG_project.full_name_of_center   'Structural Genomics Consortium' 
_pdbx_SG_project.initial_of_center     SGC 
# 
loop_
_pdbx_nonpoly_scheme.asym_id 
_pdbx_nonpoly_scheme.entity_id 
_pdbx_nonpoly_scheme.mon_id 
_pdbx_nonpoly_scheme.ndb_seq_num 
_pdbx_nonpoly_scheme.pdb_seq_num 
_pdbx_nonpoly_scheme.auth_seq_num 
_pdbx_nonpoly_scheme.pdb_mon_id 
_pdbx_nonpoly_scheme.auth_mon_id 
_pdbx_nonpoly_scheme.pdb_strand_id 
_pdbx_nonpoly_scheme.pdb_ins_code 
B 2 EDO 1  221 1   EDO EDO A . 
C 3 HOH 1  222 1   HOH HOH A . 
C 3 HOH 2  223 2   HOH HOH A . 
C 3 HOH 3  224 3   HOH HOH A . 
C 3 HOH 4  225 4   HOH HOH A . 
C 3 HOH 5  226 5   HOH HOH A . 
C 3 HOH 6  227 6   HOH HOH A . 
C 3 HOH 7  228 7   HOH HOH A . 
C 3 HOH 8  229 8   HOH HOH A . 
C 3 HOH 9  230 9   HOH HOH A . 
C 3 HOH 10 231 10  HOH HOH A . 
C 3 HOH 11 232 11  HOH HOH A . 
C 3 HOH 12 233 12  HOH HOH A . 
C 3 HOH 13 234 13  HOH HOH A . 
C 3 HOH 14 235 14  HOH HOH A . 
C 3 HOH 15 236 15  HOH HOH A . 
C 3 HOH 16 237 16  HOH HOH A . 
C 3 HOH 17 238 17  HOH HOH A . 
C 3 HOH 18 239 18  HOH HOH A . 
C 3 HOH 19 240 19  HOH HOH A . 
C 3 HOH 20 241 21  HOH HOH A . 
C 3 HOH 21 242 22  HOH HOH A . 
C 3 HOH 22 243 23  HOH HOH A . 
C 3 HOH 23 244 24  HOH HOH A . 
C 3 HOH 24 245 25  HOH HOH A . 
C 3 HOH 25 246 26  HOH HOH A . 
C 3 HOH 26 247 27  HOH HOH A . 
C 3 HOH 27 248 28  HOH HOH A . 
C 3 HOH 28 249 29  HOH HOH A . 
C 3 HOH 29 250 32  HOH HOH A . 
C 3 HOH 30 251 33  HOH HOH A . 
C 3 HOH 31 252 34  HOH HOH A . 
C 3 HOH 32 253 35  HOH HOH A . 
C 3 HOH 33 254 36  HOH HOH A . 
C 3 HOH 34 255 38  HOH HOH A . 
C 3 HOH 35 256 39  HOH HOH A . 
C 3 HOH 36 257 41  HOH HOH A . 
C 3 HOH 37 258 43  HOH HOH A . 
C 3 HOH 38 259 44  HOH HOH A . 
C 3 HOH 39 260 45  HOH HOH A . 
C 3 HOH 40 261 46  HOH HOH A . 
C 3 HOH 41 262 47  HOH HOH A . 
C 3 HOH 42 263 48  HOH HOH A . 
C 3 HOH 43 264 49  HOH HOH A . 
C 3 HOH 44 265 50  HOH HOH A . 
C 3 HOH 45 266 52  HOH HOH A . 
C 3 HOH 46 267 54  HOH HOH A . 
C 3 HOH 47 268 55  HOH HOH A . 
C 3 HOH 48 269 56  HOH HOH A . 
C 3 HOH 49 270 57  HOH HOH A . 
C 3 HOH 50 271 58  HOH HOH A . 
C 3 HOH 51 272 59  HOH HOH A . 
C 3 HOH 52 273 60  HOH HOH A . 
C 3 HOH 53 274 63  HOH HOH A . 
C 3 HOH 54 275 66  HOH HOH A . 
C 3 HOH 55 276 67  HOH HOH A . 
C 3 HOH 56 277 69  HOH HOH A . 
C 3 HOH 57 278 72  HOH HOH A . 
C 3 HOH 58 279 73  HOH HOH A . 
C 3 HOH 59 280 77  HOH HOH A . 
C 3 HOH 60 281 78  HOH HOH A . 
C 3 HOH 61 282 80  HOH HOH A . 
C 3 HOH 62 283 81  HOH HOH A . 
C 3 HOH 63 284 83  HOH HOH A . 
C 3 HOH 64 285 84  HOH HOH A . 
C 3 HOH 65 286 86  HOH HOH A . 
C 3 HOH 66 287 89  HOH HOH A . 
C 3 HOH 67 288 92  HOH HOH A . 
C 3 HOH 68 289 93  HOH HOH A . 
C 3 HOH 69 290 97  HOH HOH A . 
C 3 HOH 70 291 102 HOH HOH A . 
C 3 HOH 71 292 124 HOH HOH A . 
C 3 HOH 72 293 125 HOH HOH A . 
C 3 HOH 73 294 126 HOH HOH A . 
C 3 HOH 74 295 128 HOH HOH A . 
C 3 HOH 75 296 130 HOH HOH A . 
C 3 HOH 76 297 131 HOH HOH A . 
C 3 HOH 77 298 132 HOH HOH A . 
C 3 HOH 78 299 133 HOH HOH A . 
C 3 HOH 79 300 134 HOH HOH A . 
C 3 HOH 80 301 135 HOH HOH A . 
C 3 HOH 81 302 136 HOH HOH A . 
C 3 HOH 82 303 137 HOH HOH A . 
C 3 HOH 83 304 138 HOH HOH A . 
C 3 HOH 84 305 139 HOH HOH A . 
C 3 HOH 85 306 140 HOH HOH A . 
C 3 HOH 86 307 141 HOH HOH A . 
C 3 HOH 87 308 142 HOH HOH A . 
C 3 HOH 88 309 143 HOH HOH A . 
C 3 HOH 89 310 144 HOH HOH A . 
C 3 HOH 90 311 145 HOH HOH A . 
C 3 HOH 91 312 147 HOH HOH A . 
C 3 HOH 92 313 148 HOH HOH A . 
C 3 HOH 93 314 149 HOH HOH A . 
C 3 HOH 94 315 150 HOH HOH A . 
C 3 HOH 95 316 151 HOH HOH A . 
C 3 HOH 96 317 152 HOH HOH A . 
C 3 HOH 97 318 153 HOH HOH A . 
C 3 HOH 98 319 154 HOH HOH A . 
C 3 HOH 99 320 155 HOH HOH A . 
# 
_pdbx_struct_assembly.id                   1 
_pdbx_struct_assembly.details              author_defined_assembly 
_pdbx_struct_assembly.method_details       ? 
_pdbx_struct_assembly.oligomeric_details   tetrameric 
_pdbx_struct_assembly.oligomeric_count     4 
# 
_pdbx_struct_assembly_gen.assembly_id       1 
_pdbx_struct_assembly_gen.oper_expression   1,2,3,4 
_pdbx_struct_assembly_gen.asym_id_list      A,B,C 
# 
loop_
_pdbx_struct_oper_list.id 
_pdbx_struct_oper_list.type 
_pdbx_struct_oper_list.name 
_pdbx_struct_oper_list.symmetry_operation 
_pdbx_struct_oper_list.matrix[1][1] 
_pdbx_struct_oper_list.matrix[1][2] 
_pdbx_struct_oper_list.matrix[1][3] 
_pdbx_struct_oper_list.vector[1] 
_pdbx_struct_oper_list.matrix[2][1] 
_pdbx_struct_oper_list.matrix[2][2] 
_pdbx_struct_oper_list.matrix[2][3] 
_pdbx_struct_oper_list.vector[2] 
_pdbx_struct_oper_list.matrix[3][1] 
_pdbx_struct_oper_list.matrix[3][2] 
_pdbx_struct_oper_list.matrix[3][3] 
_pdbx_struct_oper_list.vector[3] 
1 'identity operation'         1_555  x,y,z       1.0000000000  0.0000000000  0.0000000000  0.0000000000   0.0000000000  1.0000000000  0.0000000000  0.0000000000   0.0000000000  0.0000000000  1.0000000000  0.0000000000   
2 'crystal symmetry operation' 4_655  -x+1,-y,z   -0.8165070814 -0.5105700002 -0.2695078124 -39.1183467340 -0.5105700002 0.4206636804  0.7499068895  -27.5724917551 -0.2695078124 0.7499068895  -0.6041565990 25.6012894209  
3 'crystal symmetry operation' 8_555  x-y,-y,-z   0.8077264819  0.4463902389  0.3851151582  -0.1437083723  0.4463902389  -0.8897707992 0.0950982625  -25.1967828305 0.3851151582  0.0950982625  -0.9179556827 29.8803697847  
4 'crystal symmetry operation' 11_655 -x+y+1,y,-z -0.9912194005 0.0641797612  -0.1156073458 -34.1892795116 0.0641797612  -0.5308928812 -0.8450051520 -15.6909948091 -0.1156073458 -0.8450051520 0.5221122817  -11.3076436741 
# 
_pdbx_struct_special_symmetry.id              1 
_pdbx_struct_special_symmetry.PDB_model_num   1 
_pdbx_struct_special_symmetry.auth_asym_id    A 
_pdbx_struct_special_symmetry.auth_comp_id    HOH 
_pdbx_struct_special_symmetry.auth_seq_id     261 
_pdbx_struct_special_symmetry.PDB_ins_code    ? 
_pdbx_struct_special_symmetry.label_asym_id   C 
_pdbx_struct_special_symmetry.label_comp_id   HOH 
_pdbx_struct_special_symmetry.label_seq_id    . 
# 
loop_
_pdbx_audit_revision_history.ordinal 
_pdbx_audit_revision_history.data_content_type 
_pdbx_audit_revision_history.major_revision 
_pdbx_audit_revision_history.minor_revision 
_pdbx_audit_revision_history.revision_date 
1 'Structure model' 1 0 2006-09-12 
2 'Structure model' 1 1 2008-05-01 
3 'Structure model' 1 2 2011-07-13 
4 'Structure model' 1 3 2017-10-18 
5 'Structure model' 1 4 2018-01-31 
6 'Structure model' 1 5 2023-08-30 
# 
_pdbx_audit_revision_details.ordinal             1 
_pdbx_audit_revision_details.revision_ordinal    1 
_pdbx_audit_revision_details.data_content_type   'Structure model' 
_pdbx_audit_revision_details.provider            repository 
_pdbx_audit_revision_details.type                'Initial release' 
_pdbx_audit_revision_details.description         ? 
_pdbx_audit_revision_details.details             ? 
# 
loop_
_pdbx_audit_revision_group.ordinal 
_pdbx_audit_revision_group.revision_ordinal 
_pdbx_audit_revision_group.data_content_type 
_pdbx_audit_revision_group.group 
1 2 'Structure model' 'Version format compliance' 
2 3 'Structure model' Advisory                    
3 3 'Structure model' 'Version format compliance' 
4 4 'Structure model' 'Refinement description'    
5 5 'Structure model' 'Structure summary'         
6 6 'Structure model' 'Data collection'           
7 6 'Structure model' 'Database references'       
8 6 'Structure model' 'Derived calculations'      
9 6 'Structure model' 'Refinement description'    
# 
loop_
_pdbx_audit_revision_category.ordinal 
_pdbx_audit_revision_category.revision_ordinal 
_pdbx_audit_revision_category.data_content_type 
_pdbx_audit_revision_category.category 
1 4 'Structure model' software                      
2 5 'Structure model' audit_author                  
3 6 'Structure model' chem_comp_atom                
4 6 'Structure model' chem_comp_bond                
5 6 'Structure model' database_2                    
6 6 'Structure model' pdbx_initial_refinement_model 
7 6 'Structure model' struct_ref_seq_dif            
8 6 'Structure model' struct_site                   
# 
loop_
_pdbx_audit_revision_item.ordinal 
_pdbx_audit_revision_item.revision_ordinal 
_pdbx_audit_revision_item.data_content_type 
_pdbx_audit_revision_item.item 
1 4 'Structure model' '_software.name'                      
2 5 'Structure model' '_audit_author.name'                  
3 6 'Structure model' '_database_2.pdbx_DOI'                
4 6 'Structure model' '_database_2.pdbx_database_accession' 
5 6 'Structure model' '_struct_ref_seq_dif.details'         
6 6 'Structure model' '_struct_site.pdbx_auth_asym_id'      
7 6 'Structure model' '_struct_site.pdbx_auth_comp_id'      
8 6 'Structure model' '_struct_site.pdbx_auth_seq_id'       
# 
_pdbx_refine_tls.id               1 
_pdbx_refine_tls.details          ? 
_pdbx_refine_tls.method           refined 
_pdbx_refine_tls.origin_x         0.3574 
_pdbx_refine_tls.origin_y         -1.1413 
_pdbx_refine_tls.origin_z         0.3648 
_pdbx_refine_tls.T[1][1]          -0.0213 
_pdbx_refine_tls.T[2][2]          -0.0583 
_pdbx_refine_tls.T[3][3]          -0.2236 
_pdbx_refine_tls.T[1][2]          -0.1725 
_pdbx_refine_tls.T[1][3]          0.0491 
_pdbx_refine_tls.T[2][3]          -0.0122 
_pdbx_refine_tls.L[1][1]          2.0353 
_pdbx_refine_tls.L[2][2]          2.2356 
_pdbx_refine_tls.L[3][3]          3.3973 
_pdbx_refine_tls.L[1][2]          -0.1846 
_pdbx_refine_tls.L[1][3]          0.0851 
_pdbx_refine_tls.L[2][3]          -0.6997 
_pdbx_refine_tls.S[1][1]          -0.0234 
_pdbx_refine_tls.S[1][2]          -0.0296 
_pdbx_refine_tls.S[1][3]          0.2674 
_pdbx_refine_tls.S[2][1]          -0.1716 
_pdbx_refine_tls.S[2][2]          -0.0345 
_pdbx_refine_tls.S[2][3]          -0.1953 
_pdbx_refine_tls.S[3][1]          -0.5328 
_pdbx_refine_tls.S[3][2]          0.5512 
_pdbx_refine_tls.S[3][3]          0.0579 
_pdbx_refine_tls.pdbx_refine_id   'X-RAY DIFFRACTION' 
# 
_pdbx_refine_tls_group.id                  1 
_pdbx_refine_tls_group.refine_tls_id       1 
_pdbx_refine_tls_group.beg_auth_asym_id    A 
_pdbx_refine_tls_group.beg_auth_seq_id     38 
_pdbx_refine_tls_group.beg_label_asym_id   A 
_pdbx_refine_tls_group.beg_label_seq_id    33 
_pdbx_refine_tls_group.end_auth_asym_id    A 
_pdbx_refine_tls_group.end_auth_seq_id     218 
_pdbx_refine_tls_group.end_label_asym_id   A 
_pdbx_refine_tls_group.end_label_seq_id    213 
_pdbx_refine_tls_group.selection           ? 
_pdbx_refine_tls_group.pdbx_refine_id      'X-RAY DIFFRACTION' 
_pdbx_refine_tls_group.selection_details   ? 
# 
loop_
_software.name 
_software.classification 
_software.version 
_software.citation_id 
_software.pdbx_ordinal 
REFMAC refinement        5.2.0019  ? 1 
MAR345 'data collection' .         ? 2 
MOSFLM 'data reduction'  .         ? 3 
CCP4   'data scaling'    '(SCALA)' ? 4 
PHASER phasing           .         ? 5 
# 
_pdbx_validate_torsion.id              1 
_pdbx_validate_torsion.PDB_model_num   1 
_pdbx_validate_torsion.auth_comp_id    VAL 
_pdbx_validate_torsion.auth_asym_id    A 
_pdbx_validate_torsion.auth_seq_id     122 
_pdbx_validate_torsion.PDB_ins_code    ? 
_pdbx_validate_torsion.label_alt_id    ? 
_pdbx_validate_torsion.phi             -120.00 
_pdbx_validate_torsion.psi             -72.04 
# 
loop_
_pdbx_unobs_or_zero_occ_atoms.id 
_pdbx_unobs_or_zero_occ_atoms.PDB_model_num 
_pdbx_unobs_or_zero_occ_atoms.polymer_flag 
_pdbx_unobs_or_zero_occ_atoms.occupancy_flag 
_pdbx_unobs_or_zero_occ_atoms.auth_asym_id 
_pdbx_unobs_or_zero_occ_atoms.auth_comp_id 
_pdbx_unobs_or_zero_occ_atoms.auth_seq_id 
_pdbx_unobs_or_zero_occ_atoms.PDB_ins_code 
_pdbx_unobs_or_zero_occ_atoms.auth_atom_id 
_pdbx_unobs_or_zero_occ_atoms.label_alt_id 
_pdbx_unobs_or_zero_occ_atoms.label_asym_id 
_pdbx_unobs_or_zero_occ_atoms.label_comp_id 
_pdbx_unobs_or_zero_occ_atoms.label_seq_id 
_pdbx_unobs_or_zero_occ_atoms.label_atom_id 
1  1 Y 1 A LYS 34  ? CG  ? A LYS 29  CG  
2  1 Y 1 A LYS 34  ? CD  ? A LYS 29  CD  
3  1 Y 1 A LYS 34  ? CE  ? A LYS 29  CE  
4  1 Y 1 A LYS 34  ? NZ  ? A LYS 29  NZ  
5  1 Y 1 A GLU 36  ? CG  ? A GLU 31  CG  
6  1 Y 1 A GLU 36  ? CD  ? A GLU 31  CD  
7  1 Y 1 A GLU 36  ? OE1 ? A GLU 31  OE1 
8  1 Y 1 A GLU 36  ? OE2 ? A GLU 31  OE2 
9  1 Y 1 A LYS 37  ? CG  ? A LYS 32  CG  
10 1 Y 1 A LYS 37  ? CD  ? A LYS 32  CD  
11 1 Y 1 A LYS 37  ? CE  ? A LYS 32  CE  
12 1 Y 1 A LYS 37  ? NZ  ? A LYS 32  NZ  
13 1 Y 1 A LYS 50  ? CG  ? A LYS 45  CG  
14 1 Y 1 A LYS 50  ? CD  ? A LYS 45  CD  
15 1 Y 1 A LYS 50  ? CE  ? A LYS 45  CE  
16 1 Y 1 A LYS 50  ? NZ  ? A LYS 45  NZ  
17 1 Y 1 A ASN 51  ? CG  ? A ASN 46  CG  
18 1 Y 1 A ASN 51  ? OD1 ? A ASN 46  OD1 
19 1 Y 1 A ASN 51  ? ND2 ? A ASN 46  ND2 
20 1 Y 1 A GLU 52  ? CG  ? A GLU 47  CG  
21 1 Y 1 A GLU 52  ? CD  ? A GLU 47  CD  
22 1 Y 1 A GLU 52  ? OE1 ? A GLU 47  OE1 
23 1 Y 1 A GLU 52  ? OE2 ? A GLU 47  OE2 
24 1 Y 1 A TYR 53  ? CD1 ? A TYR 48  CD1 
25 1 Y 1 A TYR 53  ? CD2 ? A TYR 48  CD2 
26 1 Y 1 A TYR 53  ? CE1 ? A TYR 48  CE1 
27 1 Y 1 A TYR 53  ? CE2 ? A TYR 48  CE2 
28 1 Y 1 A TYR 53  ? CZ  ? A TYR 48  CZ  
29 1 Y 1 A TYR 53  ? OH  ? A TYR 48  OH  
30 1 Y 1 A LYS 57  ? NZ  ? A LYS 52  NZ  
31 1 Y 1 A LYS 90  ? NZ  ? A LYS 85  NZ  
32 1 Y 1 A LYS 113 ? NZ  ? A LYS 108 NZ  
33 1 Y 1 A LYS 144 ? CE  ? A LYS 139 CE  
34 1 Y 1 A LYS 144 ? NZ  ? A LYS 139 NZ  
35 1 Y 1 A LYS 147 ? CE  ? A LYS 142 CE  
36 1 Y 1 A LYS 147 ? NZ  ? A LYS 142 NZ  
37 1 Y 1 A LYS 208 ? NZ  ? A LYS 203 NZ  
38 1 Y 1 A LYS 216 ? CE  ? A LYS 211 CE  
39 1 Y 1 A LYS 216 ? NZ  ? A LYS 211 NZ  
# 
loop_
_pdbx_unobs_or_zero_occ_residues.id 
_pdbx_unobs_or_zero_occ_residues.PDB_model_num 
_pdbx_unobs_or_zero_occ_residues.polymer_flag 
_pdbx_unobs_or_zero_occ_residues.occupancy_flag 
_pdbx_unobs_or_zero_occ_residues.auth_asym_id 
_pdbx_unobs_or_zero_occ_residues.auth_comp_id 
_pdbx_unobs_or_zero_occ_residues.auth_seq_id 
_pdbx_unobs_or_zero_occ_residues.PDB_ins_code 
_pdbx_unobs_or_zero_occ_residues.label_asym_id 
_pdbx_unobs_or_zero_occ_residues.label_comp_id 
_pdbx_unobs_or_zero_occ_residues.label_seq_id 
1  1 Y 1 A MET 6   ? A MET 1   
2  1 Y 1 A HIS 7   ? A HIS 2   
3  1 Y 1 A HIS 8   ? A HIS 3   
4  1 Y 1 A HIS 9   ? A HIS 4   
5  1 Y 1 A HIS 10  ? A HIS 5   
6  1 Y 1 A HIS 11  ? A HIS 6   
7  1 Y 1 A HIS 12  ? A HIS 7   
8  1 Y 1 A SER 13  ? A SER 8   
9  1 Y 1 A SER 14  ? A SER 9   
10 1 Y 1 A GLY 15  ? A GLY 10  
11 1 Y 1 A VAL 16  ? A VAL 11  
12 1 Y 1 A ASP 17  ? A ASP 12  
13 1 Y 1 A LEU 18  ? A LEU 13  
14 1 Y 1 A GLY 19  ? A GLY 14  
15 1 Y 1 A THR 20  ? A THR 15  
16 1 Y 1 A GLU 21  ? A GLU 16  
17 1 Y 1 A ASN 22  ? A ASN 17  
18 1 Y 1 A LEU 23  ? A LEU 18  
19 1 Y 1 A TYR 24  ? A TYR 19  
20 1 Y 1 A PHE 25  ? A PHE 20  
21 1 Y 1 A GLN 26  ? A GLN 21  
22 1 Y 1 A SER 27  ? A SER 22  
23 1 Y 1 A MET 28  ? A MET 23  
24 1 Y 1 A LYS 29  ? A LYS 24  
25 1 Y 1 A MET 30  ? A MET 25  
26 1 Y 1 A LYS 219 ? A LYS 214 
27 1 Y 1 A THR 220 ? A THR 215 
# 
loop_
_chem_comp_atom.comp_id 
_chem_comp_atom.atom_id 
_chem_comp_atom.type_symbol 
_chem_comp_atom.pdbx_aromatic_flag 
_chem_comp_atom.pdbx_stereo_config 
_chem_comp_atom.pdbx_ordinal 
ALA N    N N N 1   
ALA CA   C N S 2   
ALA C    C N N 3   
ALA O    O N N 4   
ALA CB   C N N 5   
ALA OXT  O N N 6   
ALA H    H N N 7   
ALA H2   H N N 8   
ALA HA   H N N 9   
ALA HB1  H N N 10  
ALA HB2  H N N 11  
ALA HB3  H N N 12  
ALA HXT  H N N 13  
ARG N    N N N 14  
ARG CA   C N S 15  
ARG C    C N N 16  
ARG O    O N N 17  
ARG CB   C N N 18  
ARG CG   C N N 19  
ARG CD   C N N 20  
ARG NE   N N N 21  
ARG CZ   C N N 22  
ARG NH1  N N N 23  
ARG NH2  N N N 24  
ARG OXT  O N N 25  
ARG H    H N N 26  
ARG H2   H N N 27  
ARG HA   H N N 28  
ARG HB2  H N N 29  
ARG HB3  H N N 30  
ARG HG2  H N N 31  
ARG HG3  H N N 32  
ARG HD2  H N N 33  
ARG HD3  H N N 34  
ARG HE   H N N 35  
ARG HH11 H N N 36  
ARG HH12 H N N 37  
ARG HH21 H N N 38  
ARG HH22 H N N 39  
ARG HXT  H N N 40  
ASN N    N N N 41  
ASN CA   C N S 42  
ASN C    C N N 43  
ASN O    O N N 44  
ASN CB   C N N 45  
ASN CG   C N N 46  
ASN OD1  O N N 47  
ASN ND2  N N N 48  
ASN OXT  O N N 49  
ASN H    H N N 50  
ASN H2   H N N 51  
ASN HA   H N N 52  
ASN HB2  H N N 53  
ASN HB3  H N N 54  
ASN HD21 H N N 55  
ASN HD22 H N N 56  
ASN HXT  H N N 57  
ASP N    N N N 58  
ASP CA   C N S 59  
ASP C    C N N 60  
ASP O    O N N 61  
ASP CB   C N N 62  
ASP CG   C N N 63  
ASP OD1  O N N 64  
ASP OD2  O N N 65  
ASP OXT  O N N 66  
ASP H    H N N 67  
ASP H2   H N N 68  
ASP HA   H N N 69  
ASP HB2  H N N 70  
ASP HB3  H N N 71  
ASP HD2  H N N 72  
ASP HXT  H N N 73  
CYS N    N N N 74  
CYS CA   C N R 75  
CYS C    C N N 76  
CYS O    O N N 77  
CYS CB   C N N 78  
CYS SG   S N N 79  
CYS OXT  O N N 80  
CYS H    H N N 81  
CYS H2   H N N 82  
CYS HA   H N N 83  
CYS HB2  H N N 84  
CYS HB3  H N N 85  
CYS HG   H N N 86  
CYS HXT  H N N 87  
EDO C1   C N N 88  
EDO O1   O N N 89  
EDO C2   C N N 90  
EDO O2   O N N 91  
EDO H11  H N N 92  
EDO H12  H N N 93  
EDO HO1  H N N 94  
EDO H21  H N N 95  
EDO H22  H N N 96  
EDO HO2  H N N 97  
GLN N    N N N 98  
GLN CA   C N S 99  
GLN C    C N N 100 
GLN O    O N N 101 
GLN CB   C N N 102 
GLN CG   C N N 103 
GLN CD   C N N 104 
GLN OE1  O N N 105 
GLN NE2  N N N 106 
GLN OXT  O N N 107 
GLN H    H N N 108 
GLN H2   H N N 109 
GLN HA   H N N 110 
GLN HB2  H N N 111 
GLN HB3  H N N 112 
GLN HG2  H N N 113 
GLN HG3  H N N 114 
GLN HE21 H N N 115 
GLN HE22 H N N 116 
GLN HXT  H N N 117 
GLU N    N N N 118 
GLU CA   C N S 119 
GLU C    C N N 120 
GLU O    O N N 121 
GLU CB   C N N 122 
GLU CG   C N N 123 
GLU CD   C N N 124 
GLU OE1  O N N 125 
GLU OE2  O N N 126 
GLU OXT  O N N 127 
GLU H    H N N 128 
GLU H2   H N N 129 
GLU HA   H N N 130 
GLU HB2  H N N 131 
GLU HB3  H N N 132 
GLU HG2  H N N 133 
GLU HG3  H N N 134 
GLU HE2  H N N 135 
GLU HXT  H N N 136 
GLY N    N N N 137 
GLY CA   C N N 138 
GLY C    C N N 139 
GLY O    O N N 140 
GLY OXT  O N N 141 
GLY H    H N N 142 
GLY H2   H N N 143 
GLY HA2  H N N 144 
GLY HA3  H N N 145 
GLY HXT  H N N 146 
HIS N    N N N 147 
HIS CA   C N S 148 
HIS C    C N N 149 
HIS O    O N N 150 
HIS CB   C N N 151 
HIS CG   C Y N 152 
HIS ND1  N Y N 153 
HIS CD2  C Y N 154 
HIS CE1  C Y N 155 
HIS NE2  N Y N 156 
HIS OXT  O N N 157 
HIS H    H N N 158 
HIS H2   H N N 159 
HIS HA   H N N 160 
HIS HB2  H N N 161 
HIS HB3  H N N 162 
HIS HD1  H N N 163 
HIS HD2  H N N 164 
HIS HE1  H N N 165 
HIS HE2  H N N 166 
HIS HXT  H N N 167 
HOH O    O N N 168 
HOH H1   H N N 169 
HOH H2   H N N 170 
ILE N    N N N 171 
ILE CA   C N S 172 
ILE C    C N N 173 
ILE O    O N N 174 
ILE CB   C N S 175 
ILE CG1  C N N 176 
ILE CG2  C N N 177 
ILE CD1  C N N 178 
ILE OXT  O N N 179 
ILE H    H N N 180 
ILE H2   H N N 181 
ILE HA   H N N 182 
ILE HB   H N N 183 
ILE HG12 H N N 184 
ILE HG13 H N N 185 
ILE HG21 H N N 186 
ILE HG22 H N N 187 
ILE HG23 H N N 188 
ILE HD11 H N N 189 
ILE HD12 H N N 190 
ILE HD13 H N N 191 
ILE HXT  H N N 192 
LEU N    N N N 193 
LEU CA   C N S 194 
LEU C    C N N 195 
LEU O    O N N 196 
LEU CB   C N N 197 
LEU CG   C N N 198 
LEU CD1  C N N 199 
LEU CD2  C N N 200 
LEU OXT  O N N 201 
LEU H    H N N 202 
LEU H2   H N N 203 
LEU HA   H N N 204 
LEU HB2  H N N 205 
LEU HB3  H N N 206 
LEU HG   H N N 207 
LEU HD11 H N N 208 
LEU HD12 H N N 209 
LEU HD13 H N N 210 
LEU HD21 H N N 211 
LEU HD22 H N N 212 
LEU HD23 H N N 213 
LEU HXT  H N N 214 
LYS N    N N N 215 
LYS CA   C N S 216 
LYS C    C N N 217 
LYS O    O N N 218 
LYS CB   C N N 219 
LYS CG   C N N 220 
LYS CD   C N N 221 
LYS CE   C N N 222 
LYS NZ   N N N 223 
LYS OXT  O N N 224 
LYS H    H N N 225 
LYS H2   H N N 226 
LYS HA   H N N 227 
LYS HB2  H N N 228 
LYS HB3  H N N 229 
LYS HG2  H N N 230 
LYS HG3  H N N 231 
LYS HD2  H N N 232 
LYS HD3  H N N 233 
LYS HE2  H N N 234 
LYS HE3  H N N 235 
LYS HZ1  H N N 236 
LYS HZ2  H N N 237 
LYS HZ3  H N N 238 
LYS HXT  H N N 239 
MET N    N N N 240 
MET CA   C N S 241 
MET C    C N N 242 
MET O    O N N 243 
MET CB   C N N 244 
MET CG   C N N 245 
MET SD   S N N 246 
MET CE   C N N 247 
MET OXT  O N N 248 
MET H    H N N 249 
MET H2   H N N 250 
MET HA   H N N 251 
MET HB2  H N N 252 
MET HB3  H N N 253 
MET HG2  H N N 254 
MET HG3  H N N 255 
MET HE1  H N N 256 
MET HE2  H N N 257 
MET HE3  H N N 258 
MET HXT  H N N 259 
PHE N    N N N 260 
PHE CA   C N S 261 
PHE C    C N N 262 
PHE O    O N N 263 
PHE CB   C N N 264 
PHE CG   C Y N 265 
PHE CD1  C Y N 266 
PHE CD2  C Y N 267 
PHE CE1  C Y N 268 
PHE CE2  C Y N 269 
PHE CZ   C Y N 270 
PHE OXT  O N N 271 
PHE H    H N N 272 
PHE H2   H N N 273 
PHE HA   H N N 274 
PHE HB2  H N N 275 
PHE HB3  H N N 276 
PHE HD1  H N N 277 
PHE HD2  H N N 278 
PHE HE1  H N N 279 
PHE HE2  H N N 280 
PHE HZ   H N N 281 
PHE HXT  H N N 282 
PRO N    N N N 283 
PRO CA   C N S 284 
PRO C    C N N 285 
PRO O    O N N 286 
PRO CB   C N N 287 
PRO CG   C N N 288 
PRO CD   C N N 289 
PRO OXT  O N N 290 
PRO H    H N N 291 
PRO HA   H N N 292 
PRO HB2  H N N 293 
PRO HB3  H N N 294 
PRO HG2  H N N 295 
PRO HG3  H N N 296 
PRO HD2  H N N 297 
PRO HD3  H N N 298 
PRO HXT  H N N 299 
SER N    N N N 300 
SER CA   C N S 301 
SER C    C N N 302 
SER O    O N N 303 
SER CB   C N N 304 
SER OG   O N N 305 
SER OXT  O N N 306 
SER H    H N N 307 
SER H2   H N N 308 
SER HA   H N N 309 
SER HB2  H N N 310 
SER HB3  H N N 311 
SER HG   H N N 312 
SER HXT  H N N 313 
THR N    N N N 314 
THR CA   C N S 315 
THR C    C N N 316 
THR O    O N N 317 
THR CB   C N R 318 
THR OG1  O N N 319 
THR CG2  C N N 320 
THR OXT  O N N 321 
THR H    H N N 322 
THR H2   H N N 323 
THR HA   H N N 324 
THR HB   H N N 325 
THR HG1  H N N 326 
THR HG21 H N N 327 
THR HG22 H N N 328 
THR HG23 H N N 329 
THR HXT  H N N 330 
TRP N    N N N 331 
TRP CA   C N S 332 
TRP C    C N N 333 
TRP O    O N N 334 
TRP CB   C N N 335 
TRP CG   C Y N 336 
TRP CD1  C Y N 337 
TRP CD2  C Y N 338 
TRP NE1  N Y N 339 
TRP CE2  C Y N 340 
TRP CE3  C Y N 341 
TRP CZ2  C Y N 342 
TRP CZ3  C Y N 343 
TRP CH2  C Y N 344 
TRP OXT  O N N 345 
TRP H    H N N 346 
TRP H2   H N N 347 
TRP HA   H N N 348 
TRP HB2  H N N 349 
TRP HB3  H N N 350 
TRP HD1  H N N 351 
TRP HE1  H N N 352 
TRP HE3  H N N 353 
TRP HZ2  H N N 354 
TRP HZ3  H N N 355 
TRP HH2  H N N 356 
TRP HXT  H N N 357 
TYR N    N N N 358 
TYR CA   C N S 359 
TYR C    C N N 360 
TYR O    O N N 361 
TYR CB   C N N 362 
TYR CG   C Y N 363 
TYR CD1  C Y N 364 
TYR CD2  C Y N 365 
TYR CE1  C Y N 366 
TYR CE2  C Y N 367 
TYR CZ   C Y N 368 
TYR OH   O N N 369 
TYR OXT  O N N 370 
TYR H    H N N 371 
TYR H2   H N N 372 
TYR HA   H N N 373 
TYR HB2  H N N 374 
TYR HB3  H N N 375 
TYR HD1  H N N 376 
TYR HD2  H N N 377 
TYR HE1  H N N 378 
TYR HE2  H N N 379 
TYR HH   H N N 380 
TYR HXT  H N N 381 
VAL N    N N N 382 
VAL CA   C N S 383 
VAL C    C N N 384 
VAL O    O N N 385 
VAL CB   C N N 386 
VAL CG1  C N N 387 
VAL CG2  C N N 388 
VAL OXT  O N N 389 
VAL H    H N N 390 
VAL H2   H N N 391 
VAL HA   H N N 392 
VAL HB   H N N 393 
VAL HG11 H N N 394 
VAL HG12 H N N 395 
VAL HG13 H N N 396 
VAL HG21 H N N 397 
VAL HG22 H N N 398 
VAL HG23 H N N 399 
VAL HXT  H N N 400 
# 
loop_
_chem_comp_bond.comp_id 
_chem_comp_bond.atom_id_1 
_chem_comp_bond.atom_id_2 
_chem_comp_bond.value_order 
_chem_comp_bond.pdbx_aromatic_flag 
_chem_comp_bond.pdbx_stereo_config 
_chem_comp_bond.pdbx_ordinal 
ALA N   CA   sing N N 1   
ALA N   H    sing N N 2   
ALA N   H2   sing N N 3   
ALA CA  C    sing N N 4   
ALA CA  CB   sing N N 5   
ALA CA  HA   sing N N 6   
ALA C   O    doub N N 7   
ALA C   OXT  sing N N 8   
ALA CB  HB1  sing N N 9   
ALA CB  HB2  sing N N 10  
ALA CB  HB3  sing N N 11  
ALA OXT HXT  sing N N 12  
ARG N   CA   sing N N 13  
ARG N   H    sing N N 14  
ARG N   H2   sing N N 15  
ARG CA  C    sing N N 16  
ARG CA  CB   sing N N 17  
ARG CA  HA   sing N N 18  
ARG C   O    doub N N 19  
ARG C   OXT  sing N N 20  
ARG CB  CG   sing N N 21  
ARG CB  HB2  sing N N 22  
ARG CB  HB3  sing N N 23  
ARG CG  CD   sing N N 24  
ARG CG  HG2  sing N N 25  
ARG CG  HG3  sing N N 26  
ARG CD  NE   sing N N 27  
ARG CD  HD2  sing N N 28  
ARG CD  HD3  sing N N 29  
ARG NE  CZ   sing N N 30  
ARG NE  HE   sing N N 31  
ARG CZ  NH1  sing N N 32  
ARG CZ  NH2  doub N N 33  
ARG NH1 HH11 sing N N 34  
ARG NH1 HH12 sing N N 35  
ARG NH2 HH21 sing N N 36  
ARG NH2 HH22 sing N N 37  
ARG OXT HXT  sing N N 38  
ASN N   CA   sing N N 39  
ASN N   H    sing N N 40  
ASN N   H2   sing N N 41  
ASN CA  C    sing N N 42  
ASN CA  CB   sing N N 43  
ASN CA  HA   sing N N 44  
ASN C   O    doub N N 45  
ASN C   OXT  sing N N 46  
ASN CB  CG   sing N N 47  
ASN CB  HB2  sing N N 48  
ASN CB  HB3  sing N N 49  
ASN CG  OD1  doub N N 50  
ASN CG  ND2  sing N N 51  
ASN ND2 HD21 sing N N 52  
ASN ND2 HD22 sing N N 53  
ASN OXT HXT  sing N N 54  
ASP N   CA   sing N N 55  
ASP N   H    sing N N 56  
ASP N   H2   sing N N 57  
ASP CA  C    sing N N 58  
ASP CA  CB   sing N N 59  
ASP CA  HA   sing N N 60  
ASP C   O    doub N N 61  
ASP C   OXT  sing N N 62  
ASP CB  CG   sing N N 63  
ASP CB  HB2  sing N N 64  
ASP CB  HB3  sing N N 65  
ASP CG  OD1  doub N N 66  
ASP CG  OD2  sing N N 67  
ASP OD2 HD2  sing N N 68  
ASP OXT HXT  sing N N 69  
CYS N   CA   sing N N 70  
CYS N   H    sing N N 71  
CYS N   H2   sing N N 72  
CYS CA  C    sing N N 73  
CYS CA  CB   sing N N 74  
CYS CA  HA   sing N N 75  
CYS C   O    doub N N 76  
CYS C   OXT  sing N N 77  
CYS CB  SG   sing N N 78  
CYS CB  HB2  sing N N 79  
CYS CB  HB3  sing N N 80  
CYS SG  HG   sing N N 81  
CYS OXT HXT  sing N N 82  
EDO C1  O1   sing N N 83  
EDO C1  C2   sing N N 84  
EDO C1  H11  sing N N 85  
EDO C1  H12  sing N N 86  
EDO O1  HO1  sing N N 87  
EDO C2  O2   sing N N 88  
EDO C2  H21  sing N N 89  
EDO C2  H22  sing N N 90  
EDO O2  HO2  sing N N 91  
GLN N   CA   sing N N 92  
GLN N   H    sing N N 93  
GLN N   H2   sing N N 94  
GLN CA  C    sing N N 95  
GLN CA  CB   sing N N 96  
GLN CA  HA   sing N N 97  
GLN C   O    doub N N 98  
GLN C   OXT  sing N N 99  
GLN CB  CG   sing N N 100 
GLN CB  HB2  sing N N 101 
GLN CB  HB3  sing N N 102 
GLN CG  CD   sing N N 103 
GLN CG  HG2  sing N N 104 
GLN CG  HG3  sing N N 105 
GLN CD  OE1  doub N N 106 
GLN CD  NE2  sing N N 107 
GLN NE2 HE21 sing N N 108 
GLN NE2 HE22 sing N N 109 
GLN OXT HXT  sing N N 110 
GLU N   CA   sing N N 111 
GLU N   H    sing N N 112 
GLU N   H2   sing N N 113 
GLU CA  C    sing N N 114 
GLU CA  CB   sing N N 115 
GLU CA  HA   sing N N 116 
GLU C   O    doub N N 117 
GLU C   OXT  sing N N 118 
GLU CB  CG   sing N N 119 
GLU CB  HB2  sing N N 120 
GLU CB  HB3  sing N N 121 
GLU CG  CD   sing N N 122 
GLU CG  HG2  sing N N 123 
GLU CG  HG3  sing N N 124 
GLU CD  OE1  doub N N 125 
GLU CD  OE2  sing N N 126 
GLU OE2 HE2  sing N N 127 
GLU OXT HXT  sing N N 128 
GLY N   CA   sing N N 129 
GLY N   H    sing N N 130 
GLY N   H2   sing N N 131 
GLY CA  C    sing N N 132 
GLY CA  HA2  sing N N 133 
GLY CA  HA3  sing N N 134 
GLY C   O    doub N N 135 
GLY C   OXT  sing N N 136 
GLY OXT HXT  sing N N 137 
HIS N   CA   sing N N 138 
HIS N   H    sing N N 139 
HIS N   H2   sing N N 140 
HIS CA  C    sing N N 141 
HIS CA  CB   sing N N 142 
HIS CA  HA   sing N N 143 
HIS C   O    doub N N 144 
HIS C   OXT  sing N N 145 
HIS CB  CG   sing N N 146 
HIS CB  HB2  sing N N 147 
HIS CB  HB3  sing N N 148 
HIS CG  ND1  sing Y N 149 
HIS CG  CD2  doub Y N 150 
HIS ND1 CE1  doub Y N 151 
HIS ND1 HD1  sing N N 152 
HIS CD2 NE2  sing Y N 153 
HIS CD2 HD2  sing N N 154 
HIS CE1 NE2  sing Y N 155 
HIS CE1 HE1  sing N N 156 
HIS NE2 HE2  sing N N 157 
HIS OXT HXT  sing N N 158 
HOH O   H1   sing N N 159 
HOH O   H2   sing N N 160 
ILE N   CA   sing N N 161 
ILE N   H    sing N N 162 
ILE N   H2   sing N N 163 
ILE CA  C    sing N N 164 
ILE CA  CB   sing N N 165 
ILE CA  HA   sing N N 166 
ILE C   O    doub N N 167 
ILE C   OXT  sing N N 168 
ILE CB  CG1  sing N N 169 
ILE CB  CG2  sing N N 170 
ILE CB  HB   sing N N 171 
ILE CG1 CD1  sing N N 172 
ILE CG1 HG12 sing N N 173 
ILE CG1 HG13 sing N N 174 
ILE CG2 HG21 sing N N 175 
ILE CG2 HG22 sing N N 176 
ILE CG2 HG23 sing N N 177 
ILE CD1 HD11 sing N N 178 
ILE CD1 HD12 sing N N 179 
ILE CD1 HD13 sing N N 180 
ILE OXT HXT  sing N N 181 
LEU N   CA   sing N N 182 
LEU N   H    sing N N 183 
LEU N   H2   sing N N 184 
LEU CA  C    sing N N 185 
LEU CA  CB   sing N N 186 
LEU CA  HA   sing N N 187 
LEU C   O    doub N N 188 
LEU C   OXT  sing N N 189 
LEU CB  CG   sing N N 190 
LEU CB  HB2  sing N N 191 
LEU CB  HB3  sing N N 192 
LEU CG  CD1  sing N N 193 
LEU CG  CD2  sing N N 194 
LEU CG  HG   sing N N 195 
LEU CD1 HD11 sing N N 196 
LEU CD1 HD12 sing N N 197 
LEU CD1 HD13 sing N N 198 
LEU CD2 HD21 sing N N 199 
LEU CD2 HD22 sing N N 200 
LEU CD2 HD23 sing N N 201 
LEU OXT HXT  sing N N 202 
LYS N   CA   sing N N 203 
LYS N   H    sing N N 204 
LYS N   H2   sing N N 205 
LYS CA  C    sing N N 206 
LYS CA  CB   sing N N 207 
LYS CA  HA   sing N N 208 
LYS C   O    doub N N 209 
LYS C   OXT  sing N N 210 
LYS CB  CG   sing N N 211 
LYS CB  HB2  sing N N 212 
LYS CB  HB3  sing N N 213 
LYS CG  CD   sing N N 214 
LYS CG  HG2  sing N N 215 
LYS CG  HG3  sing N N 216 
LYS CD  CE   sing N N 217 
LYS CD  HD2  sing N N 218 
LYS CD  HD3  sing N N 219 
LYS CE  NZ   sing N N 220 
LYS CE  HE2  sing N N 221 
LYS CE  HE3  sing N N 222 
LYS NZ  HZ1  sing N N 223 
LYS NZ  HZ2  sing N N 224 
LYS NZ  HZ3  sing N N 225 
LYS OXT HXT  sing N N 226 
MET N   CA   sing N N 227 
MET N   H    sing N N 228 
MET N   H2   sing N N 229 
MET CA  C    sing N N 230 
MET CA  CB   sing N N 231 
MET CA  HA   sing N N 232 
MET C   O    doub N N 233 
MET C   OXT  sing N N 234 
MET CB  CG   sing N N 235 
MET CB  HB2  sing N N 236 
MET CB  HB3  sing N N 237 
MET CG  SD   sing N N 238 
MET CG  HG2  sing N N 239 
MET CG  HG3  sing N N 240 
MET SD  CE   sing N N 241 
MET CE  HE1  sing N N 242 
MET CE  HE2  sing N N 243 
MET CE  HE3  sing N N 244 
MET OXT HXT  sing N N 245 
PHE N   CA   sing N N 246 
PHE N   H    sing N N 247 
PHE N   H2   sing N N 248 
PHE CA  C    sing N N 249 
PHE CA  CB   sing N N 250 
PHE CA  HA   sing N N 251 
PHE C   O    doub N N 252 
PHE C   OXT  sing N N 253 
PHE CB  CG   sing N N 254 
PHE CB  HB2  sing N N 255 
PHE CB  HB3  sing N N 256 
PHE CG  CD1  doub Y N 257 
PHE CG  CD2  sing Y N 258 
PHE CD1 CE1  sing Y N 259 
PHE CD1 HD1  sing N N 260 
PHE CD2 CE2  doub Y N 261 
PHE CD2 HD2  sing N N 262 
PHE CE1 CZ   doub Y N 263 
PHE CE1 HE1  sing N N 264 
PHE CE2 CZ   sing Y N 265 
PHE CE2 HE2  sing N N 266 
PHE CZ  HZ   sing N N 267 
PHE OXT HXT  sing N N 268 
PRO N   CA   sing N N 269 
PRO N   CD   sing N N 270 
PRO N   H    sing N N 271 
PRO CA  C    sing N N 272 
PRO CA  CB   sing N N 273 
PRO CA  HA   sing N N 274 
PRO C   O    doub N N 275 
PRO C   OXT  sing N N 276 
PRO CB  CG   sing N N 277 
PRO CB  HB2  sing N N 278 
PRO CB  HB3  sing N N 279 
PRO CG  CD   sing N N 280 
PRO CG  HG2  sing N N 281 
PRO CG  HG3  sing N N 282 
PRO CD  HD2  sing N N 283 
PRO CD  HD3  sing N N 284 
PRO OXT HXT  sing N N 285 
SER N   CA   sing N N 286 
SER N   H    sing N N 287 
SER N   H2   sing N N 288 
SER CA  C    sing N N 289 
SER CA  CB   sing N N 290 
SER CA  HA   sing N N 291 
SER C   O    doub N N 292 
SER C   OXT  sing N N 293 
SER CB  OG   sing N N 294 
SER CB  HB2  sing N N 295 
SER CB  HB3  sing N N 296 
SER OG  HG   sing N N 297 
SER OXT HXT  sing N N 298 
THR N   CA   sing N N 299 
THR N   H    sing N N 300 
THR N   H2   sing N N 301 
THR CA  C    sing N N 302 
THR CA  CB   sing N N 303 
THR CA  HA   sing N N 304 
THR C   O    doub N N 305 
THR C   OXT  sing N N 306 
THR CB  OG1  sing N N 307 
THR CB  CG2  sing N N 308 
THR CB  HB   sing N N 309 
THR OG1 HG1  sing N N 310 
THR CG2 HG21 sing N N 311 
THR CG2 HG22 sing N N 312 
THR CG2 HG23 sing N N 313 
THR OXT HXT  sing N N 314 
TRP N   CA   sing N N 315 
TRP N   H    sing N N 316 
TRP N   H2   sing N N 317 
TRP CA  C    sing N N 318 
TRP CA  CB   sing N N 319 
TRP CA  HA   sing N N 320 
TRP C   O    doub N N 321 
TRP C   OXT  sing N N 322 
TRP CB  CG   sing N N 323 
TRP CB  HB2  sing N N 324 
TRP CB  HB3  sing N N 325 
TRP CG  CD1  doub Y N 326 
TRP CG  CD2  sing Y N 327 
TRP CD1 NE1  sing Y N 328 
TRP CD1 HD1  sing N N 329 
TRP CD2 CE2  doub Y N 330 
TRP CD2 CE3  sing Y N 331 
TRP NE1 CE2  sing Y N 332 
TRP NE1 HE1  sing N N 333 
TRP CE2 CZ2  sing Y N 334 
TRP CE3 CZ3  doub Y N 335 
TRP CE3 HE3  sing N N 336 
TRP CZ2 CH2  doub Y N 337 
TRP CZ2 HZ2  sing N N 338 
TRP CZ3 CH2  sing Y N 339 
TRP CZ3 HZ3  sing N N 340 
TRP CH2 HH2  sing N N 341 
TRP OXT HXT  sing N N 342 
TYR N   CA   sing N N 343 
TYR N   H    sing N N 344 
TYR N   H2   sing N N 345 
TYR CA  C    sing N N 346 
TYR CA  CB   sing N N 347 
TYR CA  HA   sing N N 348 
TYR C   O    doub N N 349 
TYR C   OXT  sing N N 350 
TYR CB  CG   sing N N 351 
TYR CB  HB2  sing N N 352 
TYR CB  HB3  sing N N 353 
TYR CG  CD1  doub Y N 354 
TYR CG  CD2  sing Y N 355 
TYR CD1 CE1  sing Y N 356 
TYR CD1 HD1  sing N N 357 
TYR CD2 CE2  doub Y N 358 
TYR CD2 HD2  sing N N 359 
TYR CE1 CZ   doub Y N 360 
TYR CE1 HE1  sing N N 361 
TYR CE2 CZ   sing Y N 362 
TYR CE2 HE2  sing N N 363 
TYR CZ  OH   sing N N 364 
TYR OH  HH   sing N N 365 
TYR OXT HXT  sing N N 366 
VAL N   CA   sing N N 367 
VAL N   H    sing N N 368 
VAL N   H2   sing N N 369 
VAL CA  C    sing N N 370 
VAL CA  CB   sing N N 371 
VAL CA  HA   sing N N 372 
VAL C   O    doub N N 373 
VAL C   OXT  sing N N 374 
VAL CB  CG1  sing N N 375 
VAL CB  CG2  sing N N 376 
VAL CB  HB   sing N N 377 
VAL CG1 HG11 sing N N 378 
VAL CG1 HG12 sing N N 379 
VAL CG1 HG13 sing N N 380 
VAL CG2 HG21 sing N N 381 
VAL CG2 HG22 sing N N 382 
VAL CG2 HG23 sing N N 383 
VAL OXT HXT  sing N N 384 
# 
loop_
_pdbx_entity_nonpoly.entity_id 
_pdbx_entity_nonpoly.name 
_pdbx_entity_nonpoly.comp_id 
2 1,2-ETHANEDIOL EDO 
3 water          HOH 
# 
_pdbx_initial_refinement_model.id               1 
_pdbx_initial_refinement_model.entity_id_list   ? 
_pdbx_initial_refinement_model.type             'experimental model' 
_pdbx_initial_refinement_model.source_name      PDB 
_pdbx_initial_refinement_model.accession_code   2F8A 
_pdbx_initial_refinement_model.details          'pdb entry 2F8A' 
# 
